data_9W61
#
_entry.id   9W61
#
_cell.length_a   88.566
_cell.length_b   106.299
_cell.length_c   91.954
_cell.angle_alpha   90.00
_cell.angle_beta   117.76
_cell.angle_gamma   90.00
#
_symmetry.space_group_name_H-M   'P 1 21 1'
#
loop_
_entity.id
_entity.type
_entity.pdbx_description
1 polymer 'Butyryl CoA Dehydrogenase with FAD'
2 non-polymer 'FLAVIN-ADENINE DINUCLEOTIDE'
3 water water
#
_entity_poly.entity_id   1
_entity_poly.type   'polypeptide(L)'
_entity_poly.pdbx_seq_one_letter_code
;MDFTLSKQQQMVQKMYREFAENEVKPLAKKVDAEEYFPKETVEKMGKLGMMGIYFPTSVGGAGGDVLSYVMAVEELSKVC
GTTGVIVSAHTSLCAAPIYENGTPEQKEKYLPKLCSGEWLGAFGLTEPGAGTDAQGQQTTAVEDGDYWVLNGSKIFITNA
GYADVFIVIAVTDKVLDKKGRPTKLCSAFIVERTDPGFSVGKAEDKMGIRGSSTCELIFEDCRIPKDRMLGVRGKGFQLA
MATLDGGRIGIASQALGIAEGALQETVAYVKERKQFGRSISAFQNTQFELAEMKARIEAAKYLVYAAALKKQEAMNGAKV
RYSVEAAQAKLIAARTASDVTRRCLQLFGGYGYTRDYPIERMMRDAKITEIYEGTSEVQMMVISGALLK
;
_entity_poly.pdbx_strand_id   A,B,C,D
#
# COMPACT_ATOMS: atom_id res chain seq x y z
N MET A 11 -9.44 7.87 37.23
CA MET A 11 -9.67 9.30 37.28
C MET A 11 -8.48 10.08 36.72
N VAL A 12 -7.27 9.64 37.08
CA VAL A 12 -6.06 10.29 36.60
C VAL A 12 -5.96 10.20 35.08
N GLN A 13 -6.63 9.21 34.48
CA GLN A 13 -6.67 9.08 33.03
C GLN A 13 -7.71 10.01 32.42
N LYS A 14 -8.98 9.85 32.84
CA LYS A 14 -10.06 10.62 32.22
C LYS A 14 -9.97 12.11 32.51
N MET A 15 -9.26 12.51 33.57
CA MET A 15 -9.16 13.94 33.85
C MET A 15 -7.94 14.58 33.19
N TYR A 16 -6.78 13.91 33.23
CA TYR A 16 -5.60 14.47 32.59
C TYR A 16 -5.79 14.62 31.08
N ARG A 17 -6.64 13.77 30.49
CA ARG A 17 -7.07 14.02 29.12
C ARG A 17 -7.71 15.40 29.02
N GLU A 18 -8.50 15.78 30.02
CA GLU A 18 -9.15 17.09 29.93
C GLU A 18 -8.15 18.21 30.10
N PHE A 19 -7.23 18.11 31.08
CA PHE A 19 -6.11 19.06 31.16
C PHE A 19 -5.43 19.23 29.80
N ALA A 20 -4.93 18.13 29.24
CA ALA A 20 -4.11 18.18 28.03
C ALA A 20 -4.84 18.74 26.81
N GLU A 21 -6.13 18.46 26.69
CA GLU A 21 -6.92 18.94 25.57
C GLU A 21 -7.11 20.45 25.66
N ASN A 22 -7.02 21.00 26.87
CA ASN A 22 -7.32 22.41 27.10
C ASN A 22 -6.12 23.30 26.79
N GLU A 23 -4.90 22.95 27.24
CA GLU A 23 -3.79 23.88 27.02
C GLU A 23 -3.78 24.33 25.57
N VAL A 24 -3.96 25.63 25.39
CA VAL A 24 -4.16 26.25 24.07
C VAL A 24 -3.16 27.39 23.92
N LYS A 25 -2.12 27.18 23.13
CA LYS A 25 -1.47 28.39 22.71
C LYS A 25 -1.50 28.47 21.19
N PRO A 26 -1.73 29.66 20.63
CA PRO A 26 -1.67 29.80 19.18
C PRO A 26 -0.24 30.10 18.71
N LEU A 27 0.70 29.23 19.04
CA LEU A 27 2.08 29.45 18.67
C LEU A 27 2.65 28.42 17.72
N ALA A 28 1.91 27.36 17.40
CA ALA A 28 2.48 26.27 16.60
C ALA A 28 3.05 26.76 15.27
N LYS A 29 2.32 27.65 14.59
CA LYS A 29 2.73 28.07 13.25
C LYS A 29 4.09 28.75 13.27
N LYS A 30 4.27 29.69 14.20
CA LYS A 30 5.51 30.46 14.27
C LYS A 30 6.65 29.69 14.95
N VAL A 31 6.32 28.72 15.81
CA VAL A 31 7.36 27.89 16.41
C VAL A 31 8.07 27.11 15.32
N ASP A 32 7.32 26.61 14.36
CA ASP A 32 7.87 25.83 13.26
C ASP A 32 8.41 26.71 12.15
N ALA A 33 7.76 27.85 11.89
CA ALA A 33 8.22 28.72 10.81
C ALA A 33 9.50 29.45 11.16
N GLU A 34 9.73 29.75 12.43
CA GLU A 34 10.88 30.53 12.86
C GLU A 34 11.93 29.70 13.60
N GLU A 35 11.77 28.38 13.66
CA GLU A 35 12.67 27.50 14.41
C GLU A 35 12.88 28.02 15.83
N TYR A 36 11.77 28.30 16.49
CA TYR A 36 11.77 28.98 17.77
C TYR A 36 11.38 28.01 18.88
N PHE A 37 12.30 27.77 19.80
CA PHE A 37 12.05 26.90 20.96
C PHE A 37 11.05 27.54 21.91
N PRO A 38 9.87 26.94 22.13
CA PRO A 38 8.79 27.56 22.94
C PRO A 38 9.08 27.52 24.44
N LYS A 39 10.05 28.32 24.89
CA LYS A 39 10.48 28.26 26.27
C LYS A 39 9.38 28.65 27.26
N GLU A 40 8.50 29.59 26.88
CA GLU A 40 7.40 29.94 27.78
C GLU A 40 6.42 28.79 27.94
N THR A 41 6.18 28.03 26.86
CA THR A 41 5.35 26.84 26.97
C THR A 41 5.95 25.87 27.98
N VAL A 42 7.27 25.67 27.93
CA VAL A 42 7.92 24.81 28.89
C VAL A 42 7.81 25.39 30.30
N GLU A 43 7.94 26.72 30.42
CA GLU A 43 7.77 27.36 31.72
C GLU A 43 6.37 27.11 32.28
N LYS A 44 5.35 27.21 31.44
CA LYS A 44 3.98 26.96 31.88
C LYS A 44 3.77 25.50 32.25
N MET A 45 4.25 24.57 31.41
CA MET A 45 4.04 23.15 31.67
C MET A 45 4.74 22.72 32.94
N GLY A 46 5.94 23.23 33.19
CA GLY A 46 6.63 22.91 34.42
C GLY A 46 5.85 23.30 35.66
N LYS A 47 5.19 24.47 35.62
CA LYS A 47 4.39 24.90 36.76
C LYS A 47 3.11 24.09 36.89
N LEU A 48 2.60 23.55 35.78
CA LEU A 48 1.46 22.63 35.83
C LEU A 48 1.86 21.22 36.23
N GLY A 49 3.15 20.95 36.42
CA GLY A 49 3.60 19.62 36.74
C GLY A 49 3.65 18.66 35.57
N MET A 50 3.81 19.17 34.36
CA MET A 50 3.81 18.34 33.16
C MET A 50 5.21 17.89 32.74
N MET A 51 6.23 18.13 33.58
CA MET A 51 7.57 17.67 33.30
C MET A 51 7.97 16.44 34.11
N GLY A 52 7.12 15.99 35.04
CA GLY A 52 7.40 14.79 35.81
C GLY A 52 6.21 13.88 35.99
N ILE A 53 5.28 13.88 35.02
CA ILE A 53 3.89 13.45 35.28
C ILE A 53 3.84 12.08 35.95
N TYR A 54 4.43 11.06 35.33
CA TYR A 54 4.36 9.73 35.91
C TYR A 54 5.38 9.49 37.02
N PHE A 55 6.11 10.49 37.43
CA PHE A 55 7.05 10.20 38.50
C PHE A 55 6.38 10.41 39.86
N PRO A 56 6.75 9.62 40.86
CA PRO A 56 6.15 9.77 42.20
C PRO A 56 6.56 11.07 42.85
N THR A 57 5.82 11.43 43.91
CA THR A 57 6.01 12.68 44.61
C THR A 57 7.29 12.70 45.46
N SER A 58 7.83 11.53 45.78
CA SER A 58 9.01 11.46 46.64
C SER A 58 10.30 11.73 45.87
N VAL A 59 10.22 11.90 44.56
CA VAL A 59 11.30 12.43 43.75
C VAL A 59 10.94 13.77 43.14
N GLY A 60 9.67 14.16 43.21
CA GLY A 60 9.19 15.45 42.79
C GLY A 60 8.30 15.45 41.57
N GLY A 61 7.63 14.34 41.26
CA GLY A 61 6.69 14.29 40.18
C GLY A 61 5.29 14.67 40.61
N ALA A 62 4.37 14.63 39.65
CA ALA A 62 2.97 14.95 39.92
C ALA A 62 2.23 13.82 40.63
N GLY A 63 2.77 12.60 40.61
CA GLY A 63 2.05 11.45 41.13
C GLY A 63 1.04 10.88 40.16
N GLY A 64 1.30 10.97 38.85
CA GLY A 64 0.42 10.43 37.85
C GLY A 64 0.88 9.08 37.33
N ASP A 65 0.17 8.59 36.32
CA ASP A 65 0.46 7.30 35.72
C ASP A 65 1.18 7.48 34.39
N VAL A 66 1.73 6.39 33.88
CA VAL A 66 2.42 6.42 32.60
C VAL A 66 1.46 6.79 31.48
N LEU A 67 0.19 6.37 31.60
CA LEU A 67 -0.78 6.64 30.53
C LEU A 67 -1.04 8.14 30.39
N SER A 68 -1.12 8.87 31.51
CA SER A 68 -1.39 10.30 31.44
C SER A 68 -0.27 11.04 30.71
N TYR A 69 0.98 10.65 30.98
CA TYR A 69 2.11 11.16 30.21
C TYR A 69 1.90 10.95 28.72
N VAL A 70 1.52 9.73 28.33
CA VAL A 70 1.26 9.42 26.93
C VAL A 70 0.14 10.31 26.38
N MET A 71 -0.90 10.54 27.18
CA MET A 71 -2.01 11.38 26.73
C MET A 71 -1.57 12.84 26.62
N ALA A 72 -0.71 13.29 27.54
CA ALA A 72 -0.19 14.65 27.45
C ALA A 72 0.59 14.86 26.16
N VAL A 73 1.48 13.92 25.83
CA VAL A 73 2.24 14.01 24.58
C VAL A 73 1.30 13.95 23.38
N GLU A 74 0.29 13.08 23.44
CA GLU A 74 -0.62 12.90 22.32
C GLU A 74 -1.42 14.18 22.05
N GLU A 75 -1.92 14.83 23.11
CA GLU A 75 -2.72 16.03 22.93
C GLU A 75 -1.85 17.21 22.51
N LEU A 76 -0.66 17.34 23.10
CA LEU A 76 0.27 18.38 22.66
C LEU A 76 0.66 18.18 21.20
N SER A 77 1.00 16.94 20.83
CA SER A 77 1.39 16.67 19.45
C SER A 77 0.25 16.85 18.46
N LYS A 78 -1.01 16.75 18.94
CA LYS A 78 -2.15 17.01 18.05
C LYS A 78 -2.14 18.44 17.52
N VAL A 79 -1.51 19.36 18.23
CA VAL A 79 -1.46 20.77 17.84
C VAL A 79 -0.05 21.20 17.46
N CYS A 80 0.97 20.72 18.17
CA CYS A 80 2.34 21.16 17.95
C CYS A 80 3.26 19.97 18.22
N GLY A 81 3.65 19.26 17.17
CA GLY A 81 4.60 18.17 17.30
C GLY A 81 5.93 18.57 17.92
N THR A 82 6.27 19.85 17.85
CA THR A 82 7.48 20.34 18.51
C THR A 82 7.32 20.30 20.02
N THR A 83 6.15 20.73 20.53
CA THR A 83 5.94 20.72 21.97
C THR A 83 5.89 19.29 22.51
N GLY A 84 5.27 18.37 21.76
CA GLY A 84 5.21 16.99 22.21
C GLY A 84 6.58 16.36 22.37
N VAL A 85 7.50 16.65 21.45
CA VAL A 85 8.81 15.99 21.50
C VAL A 85 9.67 16.55 22.62
N ILE A 86 9.54 17.85 22.93
CA ILE A 86 10.30 18.45 24.03
C ILE A 86 9.96 17.76 25.35
N VAL A 87 8.66 17.62 25.62
CA VAL A 87 8.22 16.94 26.83
C VAL A 87 8.70 15.49 26.83
N SER A 88 8.43 14.76 25.74
CA SER A 88 8.75 13.34 25.67
C SER A 88 10.24 13.10 25.85
N ALA A 89 11.07 13.81 25.09
CA ALA A 89 12.52 13.65 25.20
C ALA A 89 13.00 13.94 26.61
N HIS A 90 12.56 15.07 27.17
CA HIS A 90 12.97 15.43 28.53
C HIS A 90 12.51 14.39 29.54
N THR A 91 11.26 13.94 29.43
CA THR A 91 10.72 13.01 30.41
C THR A 91 11.26 11.59 30.22
N SER A 92 11.08 11.01 29.03
CA SER A 92 11.40 9.61 28.83
C SER A 92 12.88 9.33 28.60
N LEU A 93 13.65 10.32 28.14
CA LEU A 93 15.04 10.07 27.81
C LEU A 93 16.04 10.62 28.83
N CYS A 94 15.65 11.60 29.63
CA CYS A 94 16.56 12.10 30.67
C CYS A 94 16.08 11.81 32.09
N ALA A 95 14.83 12.18 32.42
CA ALA A 95 14.36 11.95 33.78
C ALA A 95 14.19 10.46 34.08
N ALA A 96 13.69 9.70 33.09
CA ALA A 96 13.42 8.28 33.32
C ALA A 96 14.66 7.47 33.70
N PRO A 97 15.80 7.58 33.01
CA PRO A 97 16.97 6.79 33.42
C PRO A 97 17.60 7.25 34.72
N ILE A 98 17.41 8.51 35.12
CA ILE A 98 17.82 8.94 36.46
C ILE A 98 17.03 8.18 37.51
N TYR A 99 15.70 8.21 37.39
CA TYR A 99 14.83 7.50 38.33
C TYR A 99 15.12 6.00 38.31
N GLU A 100 15.22 5.42 37.12
CA GLU A 100 15.26 3.97 36.99
C GLU A 100 16.61 3.37 37.32
N ASN A 101 17.70 4.13 37.20
CA ASN A 101 19.03 3.60 37.42
C ASN A 101 19.86 4.39 38.42
N GLY A 102 19.39 5.54 38.88
CA GLY A 102 20.20 6.37 39.74
C GLY A 102 20.10 5.98 41.21
N THR A 103 21.14 6.36 41.95
CA THR A 103 21.14 6.23 43.38
C THR A 103 20.24 7.31 43.99
N PRO A 104 19.80 7.13 45.25
CA PRO A 104 19.00 8.19 45.89
C PRO A 104 19.70 9.53 45.93
N GLU A 105 21.04 9.53 46.03
CA GLU A 105 21.80 10.77 45.94
C GLU A 105 21.61 11.42 44.58
N GLN A 106 21.77 10.64 43.51
CA GLN A 106 21.51 11.15 42.17
C GLN A 106 20.03 11.51 41.98
N LYS A 107 19.13 10.70 42.55
CA LYS A 107 17.71 10.99 42.43
C LYS A 107 17.35 12.31 43.11
N GLU A 108 17.82 12.51 44.35
CA GLU A 108 17.51 13.74 45.07
C GLU A 108 18.09 14.96 44.38
N LYS A 109 19.24 14.82 43.72
CA LYS A 109 19.93 15.97 43.16
C LYS A 109 19.33 16.44 41.85
N TYR A 110 18.80 15.52 41.04
CA TYR A 110 18.36 15.85 39.68
C TYR A 110 16.85 15.74 39.48
N LEU A 111 16.20 14.75 40.07
CA LEU A 111 14.79 14.52 39.78
C LEU A 111 13.87 15.65 40.22
N PRO A 112 14.06 16.30 41.37
CA PRO A 112 13.16 17.43 41.71
C PRO A 112 13.20 18.56 40.70
N LYS A 113 14.39 18.99 40.27
CA LYS A 113 14.46 20.11 39.33
C LYS A 113 14.01 19.70 37.94
N LEU A 114 14.14 18.42 37.58
CA LEU A 114 13.68 17.97 36.27
C LEU A 114 12.16 17.91 36.20
N CYS A 115 11.53 17.36 37.24
CA CYS A 115 10.08 17.18 37.23
C CYS A 115 9.34 18.49 37.46
N SER A 116 10.00 19.51 38.01
CA SER A 116 9.38 20.81 38.23
C SER A 116 9.47 21.72 37.02
N GLY A 117 10.30 21.38 36.03
CA GLY A 117 10.50 22.20 34.87
C GLY A 117 11.60 23.23 34.99
N GLU A 118 12.27 23.32 36.14
CA GLU A 118 13.39 24.24 36.26
C GLU A 118 14.55 23.82 35.39
N TRP A 119 14.81 22.52 35.29
CA TRP A 119 15.88 21.99 34.46
C TRP A 119 15.28 21.22 33.29
N LEU A 120 15.83 21.46 32.11
CA LEU A 120 15.44 20.74 30.90
C LEU A 120 16.44 19.62 30.66
N GLY A 121 15.92 18.44 30.30
CA GLY A 121 16.73 17.26 30.13
C GLY A 121 17.01 16.94 28.67
N ALA A 122 18.12 16.23 28.45
CA ALA A 122 18.49 15.79 27.12
C ALA A 122 19.21 14.45 27.25
N PHE A 123 19.46 13.82 26.10
CA PHE A 123 20.04 12.48 26.09
C PHE A 123 20.92 12.35 24.87
N GLY A 124 22.19 11.98 25.07
CA GLY A 124 23.07 11.77 23.95
C GLY A 124 23.56 10.35 23.78
N LEU A 125 23.11 9.70 22.71
CA LEU A 125 23.65 8.41 22.30
C LEU A 125 24.19 8.42 20.87
N THR A 126 23.53 9.14 19.97
CA THR A 126 23.88 9.09 18.56
C THR A 126 25.16 9.86 18.29
N GLU A 127 26.02 9.27 17.46
CA GLU A 127 27.27 9.86 17.00
C GLU A 127 27.27 9.89 15.48
N PRO A 128 28.16 10.70 14.87
CA PRO A 128 28.19 10.78 13.40
C PRO A 128 28.30 9.43 12.70
N GLY A 129 29.10 8.50 13.22
CA GLY A 129 29.28 7.23 12.55
C GLY A 129 28.63 6.02 13.19
N ALA A 130 27.92 6.22 14.30
CA ALA A 130 27.34 5.08 15.02
C ALA A 130 25.89 5.36 15.42
N GLY A 131 25.09 5.93 14.52
CA GLY A 131 23.71 6.21 14.89
C GLY A 131 22.81 5.00 15.07
N THR A 132 22.56 4.25 13.99
CA THR A 132 21.83 2.99 14.14
C THR A 132 22.67 1.94 14.85
N ASP A 133 23.99 1.98 14.64
CA ASP A 133 24.91 1.04 15.28
C ASP A 133 25.43 1.69 16.57
N ALA A 134 24.51 1.85 17.52
CA ALA A 134 24.81 2.55 18.76
C ALA A 134 25.81 1.79 19.64
N GLN A 135 26.20 0.59 19.26
CA GLN A 135 27.19 -0.18 20.00
C GLN A 135 28.61 0.05 19.48
N GLY A 136 28.77 0.79 18.39
CA GLY A 136 30.06 1.01 17.77
C GLY A 136 30.51 2.46 17.77
N GLN A 137 30.26 3.18 18.86
CA GLN A 137 30.57 4.59 18.94
C GLN A 137 31.97 4.81 19.49
N GLN A 138 32.40 6.08 19.55
CA GLN A 138 33.79 6.41 19.84
C GLN A 138 34.00 7.42 20.96
N THR A 139 32.96 8.10 21.44
CA THR A 139 33.12 8.92 22.64
C THR A 139 33.54 8.05 23.82
N THR A 140 34.58 8.49 24.53
CA THR A 140 35.18 7.69 25.58
C THR A 140 35.17 8.44 26.90
N ALA A 141 35.42 7.68 27.98
CA ALA A 141 35.49 8.24 29.33
C ALA A 141 36.53 7.47 30.12
N VAL A 142 37.45 8.20 30.74
CA VAL A 142 38.57 7.62 31.47
C VAL A 142 38.59 8.18 32.88
N GLU A 143 39.12 7.38 33.81
CA GLU A 143 39.18 7.77 35.21
C GLU A 143 40.33 8.75 35.45
N ASP A 144 40.07 9.74 36.31
CA ASP A 144 41.08 10.73 36.66
C ASP A 144 40.80 11.16 38.11
N GLY A 145 41.54 10.58 39.04
CA GLY A 145 41.37 10.85 40.45
C GLY A 145 39.98 10.57 40.97
N ASP A 146 39.27 11.62 41.37
CA ASP A 146 37.86 11.55 41.74
C ASP A 146 36.94 12.04 40.62
N TYR A 147 37.41 11.98 39.37
CA TYR A 147 36.69 12.54 38.24
C TYR A 147 36.70 11.54 37.09
N TRP A 148 35.77 11.74 36.16
CA TRP A 148 35.85 11.14 34.84
C TRP A 148 36.21 12.22 33.84
N VAL A 149 36.82 11.81 32.73
CA VAL A 149 37.14 12.70 31.62
C VAL A 149 36.48 12.13 30.38
N LEU A 150 35.68 12.95 29.72
CA LEU A 150 34.93 12.52 28.55
C LEU A 150 35.41 13.29 27.32
N ASN A 151 35.46 12.60 26.19
CA ASN A 151 35.90 13.21 24.94
C ASN A 151 35.16 12.53 23.79
N GLY A 152 34.77 13.32 22.81
CA GLY A 152 34.03 12.84 21.66
C GLY A 152 32.97 13.85 21.27
N SER A 153 31.95 13.36 20.57
CA SER A 153 30.88 14.23 20.09
C SER A 153 29.59 13.45 19.99
N LYS A 154 28.48 14.10 20.31
CA LYS A 154 27.15 13.58 20.02
C LYS A 154 26.44 14.52 19.05
N ILE A 155 25.56 13.95 18.24
CA ILE A 155 24.87 14.63 17.15
C ILE A 155 23.38 14.41 17.31
N PHE A 156 22.58 15.37 16.82
CA PHE A 156 21.13 15.24 16.83
C PHE A 156 20.59 14.97 18.23
N ILE A 157 20.80 15.90 19.15
CA ILE A 157 20.39 15.68 20.53
C ILE A 157 19.28 16.66 20.83
N THR A 158 18.09 16.11 21.08
CA THR A 158 16.91 16.94 21.32
C THR A 158 17.07 17.75 22.60
N ASN A 159 16.57 18.99 22.56
CA ASN A 159 16.50 19.93 23.67
C ASN A 159 17.88 20.45 24.04
N ALA A 160 18.92 20.10 23.28
CA ALA A 160 20.30 20.40 23.70
C ALA A 160 20.57 21.89 23.75
N GLY A 161 19.92 22.67 22.89
CA GLY A 161 20.15 24.11 22.89
C GLY A 161 19.67 24.80 24.14
N TYR A 162 18.76 24.18 24.90
CA TYR A 162 18.21 24.77 26.11
C TYR A 162 18.22 23.80 27.30
N ALA A 163 18.90 22.66 27.18
CA ALA A 163 18.89 21.67 28.24
C ALA A 163 19.95 21.99 29.29
N ASP A 164 19.66 21.60 30.54
CA ASP A 164 20.56 21.83 31.65
C ASP A 164 21.30 20.57 32.08
N VAL A 165 20.71 19.40 31.91
CA VAL A 165 21.33 18.14 32.31
C VAL A 165 21.21 17.16 31.15
N PHE A 166 22.28 16.37 30.95
CA PHE A 166 22.39 15.49 29.79
C PHE A 166 22.74 14.09 30.25
N ILE A 167 22.21 13.09 29.55
CA ILE A 167 22.62 11.70 29.73
C ILE A 167 23.53 11.34 28.57
N VAL A 168 24.77 10.97 28.87
CA VAL A 168 25.79 10.74 27.86
C VAL A 168 26.26 9.30 27.94
N ILE A 169 26.22 8.60 26.81
CA ILE A 169 26.78 7.27 26.69
C ILE A 169 28.21 7.38 26.19
N ALA A 170 29.15 6.79 26.92
CA ALA A 170 30.55 6.86 26.55
C ALA A 170 31.19 5.49 26.75
N VAL A 171 32.23 5.22 25.97
CA VAL A 171 32.96 3.96 26.04
C VAL A 171 33.96 4.03 27.17
N THR A 172 33.79 3.18 28.18
CA THR A 172 34.68 3.15 29.33
C THR A 172 35.64 1.98 29.34
N ASP A 173 35.29 0.85 28.71
CA ASP A 173 36.13 -0.34 28.75
C ASP A 173 36.10 -1.03 27.39
N LYS A 174 37.26 -1.54 26.99
CA LYS A 174 37.41 -2.39 25.80
C LYS A 174 37.84 -3.76 26.27
N VAL A 175 36.90 -4.71 26.30
CA VAL A 175 37.19 -6.03 26.86
C VAL A 175 36.99 -7.10 25.80
N LEU A 176 37.27 -8.34 26.16
CA LEU A 176 37.17 -9.50 25.28
C LEU A 176 35.85 -10.22 25.53
N ASP A 177 35.21 -10.66 24.45
CA ASP A 177 33.93 -11.35 24.57
C ASP A 177 34.20 -12.84 24.83
N LYS A 178 33.13 -13.66 24.77
CA LYS A 178 33.20 -15.00 25.33
C LYS A 178 34.27 -15.85 24.65
N LYS A 179 34.43 -15.70 23.33
CA LYS A 179 35.36 -16.49 22.56
C LYS A 179 36.66 -15.77 22.24
N GLY A 180 36.67 -14.43 22.29
CA GLY A 180 37.93 -13.72 22.08
C GLY A 180 37.97 -12.48 21.21
N ARG A 181 36.85 -12.06 20.62
CA ARG A 181 36.89 -10.79 19.88
C ARG A 181 36.87 -9.60 20.83
N PRO A 182 37.63 -8.55 20.54
CA PRO A 182 37.54 -7.33 21.37
C PRO A 182 36.20 -6.63 21.17
N THR A 183 35.62 -6.19 22.28
CA THR A 183 34.33 -5.51 22.27
C THR A 183 34.41 -4.26 23.12
N LYS A 184 33.51 -3.32 22.84
CA LYS A 184 33.49 -2.02 23.51
C LYS A 184 32.31 -1.96 24.47
N LEU A 185 32.60 -1.74 25.75
CA LEU A 185 31.60 -1.56 26.78
C LEU A 185 31.40 -0.08 27.06
N CYS A 186 30.15 0.32 27.27
CA CYS A 186 29.82 1.71 27.53
C CYS A 186 29.27 1.86 28.94
N SER A 187 29.23 3.12 29.39
CA SER A 187 28.64 3.48 30.67
C SER A 187 27.88 4.79 30.51
N ALA A 188 26.82 4.94 31.28
CA ALA A 188 26.06 6.18 31.27
C ALA A 188 26.69 7.19 32.21
N PHE A 189 26.55 8.47 31.86
CA PHE A 189 27.10 9.56 32.65
C PHE A 189 26.11 10.71 32.67
N ILE A 190 25.86 11.26 33.85
CA ILE A 190 25.08 12.48 33.97
C ILE A 190 26.01 13.66 33.73
N VAL A 191 25.66 14.53 32.77
CA VAL A 191 26.47 15.68 32.41
C VAL A 191 25.62 16.94 32.56
N GLU A 192 26.15 17.92 33.30
CA GLU A 192 25.51 19.20 33.49
C GLU A 192 26.00 20.22 32.45
N ARG A 193 25.12 21.17 32.13
CA ARG A 193 25.45 22.19 31.13
C ARG A 193 26.69 22.98 31.53
N THR A 194 26.95 23.12 32.82
CA THR A 194 28.03 23.95 33.33
C THR A 194 29.32 23.17 33.54
N ASP A 195 29.39 21.92 33.08
CA ASP A 195 30.61 21.15 33.22
C ASP A 195 31.69 21.69 32.28
N PRO A 196 32.92 21.86 32.77
CA PRO A 196 33.99 22.38 31.91
C PRO A 196 34.26 21.45 30.73
N GLY A 197 34.52 22.05 29.57
CA GLY A 197 34.84 21.28 28.38
C GLY A 197 33.67 20.62 27.70
N PHE A 198 32.44 21.02 28.03
CA PHE A 198 31.25 20.51 27.36
C PHE A 198 30.59 21.66 26.62
N SER A 199 30.36 21.48 25.32
CA SER A 199 29.82 22.53 24.48
C SER A 199 28.60 22.02 23.73
N VAL A 200 27.70 22.94 23.39
CA VAL A 200 26.53 22.66 22.56
C VAL A 200 26.67 23.42 21.26
N GLY A 201 26.47 22.73 20.14
CA GLY A 201 26.64 23.33 18.83
C GLY A 201 25.42 24.10 18.37
N LYS A 202 25.37 24.36 17.06
CA LYS A 202 24.28 25.12 16.48
C LYS A 202 23.09 24.21 16.21
N ALA A 203 21.89 24.81 16.26
CA ALA A 203 20.67 24.07 15.98
C ALA A 203 20.61 23.63 14.52
N GLU A 204 20.32 22.35 14.30
CA GLU A 204 20.17 21.84 12.95
C GLU A 204 18.96 22.45 12.27
N ASP A 205 19.02 22.53 10.94
CA ASP A 205 17.89 23.01 10.14
C ASP A 205 17.15 21.78 9.64
N LYS A 206 16.02 21.49 10.27
CA LYS A 206 15.26 20.27 10.05
C LYS A 206 14.07 20.51 9.15
N MET A 207 13.62 19.42 8.51
CA MET A 207 12.41 19.48 7.69
C MET A 207 11.18 19.83 8.54
N GLY A 208 11.11 19.29 9.74
CA GLY A 208 9.98 19.55 10.63
C GLY A 208 10.40 19.54 12.08
N ILE A 209 9.42 19.53 12.99
CA ILE A 209 9.61 19.79 14.43
C ILE A 209 10.71 20.82 14.60
N ARG A 210 10.61 21.91 13.84
CA ARG A 210 11.72 22.84 13.65
C ARG A 210 11.99 23.69 14.89
N GLY A 211 10.98 23.90 15.73
CA GLY A 211 11.19 24.66 16.95
C GLY A 211 12.02 23.93 17.98
N SER A 212 12.17 22.61 17.83
CA SER A 212 12.94 21.84 18.79
C SER A 212 14.44 22.07 18.59
N SER A 213 15.19 22.04 19.69
CA SER A 213 16.62 22.35 19.67
C SER A 213 17.40 21.06 19.44
N THR A 214 17.73 20.80 18.18
CA THR A 214 18.49 19.62 17.80
C THR A 214 19.93 20.07 17.53
N CYS A 215 20.81 19.84 18.51
CA CYS A 215 22.17 20.36 18.47
C CYS A 215 23.16 19.26 18.76
N GLU A 216 24.42 19.53 18.41
CA GLU A 216 25.52 18.62 18.66
C GLU A 216 26.19 18.94 19.99
N LEU A 217 26.66 17.89 20.67
CA LEU A 217 27.38 18.03 21.92
C LEU A 217 28.85 17.73 21.67
N ILE A 218 29.73 18.55 22.25
CA ILE A 218 31.17 18.40 22.07
C ILE A 218 31.81 18.30 23.44
N PHE A 219 32.57 17.24 23.66
CA PHE A 219 33.25 16.98 24.92
C PHE A 219 34.76 17.14 24.69
N GLU A 220 35.30 18.29 25.10
CA GLU A 220 36.74 18.55 25.03
C GLU A 220 37.24 18.68 26.47
N ASP A 221 37.71 17.57 27.03
CA ASP A 221 38.08 17.48 28.44
C ASP A 221 36.89 17.81 29.34
N CYS A 222 35.83 17.02 29.20
CA CYS A 222 34.61 17.17 30.00
C CYS A 222 34.84 16.43 31.33
N ARG A 223 35.59 17.07 32.20
CA ARG A 223 35.90 16.53 33.53
C ARG A 223 34.68 16.63 34.43
N ILE A 224 34.08 15.49 34.77
CA ILE A 224 32.90 15.46 35.61
C ILE A 224 33.21 14.68 36.87
N PRO A 225 32.59 14.99 38.01
CA PRO A 225 32.85 14.23 39.24
C PRO A 225 32.55 12.75 39.08
N LYS A 226 33.19 11.96 39.94
CA LYS A 226 33.11 10.51 39.83
C LYS A 226 31.70 9.98 40.05
N ASP A 227 30.91 10.66 40.89
CA ASP A 227 29.58 10.16 41.25
C ASP A 227 28.55 10.34 40.14
N ARG A 228 28.90 11.00 39.04
CA ARG A 228 27.94 11.20 37.96
C ARG A 228 27.81 9.99 37.05
N MET A 229 28.51 8.90 37.34
CA MET A 229 28.27 7.65 36.63
C MET A 229 26.85 7.15 36.94
N LEU A 230 26.10 6.84 35.89
CA LEU A 230 24.74 6.34 36.02
C LEU A 230 24.73 4.85 35.68
N GLY A 231 24.10 4.06 36.54
CA GLY A 231 24.01 2.63 36.33
C GLY A 231 25.28 1.89 36.73
N VAL A 232 25.37 0.66 36.27
CA VAL A 232 26.51 -0.21 36.53
C VAL A 232 27.61 0.08 35.52
N ARG A 233 28.86 0.07 35.99
CA ARG A 233 30.00 0.27 35.09
C ARG A 233 30.01 -0.81 34.01
N GLY A 234 30.18 -0.38 32.77
CA GLY A 234 30.21 -1.27 31.63
C GLY A 234 28.85 -1.74 31.16
N LYS A 235 27.77 -1.30 31.82
CA LYS A 235 26.41 -1.65 31.43
C LYS A 235 25.66 -0.46 30.85
N GLY A 236 26.38 0.48 30.25
CA GLY A 236 25.74 1.68 29.73
C GLY A 236 24.82 1.39 28.56
N PHE A 237 25.26 0.54 27.63
CA PHE A 237 24.46 0.24 26.45
C PHE A 237 23.15 -0.43 26.82
N GLN A 238 23.17 -1.33 27.82
CA GLN A 238 21.93 -1.89 28.33
C GLN A 238 21.02 -0.80 28.88
N LEU A 239 21.59 0.20 29.55
CA LEU A 239 20.80 1.33 30.02
C LEU A 239 20.23 2.13 28.86
N ALA A 240 20.98 2.23 27.75
CA ALA A 240 20.50 2.99 26.59
C ALA A 240 19.24 2.37 26.01
N MET A 241 19.29 1.08 25.68
CA MET A 241 18.15 0.45 25.02
C MET A 241 16.91 0.45 25.91
N ALA A 242 17.10 0.27 27.21
CA ALA A 242 15.96 0.32 28.11
C ALA A 242 15.38 1.72 28.19
N THR A 243 16.22 2.75 28.06
CA THR A 243 15.71 4.12 28.00
C THR A 243 14.95 4.37 26.70
N LEU A 244 15.50 3.93 25.57
CA LEU A 244 14.82 4.10 24.30
C LEU A 244 13.52 3.32 24.23
N ASP A 245 13.38 2.25 25.03
CA ASP A 245 12.10 1.54 25.10
C ASP A 245 11.00 2.45 25.60
N GLY A 246 11.26 3.18 26.68
CA GLY A 246 10.27 4.14 27.16
C GLY A 246 10.04 5.29 26.20
N GLY A 247 11.14 5.82 25.63
CA GLY A 247 11.00 6.92 24.68
C GLY A 247 10.24 6.54 23.43
N ARG A 248 10.35 5.28 22.99
CA ARG A 248 9.63 4.85 21.79
C ARG A 248 8.12 4.93 22.00
N ILE A 249 7.65 4.62 23.21
CA ILE A 249 6.24 4.82 23.52
C ILE A 249 5.89 6.31 23.40
N GLY A 250 6.78 7.17 23.89
CA GLY A 250 6.54 8.60 23.76
C GLY A 250 6.42 9.06 22.32
N ILE A 251 7.37 8.63 21.48
CA ILE A 251 7.33 9.01 20.07
C ILE A 251 6.07 8.48 19.40
N ALA A 252 5.69 7.24 19.72
CA ALA A 252 4.43 6.68 19.22
C ALA A 252 3.26 7.58 19.55
N SER A 253 3.21 8.10 20.78
CA SER A 253 2.15 9.03 21.16
C SER A 253 2.20 10.28 20.30
N GLN A 254 3.40 10.82 20.05
CA GLN A 254 3.55 11.98 19.18
C GLN A 254 2.99 11.70 17.80
N ALA A 255 3.39 10.58 17.19
CA ALA A 255 2.85 10.19 15.88
C ALA A 255 1.34 10.08 15.93
N LEU A 256 0.82 9.39 16.96
CA LEU A 256 -0.62 9.29 17.14
C LEU A 256 -1.26 10.68 17.24
N GLY A 257 -0.67 11.56 18.05
CA GLY A 257 -1.18 12.91 18.16
C GLY A 257 -1.19 13.64 16.82
N ILE A 258 -0.09 13.54 16.07
CA ILE A 258 -0.01 14.21 14.77
C ILE A 258 -1.12 13.73 13.85
N ALA A 259 -1.30 12.41 13.76
CA ALA A 259 -2.33 11.86 12.88
C ALA A 259 -3.73 12.25 13.35
N GLU A 260 -3.97 12.23 14.66
CA GLU A 260 -5.27 12.63 15.18
C GLU A 260 -5.55 14.09 14.88
N GLY A 261 -4.60 14.98 15.17
CA GLY A 261 -4.77 16.38 14.84
C GLY A 261 -4.95 16.60 13.35
N ALA A 262 -4.23 15.83 12.52
CA ALA A 262 -4.43 15.88 11.08
C ALA A 262 -5.87 15.54 10.71
N LEU A 263 -6.37 14.41 11.22
CA LEU A 263 -7.73 14.01 10.92
C LEU A 263 -8.75 15.04 11.41
N GLN A 264 -8.50 15.63 12.59
CA GLN A 264 -9.41 16.63 13.14
C GLN A 264 -9.60 17.79 12.18
N GLU A 265 -8.51 18.48 11.85
CA GLU A 265 -8.59 19.63 10.95
C GLU A 265 -9.25 19.27 9.63
N THR A 266 -8.99 18.06 9.12
CA THR A 266 -9.49 17.67 7.81
C THR A 266 -11.01 17.50 7.83
N VAL A 267 -11.53 16.80 8.83
CA VAL A 267 -12.98 16.64 8.96
C VAL A 267 -13.65 17.99 9.04
N ALA A 268 -13.08 18.92 9.81
CA ALA A 268 -13.61 20.28 9.87
C ALA A 268 -13.56 20.95 8.51
N TYR A 269 -12.48 20.76 7.76
CA TYR A 269 -12.31 21.47 6.50
C TYR A 269 -13.26 20.94 5.41
N VAL A 270 -13.45 19.62 5.36
CA VAL A 270 -14.27 19.03 4.31
C VAL A 270 -15.75 19.29 4.54
N LYS A 271 -16.15 19.55 5.79
CA LYS A 271 -17.54 19.90 6.07
C LYS A 271 -17.89 21.29 5.55
N GLU A 272 -16.94 22.22 5.60
CA GLU A 272 -17.22 23.63 5.30
C GLU A 272 -16.95 23.98 3.85
N ARG A 273 -15.90 23.41 3.26
CA ARG A 273 -15.57 23.71 1.87
C ARG A 273 -16.58 23.05 0.94
N LYS A 274 -17.04 23.81 -0.05
CA LYS A 274 -17.98 23.32 -1.06
C LYS A 274 -17.39 23.56 -2.43
N GLN A 275 -17.47 22.56 -3.31
CA GLN A 275 -17.05 22.75 -4.69
C GLN A 275 -18.19 22.62 -5.69
N PHE A 276 -18.95 21.54 -5.64
CA PHE A 276 -19.87 21.15 -6.70
C PHE A 276 -21.33 21.44 -6.32
N GLY A 277 -21.56 22.53 -5.59
CA GLY A 277 -22.87 22.77 -5.02
C GLY A 277 -23.15 21.99 -3.76
N ARG A 278 -22.14 21.36 -3.18
CA ARG A 278 -22.31 20.59 -1.95
C ARG A 278 -20.95 20.40 -1.31
N SER A 279 -20.98 20.12 0.00
CA SER A 279 -19.77 19.93 0.78
C SER A 279 -18.89 18.84 0.18
N ILE A 280 -17.58 19.00 0.35
CA ILE A 280 -16.65 17.94 -0.05
C ILE A 280 -16.80 16.72 0.87
N SER A 281 -17.42 16.90 2.04
CA SER A 281 -17.82 15.76 2.84
C SER A 281 -18.84 14.88 2.13
N ALA A 282 -19.62 15.46 1.21
CA ALA A 282 -20.72 14.73 0.59
C ALA A 282 -20.25 13.73 -0.46
N PHE A 283 -18.99 13.78 -0.88
CA PHE A 283 -18.50 12.85 -1.89
C PHE A 283 -18.04 11.55 -1.23
N GLN A 284 -18.27 10.43 -1.92
CA GLN A 284 -17.98 9.12 -1.36
C GLN A 284 -16.48 8.93 -1.11
N ASN A 285 -15.65 9.39 -2.05
CA ASN A 285 -14.20 9.26 -1.91
C ASN A 285 -13.73 9.87 -0.59
N THR A 286 -14.19 11.09 -0.30
CA THR A 286 -13.82 11.75 0.96
C THR A 286 -14.23 10.91 2.16
N GLN A 287 -15.47 10.42 2.16
CA GLN A 287 -15.97 9.67 3.30
C GLN A 287 -15.18 8.40 3.54
N PHE A 288 -14.83 7.67 2.46
CA PHE A 288 -14.08 6.44 2.62
C PHE A 288 -12.66 6.71 3.10
N GLU A 289 -12.03 7.76 2.58
CA GLU A 289 -10.69 8.12 3.03
C GLU A 289 -10.66 8.41 4.52
N LEU A 290 -11.54 9.30 4.98
CA LEU A 290 -11.58 9.65 6.39
C LEU A 290 -11.90 8.44 7.26
N ALA A 291 -12.87 7.61 6.83
CA ALA A 291 -13.26 6.45 7.60
C ALA A 291 -12.10 5.48 7.78
N GLU A 292 -11.38 5.18 6.69
CA GLU A 292 -10.28 4.22 6.77
C GLU A 292 -9.13 4.76 7.62
N MET A 293 -8.84 6.06 7.50
CA MET A 293 -7.80 6.65 8.34
C MET A 293 -8.18 6.59 9.81
N LYS A 294 -9.44 6.93 10.14
CA LYS A 294 -9.91 6.83 11.51
C LYS A 294 -9.71 5.43 12.06
N ALA A 295 -10.05 4.41 11.26
CA ALA A 295 -9.84 3.02 11.69
C ALA A 295 -8.36 2.73 11.90
N ARG A 296 -7.51 3.24 11.00
CA ARG A 296 -6.06 3.05 11.16
C ARG A 296 -5.56 3.74 12.43
N ILE A 297 -5.98 4.98 12.65
CA ILE A 297 -5.55 5.72 13.85
C ILE A 297 -5.95 4.97 15.11
N GLU A 298 -7.21 4.51 15.16
CA GLU A 298 -7.71 3.82 16.35
C GLU A 298 -6.88 2.58 16.66
N ALA A 299 -6.46 1.84 15.62
CA ALA A 299 -5.64 0.66 15.85
C ALA A 299 -4.27 1.03 16.39
N ALA A 300 -3.71 2.16 15.96
CA ALA A 300 -2.45 2.63 16.51
C ALA A 300 -2.61 3.08 17.95
N LYS A 301 -3.73 3.73 18.27
CA LYS A 301 -3.96 4.25 19.62
C LYS A 301 -3.92 3.14 20.65
N TYR A 302 -4.51 1.98 20.34
CA TYR A 302 -4.50 0.86 21.26
C TYR A 302 -3.08 0.35 21.48
N LEU A 303 -2.29 0.24 20.40
CA LEU A 303 -0.90 -0.18 20.54
C LEU A 303 -0.10 0.76 21.43
N VAL A 304 -0.32 2.07 21.28
CA VAL A 304 0.38 3.05 22.11
C VAL A 304 -0.04 2.91 23.57
N TYR A 305 -1.34 2.85 23.83
CA TYR A 305 -1.84 2.72 25.19
C TYR A 305 -1.40 1.39 25.81
N ALA A 306 -1.53 0.29 25.06
CA ALA A 306 -1.13 -1.01 25.57
C ALA A 306 0.33 -1.01 26.01
N ALA A 307 1.21 -0.42 25.20
CA ALA A 307 2.60 -0.29 25.60
C ALA A 307 2.74 0.57 26.84
N ALA A 308 2.00 1.68 26.90
CA ALA A 308 2.07 2.57 28.06
C ALA A 308 1.69 1.86 29.35
N LEU A 309 0.70 0.98 29.29
CA LEU A 309 0.27 0.25 30.48
C LEU A 309 1.17 -0.94 30.78
N LYS A 310 1.85 -1.48 29.77
CA LYS A 310 2.87 -2.49 30.04
C LYS A 310 4.05 -1.88 30.78
N LYS A 311 4.41 -0.64 30.46
CA LYS A 311 5.44 0.06 31.21
C LYS A 311 4.97 0.49 32.58
N GLN A 312 3.67 0.75 32.73
CA GLN A 312 3.13 1.04 34.06
C GLN A 312 3.24 -0.19 34.97
N GLU A 313 2.91 -1.36 34.43
CA GLU A 313 3.19 -2.62 35.09
C GLU A 313 4.66 -2.70 35.52
N ALA A 314 5.57 -2.50 34.56
CA ALA A 314 7.01 -2.44 34.82
C ALA A 314 7.35 -1.60 36.05
N MET A 315 6.90 -0.34 36.05
CA MET A 315 7.30 0.59 37.08
C MET A 315 6.57 0.39 38.40
N ASN A 316 5.47 -0.35 38.40
CA ASN A 316 4.83 -0.74 39.65
C ASN A 316 5.48 -1.95 40.29
N GLY A 317 6.60 -2.43 39.73
CA GLY A 317 7.35 -3.53 40.27
C GLY A 317 7.18 -4.84 39.50
N ALA A 318 6.12 -4.96 38.72
CA ALA A 318 5.89 -6.17 37.92
C ALA A 318 6.97 -6.33 36.85
N LYS A 319 7.45 -7.57 36.69
CA LYS A 319 8.63 -7.86 35.88
C LYS A 319 8.20 -8.38 34.52
N VAL A 320 7.94 -7.47 33.58
CA VAL A 320 7.69 -7.82 32.19
C VAL A 320 8.44 -6.86 31.28
N ARG A 321 8.76 -7.33 30.08
CA ARG A 321 9.43 -6.50 29.09
C ARG A 321 8.41 -5.85 28.18
N TYR A 322 8.63 -4.57 27.86
CA TYR A 322 7.74 -3.82 26.99
C TYR A 322 8.46 -3.31 25.74
N SER A 323 9.63 -3.88 25.44
CA SER A 323 10.37 -3.46 24.25
C SER A 323 9.60 -3.81 22.97
N VAL A 324 9.06 -5.02 22.91
CA VAL A 324 8.31 -5.43 21.72
C VAL A 324 7.05 -4.58 21.56
N GLU A 325 6.33 -4.35 22.66
CA GLU A 325 5.14 -3.51 22.60
C GLU A 325 5.49 -2.09 22.15
N ALA A 326 6.56 -1.52 22.72
CA ALA A 326 7.00 -0.20 22.28
C ALA A 326 7.44 -0.21 20.82
N ALA A 327 8.06 -1.31 20.38
CA ALA A 327 8.50 -1.38 18.99
C ALA A 327 7.33 -1.45 18.03
N GLN A 328 6.31 -2.26 18.36
CA GLN A 328 5.11 -2.31 17.54
C GLN A 328 4.40 -0.97 17.52
N ALA A 329 4.32 -0.31 18.68
CA ALA A 329 3.60 0.96 18.77
C ALA A 329 4.25 2.01 17.86
N LYS A 330 5.57 2.17 17.95
CA LYS A 330 6.23 3.19 17.15
C LYS A 330 6.17 2.88 15.67
N LEU A 331 6.38 1.61 15.31
CA LEU A 331 6.35 1.22 13.90
C LEU A 331 5.01 1.59 13.25
N ILE A 332 3.91 1.18 13.88
CA ILE A 332 2.59 1.39 13.27
C ILE A 332 2.19 2.86 13.33
N ALA A 333 2.39 3.50 14.49
CA ALA A 333 1.99 4.90 14.64
C ALA A 333 2.73 5.80 13.66
N ALA A 334 4.05 5.63 13.55
CA ALA A 334 4.84 6.47 12.65
C ALA A 334 4.38 6.28 11.20
N ARG A 335 4.13 5.04 10.79
CA ARG A 335 3.68 4.79 9.43
C ARG A 335 2.24 5.23 9.23
N THR A 336 1.43 5.21 10.28
CA THR A 336 0.08 5.72 10.17
C THR A 336 0.07 7.25 10.11
N ALA A 337 0.94 7.89 10.89
CA ALA A 337 1.00 9.36 10.88
C ALA A 337 1.37 9.89 9.51
N SER A 338 2.45 9.36 8.91
CA SER A 338 2.87 9.81 7.59
C SER A 338 1.77 9.58 6.56
N ASP A 339 1.18 8.38 6.56
CA ASP A 339 0.14 8.06 5.60
C ASP A 339 -1.08 8.96 5.77
N VAL A 340 -1.46 9.24 7.01
CA VAL A 340 -2.68 10.03 7.26
C VAL A 340 -2.46 11.48 6.84
N THR A 341 -1.33 12.07 7.26
CA THR A 341 -1.08 13.47 6.94
C THR A 341 -1.00 13.70 5.44
N ARG A 342 -0.45 12.75 4.68
CA ARG A 342 -0.39 12.92 3.23
C ARG A 342 -1.78 12.84 2.61
N ARG A 343 -2.59 11.88 3.04
CA ARG A 343 -3.93 11.74 2.48
C ARG A 343 -4.86 12.85 2.96
N CYS A 344 -4.59 13.43 4.13
CA CYS A 344 -5.38 14.56 4.60
C CYS A 344 -5.03 15.83 3.84
N LEU A 345 -3.76 16.01 3.48
CA LEU A 345 -3.37 17.14 2.64
C LEU A 345 -4.07 17.09 1.29
N GLN A 346 -4.22 15.88 0.73
CA GLN A 346 -4.92 15.70 -0.53
C GLN A 346 -6.33 16.28 -0.47
N LEU A 347 -7.04 16.03 0.65
CA LEU A 347 -8.41 16.49 0.79
C LEU A 347 -8.51 18.00 0.95
N PHE A 348 -7.42 18.66 1.37
CA PHE A 348 -7.39 20.12 1.42
C PHE A 348 -7.26 20.74 0.03
N GLY A 349 -6.81 19.97 -0.96
CA GLY A 349 -6.51 20.54 -2.26
C GLY A 349 -5.36 21.52 -2.18
N GLY A 350 -5.41 22.52 -3.07
CA GLY A 350 -4.32 23.49 -3.13
C GLY A 350 -4.15 24.30 -1.87
N TYR A 351 -5.23 24.44 -1.07
CA TYR A 351 -5.14 25.22 0.16
C TYR A 351 -4.29 24.52 1.21
N GLY A 352 -4.16 23.19 1.13
CA GLY A 352 -3.35 22.46 2.09
C GLY A 352 -1.87 22.52 1.82
N TYR A 353 -1.47 23.02 0.66
CA TYR A 353 -0.07 23.16 0.32
C TYR A 353 0.53 24.47 0.83
N THR A 354 -0.30 25.40 1.30
CA THR A 354 0.17 26.68 1.81
C THR A 354 0.23 26.65 3.34
N ARG A 355 0.92 27.64 3.90
CA ARG A 355 1.04 27.75 5.35
C ARG A 355 -0.23 28.27 6.02
N ASP A 356 -1.25 28.66 5.25
CA ASP A 356 -2.53 29.05 5.86
C ASP A 356 -3.02 27.99 6.83
N TYR A 357 -2.88 26.72 6.47
CA TYR A 357 -3.37 25.60 7.27
C TYR A 357 -2.22 24.81 7.86
N PRO A 358 -2.44 24.11 8.98
CA PRO A 358 -1.35 23.40 9.65
C PRO A 358 -1.06 22.01 9.11
N ILE A 359 -1.79 21.56 8.07
CA ILE A 359 -1.67 20.18 7.63
C ILE A 359 -0.28 19.92 7.03
N GLU A 360 0.27 20.87 6.29
CA GLU A 360 1.59 20.66 5.70
C GLU A 360 2.65 20.54 6.78
N ARG A 361 2.57 21.36 7.83
CA ARG A 361 3.49 21.19 8.96
C ARG A 361 3.30 19.83 9.61
N MET A 362 2.05 19.36 9.69
CA MET A 362 1.78 18.03 10.24
C MET A 362 2.51 16.95 9.45
N MET A 363 2.42 17.00 8.12
CA MET A 363 3.09 16.00 7.30
C MET A 363 4.60 16.05 7.48
N ARG A 364 5.16 17.27 7.57
CA ARG A 364 6.59 17.38 7.87
C ARG A 364 6.90 16.82 9.25
N ASP A 365 6.05 17.08 10.24
CA ASP A 365 6.23 16.51 11.57
C ASP A 365 6.04 15.00 11.59
N ALA A 366 5.16 14.46 10.75
CA ALA A 366 4.94 13.02 10.74
C ALA A 366 6.19 12.28 10.28
N LYS A 367 6.93 12.87 9.35
CA LYS A 367 8.12 12.24 8.78
C LYS A 367 9.15 11.87 9.84
N ILE A 368 9.23 12.62 10.93
CA ILE A 368 10.31 12.43 11.89
C ILE A 368 10.07 11.17 12.73
N THR A 369 8.80 10.86 13.05
CA THR A 369 8.51 9.76 13.96
C THR A 369 8.96 8.41 13.42
N GLU A 370 9.19 8.30 12.11
CA GLU A 370 9.66 7.04 11.55
C GLU A 370 11.16 6.83 11.72
N ILE A 371 11.90 7.83 12.21
CA ILE A 371 13.36 7.76 12.14
C ILE A 371 14.03 7.79 13.52
N TYR A 372 13.80 8.85 14.28
CA TYR A 372 14.60 9.04 15.50
C TYR A 372 14.07 8.19 16.65
N GLU A 373 14.95 7.95 17.63
CA GLU A 373 14.71 7.02 18.71
C GLU A 373 14.50 5.60 18.20
N GLY A 374 15.19 5.25 17.10
CA GLY A 374 15.02 3.97 16.47
C GLY A 374 14.13 4.03 15.26
N THR A 375 14.71 3.79 14.08
CA THR A 375 13.96 3.81 12.84
C THR A 375 13.02 2.61 12.78
N SER A 376 12.06 2.68 11.85
CA SER A 376 11.14 1.57 11.63
C SER A 376 11.88 0.27 11.39
N GLU A 377 13.04 0.32 10.72
CA GLU A 377 13.82 -0.89 10.49
C GLU A 377 14.37 -1.44 11.80
N VAL A 378 14.77 -0.56 12.72
CA VAL A 378 15.21 -1.00 14.04
C VAL A 378 14.06 -1.65 14.79
N GLN A 379 12.86 -1.06 14.69
CA GLN A 379 11.69 -1.64 15.34
C GLN A 379 11.38 -3.02 14.76
N MET A 380 11.54 -3.18 13.45
CA MET A 380 11.33 -4.49 12.84
C MET A 380 12.44 -5.46 13.22
N MET A 381 13.65 -4.95 13.50
CA MET A 381 14.69 -5.81 14.06
C MET A 381 14.32 -6.29 15.45
N VAL A 382 13.75 -5.40 16.28
CA VAL A 382 13.34 -5.78 17.62
C VAL A 382 12.22 -6.82 17.57
N ILE A 383 11.17 -6.52 16.79
CA ILE A 383 10.00 -7.40 16.74
C ILE A 383 10.38 -8.77 16.19
N SER A 384 11.09 -8.80 15.06
CA SER A 384 11.47 -10.09 14.49
C SER A 384 12.48 -10.83 15.36
N GLY A 385 13.27 -10.10 16.15
CA GLY A 385 14.15 -10.75 17.09
C GLY A 385 13.41 -11.58 18.11
N ALA A 386 12.38 -10.98 18.73
CA ALA A 386 11.55 -11.73 19.67
C ALA A 386 10.78 -12.83 18.96
N LEU A 387 10.26 -12.54 17.76
CA LEU A 387 9.40 -13.49 17.06
C LEU A 387 10.18 -14.71 16.61
N LEU A 388 11.32 -14.51 15.95
CA LEU A 388 12.11 -15.62 15.44
C LEU A 388 12.92 -16.33 16.51
N LYS A 389 12.98 -15.80 17.73
CA LYS A 389 13.66 -16.50 18.82
C LYS A 389 12.74 -17.51 19.47
N GLN B 10 17.25 11.23 -28.03
CA GLN B 10 18.21 10.87 -27.01
C GLN B 10 19.39 11.85 -27.01
N MET B 11 19.58 12.57 -28.11
CA MET B 11 20.68 13.52 -28.08
C MET B 11 20.32 14.74 -27.24
N VAL B 12 19.10 15.25 -27.36
CA VAL B 12 18.69 16.38 -26.52
C VAL B 12 18.68 16.01 -25.04
N GLN B 13 18.52 14.73 -24.69
CA GLN B 13 18.31 14.38 -23.28
C GLN B 13 19.58 14.60 -22.45
N LYS B 14 20.75 14.27 -23.02
CA LYS B 14 22.00 14.45 -22.28
C LYS B 14 22.43 15.91 -22.22
N MET B 15 22.00 16.73 -23.17
CA MET B 15 22.17 18.18 -23.05
C MET B 15 21.46 18.69 -21.79
N TYR B 16 20.16 18.38 -21.68
CA TYR B 16 19.39 18.80 -20.51
C TYR B 16 20.04 18.32 -19.22
N ARG B 17 20.47 17.06 -19.19
CA ARG B 17 21.09 16.52 -17.98
C ARG B 17 22.33 17.31 -17.60
N GLU B 18 23.18 17.62 -18.57
CA GLU B 18 24.37 18.41 -18.27
C GLU B 18 24.00 19.82 -17.82
N PHE B 19 23.03 20.45 -18.50
CA PHE B 19 22.59 21.78 -18.10
C PHE B 19 22.01 21.77 -16.68
N ALA B 20 21.14 20.80 -16.38
CA ALA B 20 20.48 20.76 -15.09
C ALA B 20 21.46 20.52 -13.95
N GLU B 21 22.52 19.75 -14.21
CA GLU B 21 23.49 19.45 -13.15
C GLU B 21 24.49 20.59 -12.95
N ASN B 22 24.92 21.23 -14.03
CA ASN B 22 25.91 22.29 -13.93
C ASN B 22 25.28 23.63 -13.57
N GLU B 23 24.12 23.95 -14.16
CA GLU B 23 23.57 25.30 -14.09
C GLU B 23 22.34 25.42 -13.19
N VAL B 24 21.70 24.33 -12.82
CA VAL B 24 20.45 24.37 -12.05
C VAL B 24 20.64 23.75 -10.67
N LYS B 25 21.19 22.54 -10.61
CA LYS B 25 21.41 21.85 -9.34
C LYS B 25 22.15 22.69 -8.29
N PRO B 26 23.21 23.44 -8.61
CA PRO B 26 23.85 24.28 -7.56
C PRO B 26 22.91 25.26 -6.89
N LEU B 27 21.79 25.61 -7.53
CA LEU B 27 20.92 26.69 -7.08
C LEU B 27 19.67 26.19 -6.36
N ALA B 28 19.43 24.88 -6.36
CA ALA B 28 18.16 24.35 -5.86
C ALA B 28 17.96 24.66 -4.38
N LYS B 29 19.03 24.57 -3.59
CA LYS B 29 18.91 24.80 -2.15
C LYS B 29 18.55 26.26 -1.85
N LYS B 30 19.22 27.21 -2.51
CA LYS B 30 18.89 28.62 -2.30
C LYS B 30 17.51 28.95 -2.83
N VAL B 31 17.12 28.35 -3.96
CA VAL B 31 15.80 28.61 -4.53
C VAL B 31 14.70 28.20 -3.56
N ASP B 32 14.84 27.02 -2.95
CA ASP B 32 13.83 26.56 -2.01
C ASP B 32 13.88 27.33 -0.70
N ALA B 33 15.08 27.47 -0.12
CA ALA B 33 15.18 28.01 1.24
C ALA B 33 14.81 29.49 1.31
N GLU B 34 15.06 30.24 0.24
CA GLU B 34 14.78 31.68 0.22
C GLU B 34 13.50 32.04 -0.50
N GLU B 35 12.70 31.04 -0.90
CA GLU B 35 11.53 31.27 -1.75
C GLU B 35 11.92 32.16 -2.93
N TYR B 36 12.95 31.70 -3.63
CA TYR B 36 13.78 32.50 -4.52
C TYR B 36 13.46 32.12 -5.95
N PHE B 37 12.80 33.02 -6.68
CA PHE B 37 12.51 32.77 -8.10
C PHE B 37 13.82 32.78 -8.87
N PRO B 38 14.15 31.72 -9.59
CA PRO B 38 15.46 31.66 -10.27
C PRO B 38 15.44 32.40 -11.60
N LYS B 39 15.40 33.73 -11.51
CA LYS B 39 15.36 34.57 -12.70
C LYS B 39 16.55 34.29 -13.61
N GLU B 40 17.72 34.02 -13.03
CA GLU B 40 18.92 33.78 -13.82
C GLU B 40 18.74 32.60 -14.76
N THR B 41 18.44 31.42 -14.22
CA THR B 41 18.36 30.22 -15.06
C THR B 41 17.24 30.29 -16.08
N VAL B 42 16.18 31.06 -15.79
CA VAL B 42 15.11 31.24 -16.77
C VAL B 42 15.65 31.99 -17.98
N GLU B 43 16.51 32.98 -17.75
CA GLU B 43 17.16 33.67 -18.86
C GLU B 43 18.08 32.72 -19.62
N LYS B 44 18.86 31.90 -18.89
CA LYS B 44 19.76 30.95 -19.55
C LYS B 44 18.99 29.98 -20.43
N MET B 45 17.93 29.36 -19.88
CA MET B 45 17.13 28.41 -20.65
C MET B 45 16.54 29.07 -21.89
N GLY B 46 16.06 30.30 -21.76
CA GLY B 46 15.54 31.00 -22.92
C GLY B 46 16.58 31.17 -24.02
N LYS B 47 17.81 31.50 -23.63
CA LYS B 47 18.89 31.63 -24.61
C LYS B 47 19.17 30.31 -25.32
N LEU B 48 18.89 29.18 -24.66
CA LEU B 48 19.09 27.87 -25.23
C LEU B 48 17.84 27.35 -25.94
N GLY B 49 16.86 28.21 -26.19
CA GLY B 49 15.64 27.81 -26.87
C GLY B 49 14.78 26.82 -26.13
N MET B 50 14.96 26.69 -24.81
CA MET B 50 14.27 25.65 -24.06
C MET B 50 12.85 26.03 -23.65
N MET B 51 12.46 27.30 -23.75
CA MET B 51 11.08 27.67 -23.46
C MET B 51 10.15 27.51 -24.65
N GLY B 52 10.64 26.94 -25.75
CA GLY B 52 9.85 26.75 -26.95
C GLY B 52 10.02 25.41 -27.62
N ILE B 53 10.34 24.38 -26.85
CA ILE B 53 11.04 23.20 -27.40
C ILE B 53 10.27 22.58 -28.55
N TYR B 54 9.03 22.15 -28.30
CA TYR B 54 8.30 21.40 -29.32
C TYR B 54 7.49 22.29 -30.25
N PHE B 55 7.65 23.61 -30.16
CA PHE B 55 6.96 24.39 -31.16
C PHE B 55 7.82 24.54 -32.41
N PRO B 56 7.23 24.52 -33.60
CA PRO B 56 8.02 24.60 -34.82
C PRO B 56 8.73 25.93 -34.95
N THR B 57 9.79 25.93 -35.77
CA THR B 57 10.54 27.15 -36.04
C THR B 57 9.66 28.21 -36.68
N SER B 58 8.61 27.80 -37.39
CA SER B 58 7.73 28.73 -38.11
C SER B 58 7.01 29.70 -37.19
N VAL B 59 7.01 29.48 -35.87
CA VAL B 59 6.33 30.39 -34.97
C VAL B 59 7.30 30.83 -33.87
N GLY B 60 8.60 30.62 -34.11
CA GLY B 60 9.62 31.04 -33.17
C GLY B 60 10.11 29.95 -32.23
N GLY B 61 9.65 28.72 -32.40
CA GLY B 61 10.07 27.63 -31.54
C GLY B 61 11.41 27.05 -31.95
N ALA B 62 11.89 26.11 -31.13
CA ALA B 62 13.15 25.44 -31.39
C ALA B 62 13.01 24.25 -32.33
N GLY B 63 11.78 23.91 -32.72
CA GLY B 63 11.54 22.83 -33.66
C GLY B 63 11.81 21.44 -33.13
N GLY B 64 11.64 21.23 -31.84
CA GLY B 64 11.75 19.91 -31.26
C GLY B 64 10.42 19.17 -31.30
N ASP B 65 10.35 18.09 -30.53
CA ASP B 65 9.16 17.29 -30.38
C ASP B 65 8.68 17.35 -28.93
N VAL B 66 7.41 16.96 -28.73
CA VAL B 66 6.79 17.04 -27.41
C VAL B 66 7.59 16.28 -26.37
N LEU B 67 8.23 15.17 -26.76
CA LEU B 67 8.95 14.35 -25.79
C LEU B 67 10.22 15.04 -25.33
N SER B 68 10.94 15.70 -26.24
CA SER B 68 12.13 16.45 -25.81
C SER B 68 11.77 17.48 -24.76
N TYR B 69 10.64 18.17 -24.93
CA TYR B 69 10.10 19.01 -23.86
C TYR B 69 9.87 18.21 -22.59
N VAL B 70 9.20 17.06 -22.71
CA VAL B 70 8.97 16.20 -21.56
C VAL B 70 10.28 15.77 -20.93
N MET B 71 11.26 15.39 -21.75
CA MET B 71 12.55 15.00 -21.21
C MET B 71 13.28 16.18 -20.57
N ALA B 72 13.05 17.40 -21.08
CA ALA B 72 13.68 18.57 -20.47
C ALA B 72 13.07 18.85 -19.10
N VAL B 73 11.73 18.84 -19.02
CA VAL B 73 11.07 19.04 -17.73
C VAL B 73 11.52 17.98 -16.73
N GLU B 74 11.46 16.71 -17.15
CA GLU B 74 11.93 15.61 -16.31
C GLU B 74 13.35 15.85 -15.82
N GLU B 75 14.25 16.20 -16.73
CA GLU B 75 15.66 16.35 -16.35
C GLU B 75 15.87 17.53 -15.40
N LEU B 76 15.19 18.65 -15.66
CA LEU B 76 15.28 19.78 -14.74
C LEU B 76 14.71 19.43 -13.38
N SER B 77 13.56 18.73 -13.35
CA SER B 77 12.90 18.41 -12.10
C SER B 77 13.70 17.44 -11.24
N LYS B 78 14.65 16.70 -11.83
CA LYS B 78 15.50 15.83 -11.03
C LYS B 78 16.29 16.60 -9.98
N VAL B 79 16.56 17.88 -10.23
CA VAL B 79 17.44 18.65 -9.36
C VAL B 79 16.70 19.84 -8.76
N CYS B 80 15.65 20.31 -9.44
CA CYS B 80 14.93 21.50 -8.98
C CYS B 80 13.48 21.38 -9.45
N GLY B 81 12.58 21.02 -8.54
CA GLY B 81 11.16 20.98 -8.88
C GLY B 81 10.62 22.34 -9.28
N THR B 82 11.16 23.41 -8.69
CA THR B 82 10.73 24.76 -9.05
C THR B 82 11.02 25.05 -10.52
N THR B 83 12.24 24.77 -10.97
CA THR B 83 12.60 25.08 -12.34
C THR B 83 11.76 24.30 -13.34
N GLY B 84 11.51 23.02 -13.05
CA GLY B 84 10.72 22.21 -13.96
C GLY B 84 9.32 22.77 -14.18
N VAL B 85 8.65 23.18 -13.10
CA VAL B 85 7.27 23.63 -13.23
C VAL B 85 7.20 25.01 -13.90
N ILE B 86 8.22 25.83 -13.73
CA ILE B 86 8.26 27.12 -14.44
C ILE B 86 8.21 26.90 -15.94
N VAL B 87 9.06 26.00 -16.45
CA VAL B 87 9.07 25.69 -17.87
C VAL B 87 7.77 25.02 -18.29
N SER B 88 7.27 24.07 -17.49
CA SER B 88 6.10 23.31 -17.87
C SER B 88 4.86 24.20 -17.95
N ALA B 89 4.63 25.01 -16.92
CA ALA B 89 3.47 25.91 -16.92
C ALA B 89 3.58 26.92 -18.06
N HIS B 90 4.73 27.57 -18.20
CA HIS B 90 4.94 28.52 -19.29
C HIS B 90 4.66 27.89 -20.65
N THR B 91 5.17 26.67 -20.87
CA THR B 91 5.06 26.04 -22.17
C THR B 91 3.66 25.48 -22.42
N SER B 92 3.19 24.60 -21.53
CA SER B 92 1.97 23.85 -21.80
C SER B 92 0.71 24.64 -21.47
N LEU B 93 0.78 25.58 -20.53
CA LEU B 93 -0.42 26.29 -20.10
C LEU B 93 -0.54 27.69 -20.67
N CYS B 94 0.54 28.29 -21.15
CA CYS B 94 0.45 29.59 -21.81
C CYS B 94 0.81 29.54 -23.28
N ALA B 95 1.97 28.96 -23.62
CA ALA B 95 2.40 28.97 -25.02
C ALA B 95 1.57 28.00 -25.86
N ALA B 96 1.27 26.82 -25.31
CA ALA B 96 0.51 25.83 -26.07
C ALA B 96 -0.89 26.30 -26.44
N PRO B 97 -1.71 26.84 -25.52
CA PRO B 97 -3.05 27.27 -25.94
C PRO B 97 -3.05 28.36 -26.99
N ILE B 98 -2.02 29.21 -27.03
CA ILE B 98 -1.93 30.22 -28.08
C ILE B 98 -1.62 29.57 -29.42
N TYR B 99 -0.71 28.60 -29.44
CA TYR B 99 -0.40 27.90 -30.67
C TYR B 99 -1.56 27.01 -31.15
N GLU B 100 -2.39 26.53 -30.22
CA GLU B 100 -3.45 25.60 -30.58
C GLU B 100 -4.73 26.28 -31.02
N ASN B 101 -5.02 27.48 -30.51
CA ASN B 101 -6.27 28.15 -30.81
C ASN B 101 -6.09 29.60 -31.25
N GLY B 102 -4.86 30.08 -31.40
CA GLY B 102 -4.65 31.45 -31.78
C GLY B 102 -4.81 31.71 -33.26
N THR B 103 -5.09 32.95 -33.58
CA THR B 103 -5.10 33.41 -34.96
C THR B 103 -3.66 33.70 -35.39
N PRO B 104 -3.39 33.67 -36.70
CA PRO B 104 -2.04 34.04 -37.17
C PRO B 104 -1.51 35.35 -36.59
N GLU B 105 -2.39 36.33 -36.36
CA GLU B 105 -1.98 37.56 -35.69
C GLU B 105 -1.56 37.27 -34.25
N GLN B 106 -2.37 36.49 -33.52
CA GLN B 106 -2.06 36.19 -32.12
C GLN B 106 -0.79 35.35 -32.02
N LYS B 107 -0.62 34.37 -32.92
CA LYS B 107 0.60 33.56 -32.91
C LYS B 107 1.83 34.41 -33.18
N GLU B 108 1.78 35.24 -34.23
CA GLU B 108 2.94 36.03 -34.62
C GLU B 108 3.33 37.04 -33.55
N LYS B 109 2.37 37.48 -32.73
CA LYS B 109 2.67 38.51 -31.73
C LYS B 109 3.23 37.90 -30.45
N TYR B 110 2.66 36.79 -29.97
CA TYR B 110 3.01 36.25 -28.66
C TYR B 110 4.00 35.09 -28.72
N LEU B 111 3.86 34.20 -29.70
CA LEU B 111 4.68 32.98 -29.71
C LEU B 111 6.18 33.24 -29.81
N PRO B 112 6.68 34.11 -30.70
CA PRO B 112 8.14 34.29 -30.76
C PRO B 112 8.75 34.79 -29.45
N LYS B 113 8.11 35.76 -28.79
CA LYS B 113 8.64 36.24 -27.51
C LYS B 113 8.49 35.18 -26.43
N LEU B 114 7.42 34.40 -26.46
CA LEU B 114 7.22 33.35 -25.46
C LEU B 114 8.25 32.25 -25.59
N CYS B 115 8.49 31.77 -26.82
CA CYS B 115 9.43 30.68 -27.04
C CYS B 115 10.87 31.14 -26.81
N SER B 116 11.14 32.43 -27.02
CA SER B 116 12.48 32.95 -26.82
C SER B 116 12.80 33.13 -25.34
N GLY B 117 11.79 33.38 -24.51
CA GLY B 117 11.99 33.60 -23.09
C GLY B 117 11.96 35.05 -22.65
N GLU B 118 11.85 35.99 -23.59
CA GLU B 118 11.71 37.39 -23.21
C GLU B 118 10.39 37.63 -22.47
N TRP B 119 9.36 36.87 -22.80
CA TRP B 119 8.08 36.93 -22.11
C TRP B 119 7.80 35.60 -21.43
N LEU B 120 7.43 35.66 -20.17
CA LEU B 120 7.06 34.47 -19.41
C LEU B 120 5.54 34.32 -19.40
N GLY B 121 5.08 33.07 -19.35
CA GLY B 121 3.67 32.80 -19.48
C GLY B 121 3.03 32.21 -18.24
N ALA B 122 1.71 32.37 -18.11
CA ALA B 122 0.97 31.86 -16.98
C ALA B 122 -0.47 31.64 -17.39
N PHE B 123 -1.18 30.81 -16.61
CA PHE B 123 -2.55 30.43 -16.93
C PHE B 123 -3.42 30.76 -15.73
N GLY B 124 -4.48 31.54 -15.94
CA GLY B 124 -5.46 31.71 -14.89
C GLY B 124 -6.76 30.97 -15.14
N LEU B 125 -6.99 29.88 -14.42
CA LEU B 125 -8.29 29.24 -14.35
C LEU B 125 -8.88 29.23 -12.94
N THR B 126 -8.07 28.86 -11.95
CA THR B 126 -8.57 28.56 -10.62
C THR B 126 -9.01 29.83 -9.90
N GLU B 127 -10.18 29.76 -9.27
CA GLU B 127 -10.74 30.81 -8.44
C GLU B 127 -10.95 30.28 -7.03
N PRO B 128 -11.09 31.16 -6.03
CA PRO B 128 -11.29 30.67 -4.66
C PRO B 128 -12.61 29.92 -4.48
N GLY B 129 -13.70 30.44 -5.01
CA GLY B 129 -14.99 29.80 -4.79
C GLY B 129 -15.11 28.42 -5.42
N ALA B 130 -14.43 28.18 -6.54
CA ALA B 130 -14.50 26.88 -7.22
C ALA B 130 -13.20 26.61 -7.96
N GLY B 131 -12.33 25.78 -7.37
CA GLY B 131 -11.14 25.37 -8.08
C GLY B 131 -11.26 24.02 -8.81
N THR B 132 -11.78 22.99 -8.14
CA THR B 132 -12.08 21.74 -8.82
C THR B 132 -13.33 21.86 -9.67
N ASP B 133 -14.29 22.68 -9.23
CA ASP B 133 -15.51 22.95 -9.98
C ASP B 133 -15.24 24.09 -10.97
N ALA B 134 -14.40 23.77 -11.95
CA ALA B 134 -13.89 24.71 -12.92
C ALA B 134 -14.97 25.25 -13.86
N GLN B 135 -16.21 24.81 -13.69
CA GLN B 135 -17.35 25.34 -14.44
C GLN B 135 -18.28 26.20 -13.57
N GLY B 136 -18.02 26.29 -12.26
CA GLY B 136 -18.73 27.22 -11.39
C GLY B 136 -18.00 28.48 -10.95
N GLN B 137 -17.21 29.10 -11.83
CA GLN B 137 -16.44 30.30 -11.52
C GLN B 137 -17.20 31.56 -11.93
N GLN B 138 -16.76 32.70 -11.39
CA GLN B 138 -17.51 33.93 -11.55
C GLN B 138 -16.62 35.12 -11.88
N THR B 139 -15.50 34.89 -12.58
CA THR B 139 -14.80 35.99 -13.24
C THR B 139 -15.45 36.22 -14.60
N THR B 140 -15.77 37.48 -14.90
CA THR B 140 -16.57 37.82 -16.07
C THR B 140 -15.81 38.73 -17.03
N ALA B 141 -16.20 38.64 -18.31
CA ALA B 141 -15.75 39.54 -19.36
C ALA B 141 -16.98 40.07 -20.09
N VAL B 142 -17.04 41.38 -20.28
CA VAL B 142 -18.23 42.03 -20.80
C VAL B 142 -17.85 42.81 -22.05
N GLU B 143 -18.80 42.88 -22.99
CA GLU B 143 -18.61 43.66 -24.21
C GLU B 143 -18.69 45.15 -23.90
N ASP B 144 -17.73 45.91 -24.42
CA ASP B 144 -17.76 47.37 -24.30
C ASP B 144 -17.09 47.94 -25.54
N GLY B 145 -17.89 48.35 -26.51
CA GLY B 145 -17.37 48.94 -27.73
C GLY B 145 -16.40 48.01 -28.45
N ASP B 146 -15.14 48.44 -28.52
CA ASP B 146 -14.09 47.66 -29.16
C ASP B 146 -13.20 46.93 -28.18
N TYR B 147 -13.51 46.98 -26.88
CA TYR B 147 -12.68 46.36 -25.84
C TYR B 147 -13.48 45.33 -25.06
N TRP B 148 -12.76 44.56 -24.24
CA TRP B 148 -13.36 43.69 -23.22
C TRP B 148 -13.11 44.30 -21.85
N VAL B 149 -14.04 44.06 -20.93
CA VAL B 149 -13.89 44.48 -19.54
C VAL B 149 -13.88 43.23 -18.67
N LEU B 150 -12.76 43.01 -17.98
CA LEU B 150 -12.58 41.84 -17.13
C LEU B 150 -12.73 42.22 -15.66
N ASN B 151 -13.34 41.33 -14.88
CA ASN B 151 -13.53 41.54 -13.45
C ASN B 151 -13.54 40.20 -12.74
N GLY B 152 -12.80 40.11 -11.65
CA GLY B 152 -12.79 38.94 -10.80
C GLY B 152 -11.43 38.76 -10.15
N SER B 153 -11.08 37.50 -9.91
CA SER B 153 -9.83 37.16 -9.24
C SER B 153 -9.47 35.71 -9.56
N LYS B 154 -8.18 35.45 -9.73
CA LYS B 154 -7.69 34.09 -9.83
C LYS B 154 -6.71 33.83 -8.70
N ILE B 155 -6.66 32.57 -8.25
CA ILE B 155 -5.88 32.19 -7.07
C ILE B 155 -4.85 31.14 -7.46
N PHE B 156 -3.73 31.14 -6.74
CA PHE B 156 -2.67 30.16 -6.91
C PHE B 156 -2.16 30.11 -8.35
N ILE B 157 -1.70 31.23 -8.90
CA ILE B 157 -1.30 31.21 -10.30
C ILE B 157 0.21 31.07 -10.36
N THR B 158 0.67 30.04 -11.08
CA THR B 158 2.09 29.79 -11.29
C THR B 158 2.69 30.87 -12.18
N ASN B 159 3.91 31.29 -11.86
CA ASN B 159 4.68 32.30 -12.59
C ASN B 159 4.04 33.67 -12.51
N ALA B 160 3.01 33.85 -11.67
CA ALA B 160 2.19 35.06 -11.71
C ALA B 160 3.02 36.31 -11.44
N GLY B 161 3.85 36.27 -10.41
CA GLY B 161 4.65 37.44 -10.06
C GLY B 161 5.74 37.77 -11.06
N TYR B 162 6.00 36.88 -12.02
CA TYR B 162 7.07 37.07 -12.99
C TYR B 162 6.61 36.90 -14.43
N ALA B 163 5.31 36.72 -14.67
CA ALA B 163 4.81 36.47 -16.01
C ALA B 163 4.43 37.77 -16.70
N ASP B 164 4.66 37.81 -18.02
CA ASP B 164 4.29 38.96 -18.84
C ASP B 164 2.94 38.79 -19.51
N VAL B 165 2.57 37.55 -19.83
CA VAL B 165 1.33 37.26 -20.55
C VAL B 165 0.59 36.16 -19.80
N PHE B 166 -0.73 36.29 -19.71
CA PHE B 166 -1.56 35.37 -18.95
C PHE B 166 -2.71 34.88 -19.81
N ILE B 167 -3.05 33.60 -19.69
CA ILE B 167 -4.27 33.06 -20.25
C ILE B 167 -5.32 33.08 -19.15
N VAL B 168 -6.39 33.84 -19.35
CA VAL B 168 -7.42 34.07 -18.34
C VAL B 168 -8.74 33.51 -18.85
N ILE B 169 -9.39 32.69 -18.02
CA ILE B 169 -10.67 32.11 -18.34
C ILE B 169 -11.74 32.88 -17.56
N ALA B 170 -12.72 33.43 -18.28
CA ALA B 170 -13.74 34.25 -17.65
C ALA B 170 -15.11 33.94 -18.25
N VAL B 171 -16.15 34.21 -17.46
CA VAL B 171 -17.52 33.94 -17.89
C VAL B 171 -18.00 35.08 -18.77
N THR B 172 -18.31 34.76 -20.03
CA THR B 172 -18.81 35.76 -20.97
C THR B 172 -20.29 35.63 -21.23
N ASP B 173 -20.76 34.44 -21.61
CA ASP B 173 -22.15 34.22 -21.99
C ASP B 173 -22.94 33.68 -20.80
N LYS B 174 -24.21 34.06 -20.74
CA LYS B 174 -25.13 33.58 -19.71
C LYS B 174 -26.23 32.80 -20.42
N VAL B 175 -26.09 31.48 -20.45
CA VAL B 175 -27.01 30.61 -21.15
C VAL B 175 -27.55 29.59 -20.15
N LEU B 176 -28.43 28.71 -20.60
CA LEU B 176 -29.03 27.71 -19.72
C LEU B 176 -29.35 26.49 -20.57
N ASP B 177 -28.93 25.32 -20.08
CA ASP B 177 -28.95 24.13 -20.90
C ASP B 177 -30.38 23.68 -21.18
N LYS B 178 -30.50 22.79 -22.17
CA LYS B 178 -31.78 22.23 -22.55
C LYS B 178 -32.37 21.34 -21.47
N LYS B 179 -31.55 20.83 -20.56
CA LYS B 179 -32.08 20.09 -19.41
C LYS B 179 -32.84 21.02 -18.46
N GLY B 180 -32.31 22.22 -18.24
CA GLY B 180 -32.97 23.21 -17.40
C GLY B 180 -32.04 23.93 -16.46
N ARG B 181 -30.86 23.36 -16.22
CA ARG B 181 -29.93 23.91 -15.24
C ARG B 181 -29.22 25.15 -15.79
N PRO B 182 -28.93 26.14 -14.96
CA PRO B 182 -28.20 27.32 -15.44
C PRO B 182 -26.73 26.99 -15.64
N THR B 183 -26.21 27.36 -16.81
CA THR B 183 -24.85 27.02 -17.21
C THR B 183 -24.07 28.28 -17.54
N LYS B 184 -22.82 28.33 -17.07
CA LYS B 184 -21.93 29.45 -17.40
C LYS B 184 -21.07 29.06 -18.59
N LEU B 185 -21.04 29.93 -19.60
CA LEU B 185 -20.14 29.79 -20.74
C LEU B 185 -18.93 30.68 -20.54
N CYS B 186 -17.74 30.11 -20.68
CA CYS B 186 -16.49 30.84 -20.47
C CYS B 186 -15.81 31.12 -21.79
N SER B 187 -14.92 32.12 -21.77
CA SER B 187 -14.05 32.43 -22.88
C SER B 187 -12.63 32.63 -22.37
N ALA B 188 -11.65 32.33 -23.23
CA ALA B 188 -10.25 32.52 -22.91
C ALA B 188 -9.78 33.87 -23.43
N PHE B 189 -9.01 34.58 -22.61
CA PHE B 189 -8.52 35.90 -22.97
C PHE B 189 -7.02 36.00 -22.70
N ILE B 190 -6.31 36.61 -23.64
CA ILE B 190 -4.89 36.88 -23.48
C ILE B 190 -4.75 38.21 -22.75
N VAL B 191 -4.13 38.18 -21.57
CA VAL B 191 -3.96 39.36 -20.73
C VAL B 191 -2.47 39.62 -20.59
N GLU B 192 -2.07 40.86 -20.85
CA GLU B 192 -0.68 41.28 -20.69
C GLU B 192 -0.49 41.95 -19.35
N ARG B 193 0.72 41.85 -18.81
CA ARG B 193 1.00 42.39 -17.48
C ARG B 193 0.81 43.89 -17.43
N THR B 194 0.99 44.58 -18.56
CA THR B 194 0.86 46.02 -18.63
C THR B 194 -0.58 46.49 -18.79
N ASP B 195 -1.55 45.60 -18.69
CA ASP B 195 -2.94 46.00 -18.90
C ASP B 195 -3.43 46.85 -17.73
N PRO B 196 -4.25 47.86 -17.98
CA PRO B 196 -4.82 48.65 -16.89
C PRO B 196 -5.85 47.85 -16.11
N GLY B 197 -5.92 48.14 -14.81
CA GLY B 197 -6.83 47.39 -13.95
C GLY B 197 -6.49 45.93 -13.79
N PHE B 198 -5.22 45.56 -13.99
CA PHE B 198 -4.76 44.20 -13.77
C PHE B 198 -3.55 44.23 -12.87
N SER B 199 -3.58 43.43 -11.81
CA SER B 199 -2.51 43.41 -10.81
C SER B 199 -2.24 41.99 -10.37
N VAL B 200 -1.04 41.76 -9.84
CA VAL B 200 -0.62 40.47 -9.34
C VAL B 200 -0.39 40.58 -7.84
N GLY B 201 -0.92 39.63 -7.09
CA GLY B 201 -0.83 39.65 -5.64
C GLY B 201 0.50 39.18 -5.11
N LYS B 202 0.55 39.00 -3.80
CA LYS B 202 1.76 38.58 -3.10
C LYS B 202 1.97 37.07 -3.25
N ALA B 203 3.23 36.67 -3.34
CA ALA B 203 3.57 35.27 -3.50
C ALA B 203 3.12 34.45 -2.30
N GLU B 204 2.44 33.34 -2.56
CA GLU B 204 2.01 32.44 -1.51
C GLU B 204 3.20 31.80 -0.81
N ASP B 205 2.98 31.41 0.44
CA ASP B 205 3.99 30.71 1.23
C ASP B 205 3.65 29.22 1.20
N LYS B 206 4.34 28.47 0.37
CA LYS B 206 4.02 27.09 0.06
C LYS B 206 4.95 26.13 0.79
N MET B 207 4.55 24.85 0.79
CA MET B 207 5.35 23.81 1.43
C MET B 207 6.59 23.48 0.61
N GLY B 208 6.43 23.32 -0.70
CA GLY B 208 7.55 23.06 -1.59
C GLY B 208 7.42 23.88 -2.85
N ILE B 209 8.23 23.57 -3.87
CA ILE B 209 8.43 24.39 -5.07
C ILE B 209 8.37 25.86 -4.68
N ARG B 210 9.08 26.23 -3.61
CA ARG B 210 8.89 27.52 -2.97
C ARG B 210 9.47 28.66 -3.79
N GLY B 211 10.46 28.40 -4.65
CA GLY B 211 10.92 29.42 -5.56
C GLY B 211 9.94 29.76 -6.67
N SER B 212 8.95 28.89 -6.90
CA SER B 212 7.93 29.18 -7.90
C SER B 212 7.03 30.31 -7.41
N SER B 213 6.72 31.21 -8.33
CA SER B 213 5.95 32.43 -8.02
C SER B 213 4.47 32.12 -8.18
N THR B 214 3.81 31.85 -7.06
CA THR B 214 2.40 31.46 -7.04
C THR B 214 1.61 32.59 -6.40
N CYS B 215 0.85 33.33 -7.20
CA CYS B 215 0.26 34.59 -6.75
C CYS B 215 -1.16 34.74 -7.26
N GLU B 216 -1.85 35.74 -6.71
CA GLU B 216 -3.19 36.12 -7.12
C GLU B 216 -3.17 36.99 -8.37
N LEU B 217 -4.25 36.89 -9.14
CA LEU B 217 -4.52 37.81 -10.24
C LEU B 217 -5.82 38.56 -9.94
N ILE B 218 -5.76 39.88 -9.95
CA ILE B 218 -6.92 40.72 -9.63
C ILE B 218 -7.30 41.51 -10.88
N PHE B 219 -8.59 41.44 -11.24
CA PHE B 219 -9.14 42.16 -12.39
C PHE B 219 -10.13 43.19 -11.87
N GLU B 220 -9.75 44.46 -11.93
CA GLU B 220 -10.59 45.58 -11.50
C GLU B 220 -10.77 46.50 -12.70
N ASP B 221 -11.82 46.26 -13.48
CA ASP B 221 -12.09 47.00 -14.72
C ASP B 221 -10.94 46.85 -15.72
N CYS B 222 -10.39 45.65 -15.82
CA CYS B 222 -9.32 45.37 -16.78
C CYS B 222 -9.88 45.47 -18.19
N ARG B 223 -9.49 46.52 -18.91
CA ARG B 223 -9.99 46.78 -20.26
C ARG B 223 -8.95 46.33 -21.29
N ILE B 224 -9.31 45.34 -22.09
CA ILE B 224 -8.38 44.76 -23.05
C ILE B 224 -9.04 44.76 -24.42
N PRO B 225 -8.24 44.73 -25.50
CA PRO B 225 -8.79 44.82 -26.85
C PRO B 225 -9.76 43.69 -27.19
N LYS B 226 -10.51 43.91 -28.27
CA LYS B 226 -11.46 42.91 -28.76
C LYS B 226 -10.74 41.67 -29.29
N ASP B 227 -9.58 41.85 -29.91
CA ASP B 227 -8.85 40.77 -30.55
C ASP B 227 -8.01 39.95 -29.58
N ARG B 228 -8.18 40.18 -28.28
CA ARG B 228 -7.48 39.42 -27.25
C ARG B 228 -8.24 38.18 -26.82
N MET B 229 -9.41 37.91 -27.41
CA MET B 229 -10.15 36.69 -27.13
C MET B 229 -9.49 35.51 -27.85
N LEU B 230 -9.11 34.49 -27.09
CA LEU B 230 -8.46 33.32 -27.64
C LEU B 230 -9.50 32.25 -27.91
N GLY B 231 -9.65 31.88 -29.18
CA GLY B 231 -10.58 30.83 -29.55
C GLY B 231 -12.01 31.31 -29.73
N VAL B 232 -12.91 30.34 -29.76
CA VAL B 232 -14.33 30.61 -29.97
C VAL B 232 -14.96 31.10 -28.68
N ARG B 233 -15.95 31.99 -28.82
CA ARG B 233 -16.71 32.48 -27.68
C ARG B 233 -17.53 31.35 -27.08
N GLY B 234 -17.57 31.30 -25.74
CA GLY B 234 -18.33 30.30 -25.05
C GLY B 234 -17.68 28.93 -24.95
N LYS B 235 -16.60 28.69 -25.70
CA LYS B 235 -15.84 27.46 -25.60
C LYS B 235 -14.59 27.58 -24.73
N GLY B 236 -14.47 28.67 -23.97
CA GLY B 236 -13.26 28.88 -23.19
C GLY B 236 -12.97 27.76 -22.22
N PHE B 237 -14.01 27.17 -21.64
CA PHE B 237 -13.80 26.05 -20.73
C PHE B 237 -13.31 24.82 -21.48
N GLN B 238 -13.82 24.60 -22.70
CA GLN B 238 -13.25 23.54 -23.53
C GLN B 238 -11.79 23.81 -23.90
N LEU B 239 -11.43 25.09 -24.06
CA LEU B 239 -10.04 25.44 -24.29
C LEU B 239 -9.18 25.15 -23.07
N ALA B 240 -9.72 25.39 -21.88
CA ALA B 240 -8.97 25.16 -20.65
C ALA B 240 -8.74 23.67 -20.41
N MET B 241 -9.73 22.84 -20.71
CA MET B 241 -9.59 21.41 -20.45
C MET B 241 -8.68 20.75 -21.48
N ALA B 242 -8.59 21.31 -22.69
CA ALA B 242 -7.64 20.80 -23.67
C ALA B 242 -6.22 21.26 -23.36
N THR B 243 -6.08 22.47 -22.80
CA THR B 243 -4.77 22.94 -22.34
C THR B 243 -4.29 22.11 -21.16
N LEU B 244 -5.18 21.82 -20.20
CA LEU B 244 -4.80 21.04 -19.03
C LEU B 244 -4.32 19.64 -19.41
N ASP B 245 -4.89 19.04 -20.45
CA ASP B 245 -4.45 17.71 -20.87
C ASP B 245 -2.98 17.70 -21.24
N GLY B 246 -2.51 18.74 -21.92
CA GLY B 246 -1.09 18.83 -22.22
C GLY B 246 -0.27 19.17 -20.98
N GLY B 247 -0.79 20.07 -20.14
CA GLY B 247 -0.09 20.42 -18.92
C GLY B 247 0.11 19.23 -17.99
N ARG B 248 -0.86 18.34 -17.92
CA ARG B 248 -0.76 17.18 -17.04
C ARG B 248 0.37 16.26 -17.46
N ILE B 249 0.72 16.24 -18.74
CA ILE B 249 1.89 15.50 -19.17
C ILE B 249 3.16 16.12 -18.61
N GLY B 250 3.23 17.46 -18.61
CA GLY B 250 4.37 18.14 -18.03
C GLY B 250 4.51 17.91 -16.54
N ILE B 251 3.39 17.98 -15.81
CA ILE B 251 3.42 17.71 -14.38
C ILE B 251 3.80 16.25 -14.12
N ALA B 252 3.35 15.34 -15.00
CA ALA B 252 3.71 13.94 -14.87
C ALA B 252 5.22 13.75 -15.01
N SER B 253 5.83 14.42 -15.97
CA SER B 253 7.27 14.33 -16.13
C SER B 253 8.01 15.04 -14.99
N GLN B 254 7.38 16.04 -14.39
CA GLN B 254 7.96 16.69 -13.22
C GLN B 254 8.01 15.74 -12.04
N ALA B 255 6.87 15.10 -11.72
CA ALA B 255 6.83 14.10 -10.66
C ALA B 255 7.80 12.97 -10.94
N LEU B 256 7.85 12.50 -12.19
CA LEU B 256 8.80 11.46 -12.57
C LEU B 256 10.24 11.91 -12.31
N GLY B 257 10.56 13.16 -12.61
CA GLY B 257 11.92 13.64 -12.38
C GLY B 257 12.26 13.76 -10.92
N ILE B 258 11.31 14.22 -10.10
CA ILE B 258 11.54 14.31 -8.65
C ILE B 258 11.79 12.92 -8.07
N ALA B 259 11.02 11.93 -8.52
CA ALA B 259 11.26 10.56 -8.06
C ALA B 259 12.59 10.04 -8.56
N GLU B 260 12.93 10.33 -9.83
CA GLU B 260 14.19 9.87 -10.38
C GLU B 260 15.38 10.48 -9.64
N GLY B 261 15.33 11.79 -9.36
CA GLY B 261 16.43 12.41 -8.65
C GLY B 261 16.53 11.97 -7.21
N ALA B 262 15.38 11.76 -6.56
CA ALA B 262 15.39 11.26 -5.19
C ALA B 262 16.09 9.90 -5.11
N LEU B 263 15.74 9.00 -6.02
CA LEU B 263 16.37 7.68 -6.05
C LEU B 263 17.86 7.79 -6.33
N GLN B 264 18.25 8.64 -7.28
CA GLN B 264 19.66 8.82 -7.59
C GLN B 264 20.47 9.20 -6.36
N GLU B 265 20.04 10.24 -5.65
CA GLU B 265 20.73 10.65 -4.43
C GLU B 265 20.76 9.53 -3.40
N THR B 266 19.66 8.79 -3.28
CA THR B 266 19.58 7.71 -2.30
C THR B 266 20.57 6.60 -2.62
N VAL B 267 20.64 6.19 -3.89
CA VAL B 267 21.61 5.16 -4.28
C VAL B 267 23.02 5.61 -3.96
N ALA B 268 23.34 6.86 -4.29
CA ALA B 268 24.64 7.41 -3.94
C ALA B 268 24.89 7.34 -2.44
N TYR B 269 23.89 7.75 -1.64
CA TYR B 269 24.07 7.86 -0.20
C TYR B 269 24.28 6.50 0.45
N VAL B 270 23.52 5.48 0.03
CA VAL B 270 23.59 4.18 0.70
C VAL B 270 24.86 3.42 0.34
N LYS B 271 25.54 3.79 -0.76
CA LYS B 271 26.78 3.14 -1.10
C LYS B 271 27.93 3.61 -0.21
N GLU B 272 27.94 4.90 0.15
CA GLU B 272 29.05 5.47 0.89
C GLU B 272 28.82 5.45 2.41
N ARG B 273 27.59 5.66 2.87
CA ARG B 273 27.35 5.71 4.29
C ARG B 273 27.38 4.29 4.87
N LYS B 274 28.11 4.12 5.96
CA LYS B 274 28.38 2.81 6.54
C LYS B 274 27.64 2.67 7.87
N GLN B 275 27.25 1.43 8.18
CA GLN B 275 26.59 1.12 9.43
C GLN B 275 26.79 -0.35 9.74
N PHE B 276 27.01 -0.65 11.02
CA PHE B 276 27.29 -2.01 11.50
C PHE B 276 28.48 -2.63 10.78
N GLY B 277 29.38 -1.81 10.25
CA GLY B 277 30.58 -2.28 9.58
C GLY B 277 30.47 -2.37 8.07
N ARG B 278 29.26 -2.28 7.53
CA ARG B 278 29.02 -2.42 6.10
C ARG B 278 28.34 -1.19 5.55
N SER B 279 28.38 -1.04 4.24
CA SER B 279 27.55 -0.05 3.57
C SER B 279 26.08 -0.39 3.78
N ILE B 280 25.26 0.65 3.94
CA ILE B 280 23.82 0.44 4.06
C ILE B 280 23.29 -0.28 2.83
N SER B 281 23.92 -0.07 1.67
CA SER B 281 23.55 -0.79 0.46
C SER B 281 23.75 -2.30 0.58
N ALA B 282 24.49 -2.76 1.60
CA ALA B 282 24.72 -4.18 1.79
C ALA B 282 23.59 -4.88 2.53
N PHE B 283 22.60 -4.14 3.03
CA PHE B 283 21.51 -4.74 3.79
C PHE B 283 20.33 -5.00 2.86
N GLN B 284 19.77 -6.20 2.96
CA GLN B 284 18.77 -6.66 1.99
C GLN B 284 17.58 -5.72 1.90
N ASN B 285 17.15 -5.14 3.03
CA ASN B 285 16.00 -4.25 3.00
C ASN B 285 16.29 -3.00 2.18
N THR B 286 17.51 -2.46 2.29
CA THR B 286 17.88 -1.32 1.46
C THR B 286 17.83 -1.68 -0.02
N GLN B 287 18.34 -2.87 -0.38
CA GLN B 287 18.37 -3.27 -1.77
C GLN B 287 16.97 -3.43 -2.35
N PHE B 288 16.04 -3.99 -1.56
CA PHE B 288 14.71 -4.24 -2.07
C PHE B 288 13.89 -2.96 -2.17
N GLU B 289 14.06 -2.04 -1.21
CA GLU B 289 13.40 -0.74 -1.32
C GLU B 289 13.83 -0.01 -2.58
N LEU B 290 15.14 0.03 -2.84
CA LEU B 290 15.63 0.68 -4.05
C LEU B 290 15.17 -0.05 -5.31
N ALA B 291 15.22 -1.38 -5.29
CA ALA B 291 14.79 -2.16 -6.45
C ALA B 291 13.32 -1.92 -6.76
N GLU B 292 12.47 -2.01 -5.75
CA GLU B 292 11.03 -1.83 -5.97
C GLU B 292 10.73 -0.42 -6.45
N MET B 293 11.36 0.59 -5.85
CA MET B 293 11.15 1.97 -6.28
C MET B 293 11.61 2.17 -7.71
N LYS B 294 12.75 1.59 -8.09
CA LYS B 294 13.26 1.74 -9.45
C LYS B 294 12.26 1.18 -10.46
N ALA B 295 11.67 0.02 -10.18
CA ALA B 295 10.72 -0.58 -11.11
C ALA B 295 9.45 0.26 -11.21
N ARG B 296 9.01 0.85 -10.09
CA ARG B 296 7.83 1.71 -10.12
C ARG B 296 8.11 3.00 -10.89
N ILE B 297 9.33 3.52 -10.79
CA ILE B 297 9.68 4.75 -11.49
C ILE B 297 9.73 4.51 -13.00
N GLU B 298 10.29 3.37 -13.41
CA GLU B 298 10.31 3.03 -14.84
C GLU B 298 8.91 2.87 -15.38
N ALA B 299 8.02 2.25 -14.59
CA ALA B 299 6.63 2.10 -15.03
C ALA B 299 5.97 3.45 -15.26
N ALA B 300 6.16 4.39 -14.33
CA ALA B 300 5.64 5.74 -14.51
C ALA B 300 6.26 6.42 -15.73
N LYS B 301 7.58 6.30 -15.89
CA LYS B 301 8.27 6.96 -17.00
C LYS B 301 7.66 6.58 -18.35
N TYR B 302 7.42 5.29 -18.57
CA TYR B 302 6.81 4.82 -19.81
C TYR B 302 5.42 5.40 -20.00
N LEU B 303 4.66 5.54 -18.90
CA LEU B 303 3.36 6.20 -18.97
C LEU B 303 3.50 7.64 -19.45
N VAL B 304 4.46 8.37 -18.88
CA VAL B 304 4.67 9.76 -19.23
C VAL B 304 5.05 9.88 -20.70
N TYR B 305 6.06 9.11 -21.14
CA TYR B 305 6.47 9.20 -22.53
C TYR B 305 5.38 8.73 -23.49
N ALA B 306 4.57 7.75 -23.07
CA ALA B 306 3.45 7.31 -23.92
C ALA B 306 2.45 8.43 -24.12
N ALA B 307 2.12 9.17 -23.06
CA ALA B 307 1.22 10.31 -23.19
C ALA B 307 1.83 11.39 -24.09
N ALA B 308 3.09 11.72 -23.85
CA ALA B 308 3.77 12.75 -24.63
C ALA B 308 3.72 12.46 -26.11
N LEU B 309 3.69 11.19 -26.50
CA LEU B 309 3.71 10.82 -27.91
C LEU B 309 2.31 10.74 -28.51
N LYS B 310 1.31 10.33 -27.72
CA LYS B 310 -0.07 10.47 -28.17
C LYS B 310 -0.39 11.94 -28.45
N LYS B 311 0.07 12.84 -27.59
CA LYS B 311 -0.07 14.27 -27.87
C LYS B 311 0.68 14.66 -29.14
N GLN B 312 1.87 14.09 -29.33
CA GLN B 312 2.63 14.35 -30.55
C GLN B 312 1.84 13.90 -31.79
N GLU B 313 1.13 12.79 -31.67
CA GLU B 313 0.26 12.34 -32.76
C GLU B 313 -0.82 13.38 -33.06
N ALA B 314 -1.48 13.89 -32.02
CA ALA B 314 -2.54 14.86 -32.21
C ALA B 314 -2.02 16.15 -32.83
N MET B 315 -0.78 16.53 -32.51
CA MET B 315 -0.20 17.74 -33.08
C MET B 315 0.21 17.56 -34.53
N ASN B 316 0.33 16.32 -35.00
CA ASN B 316 0.76 16.01 -36.36
C ASN B 316 -0.41 15.75 -37.31
N GLY B 317 -1.65 15.92 -36.84
CA GLY B 317 -2.83 15.69 -37.66
C GLY B 317 -3.63 14.47 -37.28
N ALA B 318 -3.02 13.49 -36.62
CA ALA B 318 -3.72 12.27 -36.23
C ALA B 318 -4.77 12.61 -35.19
N LYS B 319 -6.05 12.54 -35.57
CA LYS B 319 -7.15 13.00 -34.73
C LYS B 319 -7.41 11.95 -33.65
N VAL B 320 -6.56 11.98 -32.62
CA VAL B 320 -6.72 11.15 -31.45
C VAL B 320 -6.87 12.05 -30.24
N ARG B 321 -7.38 11.47 -29.14
CA ARG B 321 -7.45 12.14 -27.86
C ARG B 321 -6.39 11.59 -26.94
N TYR B 322 -5.77 12.47 -26.15
CA TYR B 322 -4.73 12.07 -25.21
C TYR B 322 -5.06 12.47 -23.78
N SER B 323 -6.33 12.78 -23.51
CA SER B 323 -6.74 13.16 -22.16
C SER B 323 -6.52 12.02 -21.17
N VAL B 324 -6.95 10.80 -21.54
CA VAL B 324 -6.87 9.68 -20.62
C VAL B 324 -5.42 9.28 -20.40
N GLU B 325 -4.61 9.27 -21.46
CA GLU B 325 -3.19 8.98 -21.31
C GLU B 325 -2.52 9.97 -20.37
N ALA B 326 -2.80 11.26 -20.54
CA ALA B 326 -2.29 12.26 -19.61
C ALA B 326 -2.81 12.03 -18.20
N ALA B 327 -4.10 11.73 -18.07
CA ALA B 327 -4.68 11.50 -16.76
C ALA B 327 -4.01 10.32 -16.05
N GLN B 328 -3.74 9.25 -16.79
CA GLN B 328 -3.06 8.10 -16.20
C GLN B 328 -1.65 8.45 -15.76
N ALA B 329 -0.89 9.13 -16.63
CA ALA B 329 0.48 9.49 -16.31
C ALA B 329 0.56 10.43 -15.11
N LYS B 330 -0.28 11.47 -15.12
CA LYS B 330 -0.34 12.38 -13.97
C LYS B 330 -0.67 11.63 -12.69
N LEU B 331 -1.60 10.68 -12.75
CA LEU B 331 -2.02 9.95 -11.56
C LEU B 331 -0.90 9.08 -11.01
N ILE B 332 -0.28 8.27 -11.86
CA ILE B 332 0.68 7.29 -11.38
C ILE B 332 2.00 7.97 -11.01
N ALA B 333 2.47 8.90 -11.84
CA ALA B 333 3.76 9.52 -11.56
C ALA B 333 3.72 10.38 -10.30
N ALA B 334 2.59 11.01 -9.99
CA ALA B 334 2.52 11.82 -8.79
C ALA B 334 2.51 10.95 -7.54
N ARG B 335 1.77 9.85 -7.56
CA ARG B 335 1.76 8.96 -6.40
C ARG B 335 3.09 8.23 -6.23
N THR B 336 3.80 7.96 -7.33
CA THR B 336 5.12 7.36 -7.22
C THR B 336 6.11 8.33 -6.60
N ALA B 337 6.06 9.61 -7.01
CA ALA B 337 6.96 10.61 -6.45
C ALA B 337 6.81 10.73 -4.94
N SER B 338 5.57 10.89 -4.47
CA SER B 338 5.34 11.01 -3.03
C SER B 338 5.75 9.75 -2.30
N ASP B 339 5.48 8.58 -2.88
CA ASP B 339 5.89 7.32 -2.27
C ASP B 339 7.41 7.20 -2.21
N VAL B 340 8.08 7.47 -3.34
CA VAL B 340 9.52 7.22 -3.44
C VAL B 340 10.29 8.14 -2.49
N THR B 341 9.96 9.44 -2.48
CA THR B 341 10.70 10.38 -1.65
C THR B 341 10.55 10.07 -0.17
N ARG B 342 9.35 9.66 0.25
CA ARG B 342 9.14 9.27 1.64
C ARG B 342 10.05 8.10 2.01
N ARG B 343 10.08 7.06 1.19
CA ARG B 343 10.88 5.88 1.50
C ARG B 343 12.37 6.13 1.29
N CYS B 344 12.73 6.96 0.31
CA CYS B 344 14.12 7.36 0.14
C CYS B 344 14.62 8.12 1.36
N LEU B 345 13.78 8.98 1.93
CA LEU B 345 14.19 9.73 3.12
C LEU B 345 14.47 8.79 4.29
N GLN B 346 13.70 7.72 4.41
CA GLN B 346 13.95 6.73 5.45
C GLN B 346 15.35 6.13 5.32
N LEU B 347 15.75 5.78 4.10
CA LEU B 347 17.06 5.19 3.89
C LEU B 347 18.20 6.15 4.21
N PHE B 348 17.94 7.46 4.18
CA PHE B 348 18.92 8.44 4.63
C PHE B 348 19.07 8.46 6.15
N GLY B 349 18.07 7.96 6.88
CA GLY B 349 18.10 8.08 8.32
C GLY B 349 17.92 9.52 8.77
N GLY B 350 18.54 9.85 9.91
CA GLY B 350 18.41 11.19 10.46
C GLY B 350 18.95 12.27 9.56
N TYR B 351 19.97 11.96 8.75
CA TYR B 351 20.56 12.95 7.86
C TYR B 351 19.59 13.41 6.78
N GLY B 352 18.61 12.59 6.42
CA GLY B 352 17.61 12.99 5.45
C GLY B 352 16.58 13.97 5.96
N TYR B 353 16.48 14.15 7.27
CA TYR B 353 15.55 15.11 7.85
C TYR B 353 16.09 16.52 7.87
N THR B 354 17.39 16.71 7.63
CA THR B 354 17.99 18.02 7.64
C THR B 354 18.10 18.55 6.20
N ARG B 355 18.38 19.85 6.10
CA ARG B 355 18.54 20.49 4.80
C ARG B 355 19.91 20.23 4.17
N ASP B 356 20.81 19.53 4.87
CA ASP B 356 22.10 19.17 4.28
C ASP B 356 21.91 18.45 2.95
N TYR B 357 20.95 17.53 2.89
CA TYR B 357 20.63 16.80 1.67
C TYR B 357 19.34 17.33 1.07
N PRO B 358 19.07 17.03 -0.20
CA PRO B 358 17.86 17.54 -0.85
C PRO B 358 16.65 16.63 -0.80
N ILE B 359 16.72 15.53 -0.06
CA ILE B 359 15.61 14.57 -0.04
C ILE B 359 14.37 15.19 0.57
N GLU B 360 14.54 15.97 1.65
CA GLU B 360 13.38 16.60 2.29
C GLU B 360 12.72 17.61 1.37
N ARG B 361 13.51 18.31 0.55
CA ARG B 361 12.93 19.23 -0.43
C ARG B 361 12.18 18.47 -1.52
N MET B 362 12.74 17.33 -1.95
CA MET B 362 12.08 16.53 -2.98
C MET B 362 10.78 15.94 -2.50
N MET B 363 10.71 15.54 -1.23
CA MET B 363 9.46 15.07 -0.65
C MET B 363 8.42 16.19 -0.65
N ARG B 364 8.80 17.36 -0.12
CA ARG B 364 7.90 18.51 -0.13
C ARG B 364 7.49 18.87 -1.55
N ASP B 365 8.43 18.83 -2.49
CA ASP B 365 8.10 19.14 -3.88
C ASP B 365 7.21 18.08 -4.51
N ALA B 366 7.32 16.83 -4.05
CA ALA B 366 6.56 15.75 -4.69
C ALA B 366 5.07 15.85 -4.38
N LYS B 367 4.70 16.38 -3.22
CA LYS B 367 3.30 16.38 -2.81
C LYS B 367 2.45 17.22 -3.74
N ILE B 368 2.99 18.36 -4.20
CA ILE B 368 2.21 19.26 -5.03
C ILE B 368 1.79 18.60 -6.33
N THR B 369 2.62 17.66 -6.85
CA THR B 369 2.29 16.99 -8.09
C THR B 369 0.99 16.21 -8.00
N GLU B 370 0.62 15.78 -6.80
CA GLU B 370 -0.65 15.11 -6.58
C GLU B 370 -1.85 16.06 -6.65
N ILE B 371 -1.61 17.38 -6.70
CA ILE B 371 -2.70 18.33 -6.48
C ILE B 371 -2.93 19.26 -7.67
N TYR B 372 -1.91 20.04 -8.06
CA TYR B 372 -2.21 21.13 -8.98
C TYR B 372 -2.31 20.64 -10.42
N GLU B 373 -2.91 21.51 -11.25
CA GLU B 373 -3.32 21.17 -12.62
C GLU B 373 -4.30 20.01 -12.63
N GLY B 374 -5.11 19.89 -11.58
CA GLY B 374 -6.06 18.80 -11.46
C GLY B 374 -5.56 17.76 -10.49
N THR B 375 -6.34 17.50 -9.45
CA THR B 375 -5.94 16.56 -8.42
C THR B 375 -5.98 15.12 -8.96
N SER B 376 -5.41 14.21 -8.18
CA SER B 376 -5.49 12.79 -8.49
C SER B 376 -6.94 12.32 -8.55
N GLU B 377 -7.81 12.89 -7.72
CA GLU B 377 -9.22 12.56 -7.81
C GLU B 377 -9.79 12.99 -9.15
N VAL B 378 -9.41 14.19 -9.63
CA VAL B 378 -9.85 14.64 -10.95
C VAL B 378 -9.35 13.69 -12.03
N GLN B 379 -8.10 13.26 -11.92
CA GLN B 379 -7.55 12.33 -12.91
C GLN B 379 -8.33 11.02 -12.93
N MET B 380 -8.75 10.55 -11.77
CA MET B 380 -9.59 9.35 -11.72
C MET B 380 -10.97 9.61 -12.30
N MET B 381 -11.47 10.85 -12.21
CA MET B 381 -12.73 11.20 -12.86
C MET B 381 -12.60 11.09 -14.38
N VAL B 382 -11.52 11.65 -14.93
CA VAL B 382 -11.29 11.59 -16.37
C VAL B 382 -11.16 10.14 -16.83
N ILE B 383 -10.40 9.34 -16.10
CA ILE B 383 -10.14 7.96 -16.52
C ILE B 383 -11.41 7.13 -16.48
N SER B 384 -12.12 7.16 -15.36
CA SER B 384 -13.32 6.34 -15.24
C SER B 384 -14.43 6.80 -16.17
N GLY B 385 -14.48 8.10 -16.49
CA GLY B 385 -15.49 8.59 -17.41
C GLY B 385 -15.36 7.99 -18.79
N ALA B 386 -14.13 7.80 -19.27
CA ALA B 386 -13.91 7.16 -20.56
C ALA B 386 -14.11 5.65 -20.47
N LEU B 387 -13.65 5.05 -19.37
CA LEU B 387 -13.78 3.60 -19.19
C LEU B 387 -15.23 3.19 -19.09
N LEU B 388 -16.00 3.87 -18.25
CA LEU B 388 -17.40 3.53 -18.01
C LEU B 388 -18.35 4.06 -19.08
N LYS B 389 -17.84 4.67 -20.13
CA LYS B 389 -18.70 5.11 -21.23
C LYS B 389 -19.03 3.91 -22.11
N MET C 11 3.12 -3.51 -38.50
CA MET C 11 2.09 -4.25 -39.21
C MET C 11 1.95 -5.66 -38.67
N VAL C 12 2.97 -6.17 -37.99
CA VAL C 12 2.82 -7.42 -37.25
C VAL C 12 2.34 -7.20 -35.81
N GLN C 13 2.60 -6.04 -35.22
CA GLN C 13 2.24 -5.77 -33.82
C GLN C 13 0.76 -5.47 -33.64
N LYS C 14 0.27 -4.43 -34.31
CA LYS C 14 -1.17 -4.11 -34.29
C LYS C 14 -1.96 -5.32 -34.77
N MET C 15 -1.41 -5.99 -35.76
CA MET C 15 -2.05 -7.09 -36.45
C MET C 15 -2.37 -8.25 -35.52
N TYR C 16 -1.33 -8.83 -34.93
CA TYR C 16 -1.46 -10.06 -34.17
C TYR C 16 -2.32 -9.87 -32.95
N ARG C 17 -2.39 -8.64 -32.44
CA ARG C 17 -3.19 -8.36 -31.25
C ARG C 17 -4.66 -8.73 -31.46
N GLU C 18 -5.20 -8.50 -32.67
CA GLU C 18 -6.55 -8.95 -32.97
C GLU C 18 -6.60 -10.46 -33.19
N PHE C 19 -5.61 -10.99 -33.90
CA PHE C 19 -5.42 -12.43 -34.03
C PHE C 19 -5.59 -13.11 -32.68
N ALA C 20 -4.78 -12.68 -31.70
CA ALA C 20 -4.84 -13.27 -30.37
C ALA C 20 -6.10 -12.87 -29.61
N GLU C 21 -6.71 -11.73 -29.95
CA GLU C 21 -7.91 -11.29 -29.23
C GLU C 21 -9.12 -12.12 -29.63
N ASN C 22 -9.19 -12.53 -30.89
CA ASN C 22 -10.31 -13.33 -31.35
C ASN C 22 -10.24 -14.74 -30.76
N GLU C 23 -9.06 -15.31 -30.59
CA GLU C 23 -9.00 -16.59 -29.88
C GLU C 23 -9.29 -16.35 -28.41
N VAL C 24 -10.35 -17.02 -27.95
CA VAL C 24 -11.20 -16.68 -26.81
C VAL C 24 -11.46 -17.93 -25.98
N LYS C 25 -12.27 -17.78 -24.92
CA LYS C 25 -12.21 -18.61 -23.72
C LYS C 25 -13.53 -19.27 -23.33
N PRO C 26 -14.23 -19.93 -24.26
CA PRO C 26 -15.34 -20.77 -23.82
C PRO C 26 -14.90 -21.99 -23.02
N LEU C 27 -13.60 -22.21 -22.86
CA LEU C 27 -13.07 -23.42 -22.26
C LEU C 27 -12.38 -23.21 -20.91
N ALA C 28 -12.27 -21.96 -20.46
CA ALA C 28 -11.41 -21.68 -19.30
C ALA C 28 -11.98 -22.27 -18.01
N LYS C 29 -13.32 -22.31 -17.88
CA LYS C 29 -13.93 -22.79 -16.65
C LYS C 29 -13.65 -24.28 -16.43
N LYS C 30 -13.80 -25.09 -17.47
CA LYS C 30 -13.57 -26.53 -17.32
C LYS C 30 -12.08 -26.83 -17.19
N VAL C 31 -11.22 -26.05 -17.85
CA VAL C 31 -9.78 -26.21 -17.70
C VAL C 31 -9.38 -26.04 -16.24
N ASP C 32 -9.90 -24.99 -15.60
CA ASP C 32 -9.58 -24.74 -14.19
C ASP C 32 -10.27 -25.75 -13.28
N ALA C 33 -11.58 -25.95 -13.48
CA ALA C 33 -12.36 -26.74 -12.53
C ALA C 33 -11.98 -28.21 -12.57
N GLU C 34 -11.48 -28.70 -13.69
CA GLU C 34 -11.25 -30.13 -13.88
C GLU C 34 -9.78 -30.51 -14.02
N GLU C 35 -8.86 -29.58 -13.74
CA GLU C 35 -7.42 -29.85 -13.84
C GLU C 35 -7.07 -30.39 -15.23
N TYR C 36 -7.72 -29.84 -16.25
CA TYR C 36 -7.77 -30.43 -17.57
C TYR C 36 -6.85 -29.67 -18.52
N PHE C 37 -5.86 -30.37 -19.07
CA PHE C 37 -4.93 -29.76 -20.01
C PHE C 37 -5.63 -29.53 -21.35
N PRO C 38 -5.64 -28.31 -21.88
CA PRO C 38 -6.37 -27.99 -23.12
C PRO C 38 -5.62 -28.33 -24.41
N LYS C 39 -5.61 -29.62 -24.77
CA LYS C 39 -4.95 -30.02 -26.01
C LYS C 39 -5.66 -29.50 -27.26
N GLU C 40 -6.97 -29.23 -27.17
CA GLU C 40 -7.66 -28.62 -28.31
C GLU C 40 -7.06 -27.25 -28.62
N THR C 41 -6.85 -26.43 -27.59
CA THR C 41 -6.31 -25.09 -27.81
C THR C 41 -4.88 -25.15 -28.31
N VAL C 42 -4.09 -26.11 -27.79
CA VAL C 42 -2.69 -26.19 -28.18
C VAL C 42 -2.56 -26.52 -29.66
N GLU C 43 -3.33 -27.50 -30.13
CA GLU C 43 -3.21 -27.92 -31.53
C GLU C 43 -3.77 -26.86 -32.49
N LYS C 44 -4.86 -26.20 -32.09
CA LYS C 44 -5.31 -25.04 -32.86
C LYS C 44 -4.20 -24.00 -32.97
N MET C 45 -3.48 -23.77 -31.88
CA MET C 45 -2.40 -22.80 -31.88
C MET C 45 -1.27 -23.22 -32.82
N GLY C 46 -0.94 -24.51 -32.81
CA GLY C 46 0.05 -25.01 -33.75
C GLY C 46 -0.36 -24.76 -35.18
N LYS C 47 -1.60 -25.12 -35.52
CA LYS C 47 -2.13 -24.85 -36.85
C LYS C 47 -2.18 -23.36 -37.18
N LEU C 48 -2.06 -22.49 -36.18
CA LEU C 48 -2.09 -21.06 -36.39
C LEU C 48 -0.73 -20.39 -36.24
N GLY C 49 0.32 -21.16 -35.90
CA GLY C 49 1.64 -20.60 -35.76
C GLY C 49 1.91 -19.90 -34.45
N MET C 50 1.09 -20.13 -33.43
CA MET C 50 1.21 -19.41 -32.16
C MET C 50 2.19 -20.06 -31.19
N MET C 51 2.80 -21.19 -31.55
CA MET C 51 3.84 -21.80 -30.73
C MET C 51 5.24 -21.47 -31.23
N GLY C 52 5.35 -20.71 -32.31
CA GLY C 52 6.63 -20.37 -32.92
C GLY C 52 6.78 -18.92 -33.30
N ILE C 53 6.16 -18.02 -32.55
CA ILE C 53 5.77 -16.71 -33.10
C ILE C 53 7.00 -15.90 -33.52
N TYR C 54 7.91 -15.62 -32.59
CA TYR C 54 9.01 -14.72 -32.89
C TYR C 54 10.24 -15.43 -33.46
N PHE C 55 10.11 -16.69 -33.86
CA PHE C 55 11.24 -17.38 -34.44
C PHE C 55 11.20 -17.29 -35.96
N PRO C 56 12.36 -17.20 -36.61
CA PRO C 56 12.38 -17.06 -38.07
C PRO C 56 11.82 -18.28 -38.76
N THR C 57 11.31 -18.06 -39.99
CA THR C 57 10.74 -19.16 -40.76
C THR C 57 11.78 -20.19 -41.15
N SER C 58 13.07 -19.84 -41.14
CA SER C 58 14.13 -20.77 -41.48
C SER C 58 14.26 -21.91 -40.49
N VAL C 59 13.61 -21.82 -39.32
CA VAL C 59 13.67 -22.86 -38.31
C VAL C 59 12.29 -23.44 -38.01
N GLY C 60 11.27 -23.05 -38.77
CA GLY C 60 9.92 -23.51 -38.56
C GLY C 60 8.99 -22.51 -37.93
N GLY C 61 9.51 -21.35 -37.49
CA GLY C 61 8.70 -20.36 -36.82
C GLY C 61 7.84 -19.56 -37.79
N ALA C 62 7.00 -18.72 -37.20
CA ALA C 62 6.06 -17.89 -37.96
C ALA C 62 6.67 -16.58 -38.44
N GLY C 63 7.93 -16.32 -38.14
CA GLY C 63 8.58 -15.10 -38.59
C GLY C 63 8.05 -13.82 -37.98
N GLY C 64 7.61 -13.88 -36.72
CA GLY C 64 7.14 -12.71 -36.03
C GLY C 64 8.20 -12.09 -35.14
N ASP C 65 7.80 -11.07 -34.39
CA ASP C 65 8.68 -10.38 -33.48
C ASP C 65 8.32 -10.70 -32.03
N VAL C 66 9.25 -10.38 -31.13
CA VAL C 66 9.07 -10.73 -29.72
C VAL C 66 7.83 -10.06 -29.15
N LEU C 67 7.53 -8.84 -29.60
CA LEU C 67 6.37 -8.13 -29.06
C LEU C 67 5.07 -8.84 -29.42
N SER C 68 4.97 -9.36 -30.64
CA SER C 68 3.77 -10.10 -31.02
C SER C 68 3.58 -11.35 -30.17
N TYR C 69 4.70 -11.99 -29.80
CA TYR C 69 4.62 -13.12 -28.87
C TYR C 69 4.09 -12.68 -27.52
N VAL C 70 4.64 -11.58 -26.98
CA VAL C 70 4.16 -11.04 -25.72
C VAL C 70 2.67 -10.72 -25.79
N MET C 71 2.23 -10.11 -26.89
CA MET C 71 0.83 -9.77 -27.03
C MET C 71 -0.05 -11.01 -27.05
N ALA C 72 0.39 -12.06 -27.74
CA ALA C 72 -0.39 -13.30 -27.77
C ALA C 72 -0.58 -13.86 -26.36
N VAL C 73 0.51 -13.95 -25.59
CA VAL C 73 0.42 -14.43 -24.22
C VAL C 73 -0.55 -13.57 -23.40
N GLU C 74 -0.45 -12.26 -23.55
CA GLU C 74 -1.31 -11.34 -22.79
C GLU C 74 -2.78 -11.54 -23.16
N GLU C 75 -3.08 -11.68 -24.45
CA GLU C 75 -4.47 -11.87 -24.87
C GLU C 75 -5.02 -13.20 -24.38
N LEU C 76 -4.23 -14.27 -24.49
CA LEU C 76 -4.63 -15.56 -23.94
C LEU C 76 -4.83 -15.47 -22.44
N SER C 77 -3.87 -14.85 -21.73
CA SER C 77 -3.94 -14.77 -20.28
C SER C 77 -5.09 -13.90 -19.79
N LYS C 78 -5.64 -13.03 -20.65
CA LYS C 78 -6.79 -12.24 -20.23
C LYS C 78 -7.96 -13.16 -19.94
N VAL C 79 -8.03 -14.27 -20.65
CA VAL C 79 -9.15 -15.16 -20.57
C VAL C 79 -8.83 -16.52 -19.95
N CYS C 80 -7.58 -16.99 -20.04
CA CYS C 80 -7.18 -18.25 -19.42
C CYS C 80 -5.69 -18.15 -19.10
N GLY C 81 -5.39 -17.92 -17.81
CA GLY C 81 -3.99 -17.90 -17.39
C GLY C 81 -3.25 -19.19 -17.68
N THR C 82 -3.96 -20.32 -17.61
CA THR C 82 -3.34 -21.61 -17.89
C THR C 82 -2.85 -21.70 -19.32
N THR C 83 -3.70 -21.28 -20.27
CA THR C 83 -3.30 -21.33 -21.68
C THR C 83 -2.10 -20.43 -21.94
N GLY C 84 -2.08 -19.25 -21.31
CA GLY C 84 -0.96 -18.34 -21.51
C GLY C 84 0.36 -18.90 -21.02
N VAL C 85 0.35 -19.68 -19.94
CA VAL C 85 1.61 -20.20 -19.43
C VAL C 85 2.07 -21.43 -20.20
N ILE C 86 1.13 -22.21 -20.75
CA ILE C 86 1.52 -23.35 -21.58
C ILE C 86 2.30 -22.86 -22.80
N VAL C 87 1.77 -21.85 -23.48
CA VAL C 87 2.48 -21.25 -24.60
C VAL C 87 3.78 -20.62 -24.14
N SER C 88 3.70 -19.72 -23.15
CA SER C 88 4.87 -18.97 -22.71
C SER C 88 6.02 -19.89 -22.31
N ALA C 89 5.74 -20.90 -21.49
CA ALA C 89 6.78 -21.83 -21.09
C ALA C 89 7.35 -22.57 -22.30
N HIS C 90 6.46 -23.08 -23.17
CA HIS C 90 6.92 -23.81 -24.35
C HIS C 90 7.78 -22.93 -25.26
N THR C 91 7.39 -21.66 -25.42
CA THR C 91 8.15 -20.77 -26.30
C THR C 91 9.42 -20.25 -25.64
N SER C 92 9.27 -19.58 -24.49
CA SER C 92 10.39 -18.87 -23.89
C SER C 92 11.39 -19.79 -23.20
N LEU C 93 10.95 -20.95 -22.71
CA LEU C 93 11.81 -21.78 -21.89
C LEU C 93 12.32 -23.04 -22.57
N CYS C 94 11.69 -23.49 -23.64
CA CYS C 94 12.21 -24.63 -24.40
C CYS C 94 12.64 -24.26 -25.80
N ALA C 95 11.78 -23.59 -26.58
CA ALA C 95 12.15 -23.25 -27.94
C ALA C 95 13.18 -22.13 -28.00
N ALA C 96 13.12 -21.19 -27.05
CA ALA C 96 14.06 -20.08 -27.08
C ALA C 96 15.50 -20.50 -26.83
N PRO C 97 15.83 -21.30 -25.80
CA PRO C 97 17.24 -21.64 -25.60
C PRO C 97 17.81 -22.52 -26.69
N ILE C 98 16.99 -23.38 -27.32
CA ILE C 98 17.46 -24.14 -28.48
C ILE C 98 17.85 -23.19 -29.60
N TYR C 99 16.96 -22.25 -29.95
CA TYR C 99 17.25 -21.32 -31.03
C TYR C 99 18.42 -20.40 -30.69
N GLU C 100 18.56 -20.02 -29.42
CA GLU C 100 19.53 -19.01 -29.03
C GLU C 100 20.92 -19.58 -28.75
N ASN C 101 21.03 -20.84 -28.36
CA ASN C 101 22.32 -21.45 -28.09
C ASN C 101 22.60 -22.73 -28.88
N GLY C 102 21.61 -23.27 -29.60
CA GLY C 102 21.80 -24.53 -30.27
C GLY C 102 22.56 -24.41 -31.57
N THR C 103 23.01 -25.56 -32.06
CA THR C 103 23.73 -25.65 -33.32
C THR C 103 22.74 -25.75 -34.48
N PRO C 104 23.20 -25.53 -35.72
CA PRO C 104 22.31 -25.74 -36.87
C PRO C 104 21.63 -27.11 -36.89
N GLU C 105 22.37 -28.17 -36.55
CA GLU C 105 21.76 -29.50 -36.47
C GLU C 105 20.73 -29.55 -35.34
N GLN C 106 21.09 -29.04 -34.17
CA GLN C 106 20.15 -29.02 -33.04
C GLN C 106 18.91 -28.20 -33.38
N LYS C 107 19.11 -27.04 -34.01
CA LYS C 107 17.96 -26.20 -34.42
C LYS C 107 17.05 -26.97 -35.36
N GLU C 108 17.61 -27.61 -36.39
CA GLU C 108 16.80 -28.27 -37.41
C GLU C 108 16.09 -29.49 -36.86
N LYS C 109 16.69 -30.19 -35.88
CA LYS C 109 16.06 -31.40 -35.35
C LYS C 109 14.91 -31.09 -34.40
N TYR C 110 14.89 -29.92 -33.77
CA TYR C 110 13.95 -29.64 -32.69
C TYR C 110 13.03 -28.45 -32.95
N LEU C 111 13.53 -27.39 -33.56
CA LEU C 111 12.72 -26.18 -33.71
C LEU C 111 11.55 -26.32 -34.67
N PRO C 112 11.68 -27.01 -35.81
CA PRO C 112 10.51 -27.16 -36.68
C PRO C 112 9.32 -27.84 -36.01
N LYS C 113 9.58 -28.85 -35.17
CA LYS C 113 8.48 -29.55 -34.50
C LYS C 113 7.95 -28.78 -33.30
N LEU C 114 8.75 -27.89 -32.71
CA LEU C 114 8.26 -27.08 -31.61
C LEU C 114 7.46 -25.88 -32.09
N CYS C 115 7.93 -25.23 -33.18
CA CYS C 115 7.25 -24.04 -33.67
C CYS C 115 5.97 -24.36 -34.42
N SER C 116 5.80 -25.59 -34.90
CA SER C 116 4.58 -26.00 -35.58
C SER C 116 3.51 -26.51 -34.61
N GLY C 117 3.87 -26.79 -33.36
CA GLY C 117 2.94 -27.35 -32.41
C GLY C 117 3.00 -28.86 -32.29
N GLU C 118 3.73 -29.54 -33.17
CA GLU C 118 3.81 -30.99 -33.13
C GLU C 118 4.43 -31.48 -31.82
N TRP C 119 5.40 -30.75 -31.30
CA TRP C 119 6.05 -31.09 -30.04
C TRP C 119 5.82 -29.97 -29.02
N LEU C 120 5.51 -30.36 -27.79
CA LEU C 120 5.38 -29.43 -26.69
C LEU C 120 6.68 -29.42 -25.91
N GLY C 121 7.06 -28.24 -25.42
CA GLY C 121 8.34 -28.05 -24.77
C GLY C 121 8.19 -27.74 -23.30
N ALA C 122 9.16 -28.19 -22.51
CA ALA C 122 9.20 -27.92 -21.08
C ALA C 122 10.63 -27.57 -20.71
N PHE C 123 10.84 -27.24 -19.45
CA PHE C 123 12.15 -26.78 -18.98
C PHE C 123 12.29 -27.16 -17.52
N GLY C 124 13.33 -27.92 -17.20
CA GLY C 124 13.55 -28.25 -15.81
C GLY C 124 14.83 -27.69 -15.22
N LEU C 125 14.67 -26.76 -14.29
CA LEU C 125 15.75 -26.26 -13.46
C LEU C 125 15.52 -26.55 -11.98
N THR C 126 14.31 -26.28 -11.49
CA THR C 126 14.02 -26.32 -10.07
C THR C 126 14.11 -27.73 -9.51
N GLU C 127 14.75 -27.86 -8.36
CA GLU C 127 14.91 -29.09 -7.62
C GLU C 127 14.35 -28.92 -6.22
N PRO C 128 14.13 -30.03 -5.48
CA PRO C 128 13.54 -29.90 -4.15
C PRO C 128 14.30 -28.96 -3.22
N GLY C 129 15.61 -29.11 -3.12
CA GLY C 129 16.40 -28.25 -2.27
C GLY C 129 17.11 -27.10 -2.96
N ALA C 130 16.90 -26.89 -4.26
CA ALA C 130 17.61 -25.83 -4.97
C ALA C 130 16.67 -25.05 -5.89
N GLY C 131 15.48 -24.72 -5.41
CA GLY C 131 14.63 -23.92 -6.26
C GLY C 131 15.10 -22.50 -6.48
N THR C 132 15.11 -21.68 -5.42
CA THR C 132 15.69 -20.35 -5.52
C THR C 132 17.21 -20.41 -5.63
N ASP C 133 17.84 -21.36 -4.93
CA ASP C 133 19.28 -21.57 -5.05
C ASP C 133 19.57 -22.49 -6.25
N ALA C 134 19.20 -21.99 -7.43
CA ALA C 134 19.32 -22.78 -8.65
C ALA C 134 20.76 -23.13 -9.01
N GLN C 135 21.74 -22.60 -8.28
CA GLN C 135 23.12 -22.98 -8.58
C GLN C 135 23.55 -24.19 -7.78
N GLY C 136 22.98 -24.36 -6.57
CA GLY C 136 23.38 -25.46 -5.72
C GLY C 136 22.55 -26.69 -5.94
N GLN C 137 22.44 -27.15 -7.19
CA GLN C 137 21.56 -28.27 -7.45
C GLN C 137 22.35 -29.58 -7.42
N GLN C 138 21.64 -30.69 -7.58
CA GLN C 138 22.22 -32.00 -7.35
C GLN C 138 21.88 -33.03 -8.42
N THR C 139 21.09 -32.70 -9.44
CA THR C 139 21.02 -33.56 -10.62
C THR C 139 22.35 -33.54 -11.34
N THR C 140 22.88 -34.72 -11.66
CA THR C 140 24.23 -34.83 -12.20
C THR C 140 24.21 -35.49 -13.57
N ALA C 141 25.29 -35.24 -14.32
CA ALA C 141 25.46 -35.78 -15.65
C ALA C 141 26.92 -36.22 -15.80
N VAL C 142 27.12 -37.47 -16.17
CA VAL C 142 28.47 -38.01 -16.33
C VAL C 142 28.61 -38.55 -17.75
N GLU C 143 29.84 -38.47 -18.27
CA GLU C 143 30.14 -38.98 -19.60
C GLU C 143 30.21 -40.49 -19.59
N ASP C 144 29.65 -41.10 -20.62
CA ASP C 144 29.73 -42.55 -20.82
C ASP C 144 29.92 -42.80 -22.31
N GLY C 145 31.17 -42.95 -22.74
CA GLY C 145 31.47 -43.06 -24.16
C GLY C 145 30.85 -41.94 -24.96
N ASP C 146 29.90 -42.30 -25.85
CA ASP C 146 29.23 -41.35 -26.72
C ASP C 146 27.91 -40.87 -26.12
N TYR C 147 27.70 -41.05 -24.82
CA TYR C 147 26.44 -40.72 -24.17
C TYR C 147 26.69 -39.94 -22.89
N TRP C 148 25.65 -39.26 -22.43
CA TRP C 148 25.59 -38.68 -21.10
C TRP C 148 24.60 -39.48 -20.27
N VAL C 149 24.85 -39.56 -18.96
CA VAL C 149 23.99 -40.30 -18.04
C VAL C 149 23.52 -39.34 -16.95
N LEU C 150 22.21 -39.12 -16.88
CA LEU C 150 21.64 -38.18 -15.92
C LEU C 150 21.02 -38.93 -14.75
N ASN C 151 21.10 -38.31 -13.57
CA ASN C 151 20.45 -38.83 -12.38
C ASN C 151 20.05 -37.67 -11.50
N GLY C 152 18.85 -37.75 -10.94
CA GLY C 152 18.31 -36.73 -10.07
C GLY C 152 16.83 -36.54 -10.31
N SER C 153 16.33 -35.36 -9.94
CA SER C 153 14.93 -35.04 -10.14
C SER C 153 14.75 -33.55 -10.37
N LYS C 154 13.71 -33.21 -11.13
CA LYS C 154 13.24 -31.84 -11.27
C LYS C 154 11.80 -31.76 -10.76
N ILE C 155 11.49 -30.69 -10.03
CA ILE C 155 10.19 -30.54 -9.39
C ILE C 155 9.48 -29.33 -9.97
N PHE C 156 8.16 -29.36 -9.93
CA PHE C 156 7.30 -28.28 -10.43
C PHE C 156 7.64 -27.91 -11.86
N ILE C 157 7.50 -28.84 -12.81
CA ILE C 157 7.89 -28.54 -14.18
C ILE C 157 6.61 -28.37 -15.01
N THR C 158 6.44 -27.17 -15.57
CA THR C 158 5.29 -26.90 -16.41
C THR C 158 5.35 -27.75 -17.68
N ASN C 159 4.17 -28.11 -18.19
CA ASN C 159 3.98 -28.85 -19.44
C ASN C 159 4.47 -30.28 -19.34
N ALA C 160 5.01 -30.70 -18.19
CA ALA C 160 5.81 -31.92 -18.14
C ALA C 160 5.01 -33.16 -18.50
N GLY C 161 3.72 -33.19 -18.13
CA GLY C 161 2.91 -34.36 -18.42
C GLY C 161 2.57 -34.53 -19.88
N TYR C 162 2.63 -33.45 -20.66
CA TYR C 162 2.29 -33.48 -22.08
C TYR C 162 3.44 -33.04 -22.98
N ALA C 163 4.63 -32.83 -22.42
CA ALA C 163 5.76 -32.32 -23.18
C ALA C 163 6.53 -33.44 -23.84
N ASP C 164 7.08 -33.13 -25.02
CA ASP C 164 7.90 -34.07 -25.78
C ASP C 164 9.39 -33.81 -25.64
N VAL C 165 9.80 -32.56 -25.44
CA VAL C 165 11.20 -32.19 -25.32
C VAL C 165 11.38 -31.40 -24.03
N PHE C 166 12.47 -31.67 -23.32
CA PHE C 166 12.76 -31.02 -22.05
C PHE C 166 14.18 -30.46 -22.08
N ILE C 167 14.34 -29.26 -21.53
CA ILE C 167 15.66 -28.70 -21.26
C ILE C 167 15.98 -28.97 -19.81
N VAL C 168 17.09 -29.65 -19.56
CA VAL C 168 17.46 -30.10 -18.22
C VAL C 168 18.82 -29.54 -17.86
N ILE C 169 18.90 -28.92 -16.68
CA ILE C 169 20.15 -28.40 -16.14
C ILE C 169 20.69 -29.42 -15.13
N ALA C 170 21.90 -29.93 -15.38
CA ALA C 170 22.49 -30.95 -14.53
C ALA C 170 23.93 -30.58 -14.18
N VAL C 171 24.40 -31.14 -13.07
CA VAL C 171 25.75 -30.90 -12.57
C VAL C 171 26.72 -31.80 -13.33
N THR C 172 27.61 -31.19 -14.12
CA THR C 172 28.58 -31.95 -14.90
C THR C 172 29.99 -31.89 -14.34
N ASP C 173 30.41 -30.77 -13.75
CA ASP C 173 31.76 -30.65 -13.22
C ASP C 173 31.72 -30.02 -11.85
N LYS C 174 32.65 -30.44 -10.99
CA LYS C 174 32.90 -29.84 -9.69
C LYS C 174 34.30 -29.23 -9.72
N VAL C 175 34.38 -27.92 -9.99
CA VAL C 175 35.65 -27.26 -10.17
C VAL C 175 35.87 -26.28 -9.01
N LEU C 176 37.07 -25.71 -8.98
CA LEU C 176 37.46 -24.79 -7.92
C LEU C 176 37.30 -23.36 -8.37
N ASP C 177 36.99 -22.49 -7.41
CA ASP C 177 36.88 -21.06 -7.66
C ASP C 177 38.24 -20.40 -7.42
N LYS C 178 38.30 -19.08 -7.59
CA LYS C 178 39.56 -18.38 -7.42
C LYS C 178 40.11 -18.53 -6.01
N LYS C 179 39.23 -18.63 -5.01
CA LYS C 179 39.61 -18.69 -3.60
C LYS C 179 39.43 -20.10 -3.04
N GLY C 180 39.67 -21.12 -3.87
CA GLY C 180 39.79 -22.49 -3.40
C GLY C 180 38.53 -23.14 -2.90
N ARG C 181 37.40 -22.47 -2.93
CA ARG C 181 36.15 -23.12 -2.54
C ARG C 181 35.63 -23.97 -3.69
N PRO C 182 35.30 -25.24 -3.46
CA PRO C 182 34.73 -26.06 -4.54
C PRO C 182 33.42 -25.48 -5.04
N THR C 183 33.27 -25.48 -6.37
CA THR C 183 32.11 -24.91 -7.02
C THR C 183 31.57 -25.89 -8.06
N LYS C 184 30.26 -25.87 -8.24
CA LYS C 184 29.57 -26.79 -9.13
C LYS C 184 29.23 -26.07 -10.43
N LEU C 185 29.60 -26.67 -11.56
CA LEU C 185 29.29 -26.15 -12.88
C LEU C 185 28.27 -27.04 -13.56
N CYS C 186 27.26 -26.42 -14.17
CA CYS C 186 26.17 -27.16 -14.79
C CYS C 186 26.22 -27.03 -16.31
N SER C 187 25.57 -27.98 -16.97
CA SER C 187 25.39 -27.97 -18.41
C SER C 187 23.93 -28.23 -18.73
N ALA C 188 23.48 -27.72 -19.88
CA ALA C 188 22.10 -27.92 -20.30
C ALA C 188 22.01 -29.09 -21.26
N PHE C 189 20.95 -29.88 -21.12
CA PHE C 189 20.77 -31.08 -21.92
C PHE C 189 19.36 -31.11 -22.51
N ILE C 190 19.26 -31.44 -23.78
CA ILE C 190 17.99 -31.62 -24.45
C ILE C 190 17.54 -33.05 -24.24
N VAL C 191 16.49 -33.23 -23.44
CA VAL C 191 15.99 -34.55 -23.09
C VAL C 191 14.66 -34.76 -23.80
N GLU C 192 14.57 -35.85 -24.56
CA GLU C 192 13.33 -36.23 -25.22
C GLU C 192 12.48 -37.08 -24.27
N ARG C 193 11.17 -36.99 -24.44
CA ARG C 193 10.25 -37.72 -23.57
C ARG C 193 10.47 -39.22 -23.64
N THR C 194 10.97 -39.72 -24.77
CA THR C 194 11.18 -41.14 -24.97
C THR C 194 12.54 -41.63 -24.48
N ASP C 195 13.38 -40.73 -23.96
CA ASP C 195 14.69 -41.16 -23.49
C ASP C 195 14.53 -42.18 -22.36
N PRO C 196 15.22 -43.32 -22.42
CA PRO C 196 15.12 -44.30 -21.35
C PRO C 196 15.60 -43.75 -20.01
N GLY C 197 15.03 -44.28 -18.94
CA GLY C 197 15.40 -43.82 -17.61
C GLY C 197 14.91 -42.44 -17.28
N PHE C 198 13.91 -41.94 -18.01
CA PHE C 198 13.32 -40.63 -17.78
C PHE C 198 11.82 -40.80 -17.62
N SER C 199 11.30 -40.39 -16.47
CA SER C 199 9.88 -40.49 -16.18
C SER C 199 9.35 -39.11 -15.79
N VAL C 200 8.04 -38.95 -15.96
CA VAL C 200 7.32 -37.75 -15.55
C VAL C 200 6.35 -38.15 -14.44
N GLY C 201 6.42 -37.44 -13.31
CA GLY C 201 5.61 -37.77 -12.16
C GLY C 201 4.15 -37.40 -12.32
N LYS C 202 3.42 -37.30 -11.21
CA LYS C 202 2.01 -36.99 -11.26
C LYS C 202 1.79 -35.48 -11.17
N ALA C 203 0.69 -35.03 -11.77
CA ALA C 203 0.37 -33.61 -11.81
C ALA C 203 0.09 -33.07 -10.42
N GLU C 204 0.79 -31.99 -10.05
CA GLU C 204 0.57 -31.36 -8.76
C GLU C 204 -0.83 -30.76 -8.68
N ASP C 205 -1.29 -30.55 -7.45
CA ASP C 205 -2.60 -29.96 -7.19
C ASP C 205 -2.36 -28.52 -6.73
N LYS C 206 -2.60 -27.57 -7.63
CA LYS C 206 -2.25 -26.19 -7.43
C LYS C 206 -3.46 -25.34 -7.02
N MET C 207 -3.15 -24.17 -6.47
CA MET C 207 -4.20 -23.18 -6.17
C MET C 207 -4.84 -22.65 -7.44
N GLY C 208 -4.04 -22.46 -8.48
CA GLY C 208 -4.53 -21.92 -9.74
C GLY C 208 -3.75 -22.47 -10.91
N ILE C 209 -3.90 -21.87 -12.09
CA ILE C 209 -3.45 -22.39 -13.38
C ILE C 209 -3.53 -23.91 -13.37
N ARG C 210 -4.66 -24.44 -12.90
CA ARG C 210 -4.75 -25.87 -12.60
C ARG C 210 -4.66 -26.71 -13.87
N GLY C 211 -5.24 -26.24 -14.97
CA GLY C 211 -5.15 -26.97 -16.22
C GLY C 211 -3.73 -27.20 -16.70
N SER C 212 -2.76 -26.47 -16.14
CA SER C 212 -1.38 -26.63 -16.53
C SER C 212 -0.78 -27.87 -15.87
N SER C 213 -0.06 -28.66 -16.64
CA SER C 213 0.51 -29.93 -16.17
C SER C 213 1.83 -29.65 -15.47
N THR C 214 1.79 -29.55 -14.15
CA THR C 214 2.96 -29.28 -13.33
C THR C 214 3.36 -30.59 -12.65
N CYS C 215 4.40 -31.23 -13.17
CA CYS C 215 4.78 -32.56 -12.73
C CYS C 215 6.25 -32.59 -12.33
N GLU C 216 6.65 -33.72 -11.74
CA GLU C 216 8.03 -33.95 -11.35
C GLU C 216 8.75 -34.73 -12.46
N LEU C 217 10.02 -34.40 -12.66
CA LEU C 217 10.89 -35.15 -13.55
C LEU C 217 11.78 -36.07 -12.72
N ILE C 218 11.97 -37.29 -13.20
CA ILE C 218 12.80 -38.29 -12.52
C ILE C 218 13.75 -38.89 -13.54
N PHE C 219 15.05 -38.72 -13.31
CA PHE C 219 16.08 -39.31 -14.15
C PHE C 219 16.72 -40.46 -13.39
N GLU C 220 16.48 -41.69 -13.85
CA GLU C 220 17.12 -42.88 -13.28
C GLU C 220 17.97 -43.49 -14.39
N ASP C 221 19.23 -43.06 -14.44
CA ASP C 221 20.19 -43.48 -15.46
C ASP C 221 19.68 -43.14 -16.86
N CYS C 222 19.19 -41.92 -17.02
CA CYS C 222 18.75 -41.48 -18.34
C CYS C 222 19.99 -41.19 -19.18
N ARG C 223 20.37 -42.14 -20.01
CA ARG C 223 21.48 -41.95 -20.93
C ARG C 223 20.99 -41.32 -22.24
N ILE C 224 21.56 -40.18 -22.59
CA ILE C 224 21.18 -39.40 -23.78
C ILE C 224 22.40 -39.28 -24.67
N PRO C 225 22.22 -39.11 -26.00
CA PRO C 225 23.38 -38.97 -26.88
C PRO C 225 24.25 -37.79 -26.50
N LYS C 226 25.50 -37.84 -26.95
CA LYS C 226 26.48 -36.81 -26.62
C LYS C 226 26.12 -35.47 -27.23
N ASP C 227 25.42 -35.49 -28.37
CA ASP C 227 25.03 -34.28 -29.09
C ASP C 227 23.71 -33.70 -28.57
N ARG C 228 23.25 -34.15 -27.40
CA ARG C 228 22.13 -33.51 -26.74
C ARG C 228 22.55 -32.38 -25.82
N MET C 229 23.86 -32.21 -25.58
CA MET C 229 24.32 -31.10 -24.77
C MET C 229 24.08 -29.78 -25.50
N LEU C 230 23.46 -28.84 -24.79
CA LEU C 230 23.07 -27.56 -25.36
C LEU C 230 24.00 -26.49 -24.81
N GLY C 231 24.57 -25.69 -25.70
CA GLY C 231 25.45 -24.63 -25.29
C GLY C 231 26.84 -25.13 -24.91
N VAL C 232 27.60 -24.23 -24.30
CA VAL C 232 28.96 -24.55 -23.90
C VAL C 232 28.95 -25.44 -22.67
N ARG C 233 29.80 -26.47 -22.68
CA ARG C 233 29.97 -27.34 -21.53
C ARG C 233 30.33 -26.55 -20.29
N GLY C 234 29.63 -26.82 -19.18
CA GLY C 234 29.86 -26.14 -17.92
C GLY C 234 29.26 -24.76 -17.80
N LYS C 235 28.72 -24.19 -18.89
CA LYS C 235 28.04 -22.90 -18.85
C LYS C 235 26.53 -23.03 -18.76
N GLY C 236 26.02 -24.11 -18.17
CA GLY C 236 24.59 -24.34 -18.14
C GLY C 236 23.84 -23.34 -17.28
N PHE C 237 24.41 -22.98 -16.13
CA PHE C 237 23.81 -21.96 -15.27
C PHE C 237 23.61 -20.65 -16.03
N GLN C 238 24.65 -20.21 -16.76
CA GLN C 238 24.52 -18.99 -17.56
C GLN C 238 23.43 -19.14 -18.62
N LEU C 239 23.30 -20.33 -19.21
CA LEU C 239 22.25 -20.56 -20.18
C LEU C 239 20.87 -20.56 -19.54
N ALA C 240 20.76 -21.14 -18.34
CA ALA C 240 19.49 -21.14 -17.62
C ALA C 240 19.05 -19.72 -17.28
N MET C 241 19.96 -18.91 -16.73
CA MET C 241 19.60 -17.55 -16.34
C MET C 241 19.30 -16.68 -17.54
N ALA C 242 19.96 -16.94 -18.67
CA ALA C 242 19.64 -16.20 -19.89
C ALA C 242 18.26 -16.59 -20.39
N THR C 243 17.90 -17.87 -20.27
CA THR C 243 16.58 -18.31 -20.70
C THR C 243 15.49 -17.71 -19.82
N LEU C 244 15.70 -17.68 -18.51
CA LEU C 244 14.68 -17.14 -17.61
C LEU C 244 14.43 -15.65 -17.86
N ASP C 245 15.45 -14.92 -18.34
CA ASP C 245 15.25 -13.53 -18.67
C ASP C 245 14.14 -13.36 -19.72
N GLY C 246 14.19 -14.17 -20.78
CA GLY C 246 13.12 -14.13 -21.75
C GLY C 246 11.81 -14.68 -21.21
N GLY C 247 11.89 -15.72 -20.38
CA GLY C 247 10.70 -16.26 -19.77
C GLY C 247 10.01 -15.30 -18.82
N ARG C 248 10.79 -14.46 -18.13
CA ARG C 248 10.21 -13.50 -17.21
C ARG C 248 9.39 -12.45 -17.94
N ILE C 249 9.77 -12.11 -19.17
CA ILE C 249 8.90 -11.29 -20.02
C ILE C 249 7.59 -12.02 -20.29
N GLY C 250 7.68 -13.34 -20.52
CA GLY C 250 6.47 -14.11 -20.77
C GLY C 250 5.52 -14.12 -19.57
N ILE C 251 6.05 -14.37 -18.38
CA ILE C 251 5.22 -14.38 -17.18
C ILE C 251 4.64 -12.99 -16.92
N ALA C 252 5.45 -11.94 -17.09
CA ALA C 252 4.96 -10.59 -16.92
C ALA C 252 3.79 -10.29 -17.85
N SER C 253 3.88 -10.77 -19.10
CA SER C 253 2.77 -10.61 -20.02
C SER C 253 1.56 -11.44 -19.61
N GLN C 254 1.80 -12.54 -18.90
CA GLN C 254 0.70 -13.34 -18.36
C GLN C 254 0.01 -12.60 -17.22
N ALA C 255 0.79 -12.13 -16.24
CA ALA C 255 0.24 -11.33 -15.15
C ALA C 255 -0.53 -10.13 -15.67
N LEU C 256 0.01 -9.47 -16.71
CA LEU C 256 -0.66 -8.33 -17.28
C LEU C 256 -2.03 -8.69 -17.84
N GLY C 257 -2.14 -9.81 -18.54
CA GLY C 257 -3.41 -10.20 -19.12
C GLY C 257 -4.45 -10.59 -18.07
N ILE C 258 -4.01 -11.23 -16.99
CA ILE C 258 -4.92 -11.58 -15.91
C ILE C 258 -5.53 -10.32 -15.31
N ALA C 259 -4.69 -9.32 -15.02
CA ALA C 259 -5.18 -8.06 -14.48
C ALA C 259 -6.05 -7.34 -15.50
N GLU C 260 -5.69 -7.41 -16.78
CA GLU C 260 -6.49 -6.78 -17.82
C GLU C 260 -7.81 -7.51 -18.03
N GLY C 261 -7.77 -8.85 -18.04
CA GLY C 261 -9.00 -9.61 -18.13
C GLY C 261 -9.91 -9.40 -16.93
N ALA C 262 -9.31 -9.34 -15.73
CA ALA C 262 -10.10 -9.09 -14.53
C ALA C 262 -10.79 -7.73 -14.60
N LEU C 263 -10.06 -6.70 -15.02
CA LEU C 263 -10.66 -5.38 -15.17
C LEU C 263 -11.75 -5.38 -16.22
N GLN C 264 -11.53 -6.09 -17.33
CA GLN C 264 -12.53 -6.18 -18.40
C GLN C 264 -13.86 -6.70 -17.85
N GLU C 265 -13.82 -7.84 -17.16
CA GLU C 265 -15.05 -8.44 -16.65
C GLU C 265 -15.72 -7.55 -15.60
N THR C 266 -14.92 -6.91 -14.75
CA THR C 266 -15.48 -6.12 -13.65
C THR C 266 -16.23 -4.90 -14.18
N VAL C 267 -15.72 -4.28 -15.25
CA VAL C 267 -16.42 -3.14 -15.84
C VAL C 267 -17.78 -3.57 -16.35
N ALA C 268 -17.84 -4.68 -17.09
CA ALA C 268 -19.11 -5.19 -17.57
C ALA C 268 -20.07 -5.49 -16.42
N TYR C 269 -19.56 -6.02 -15.31
CA TYR C 269 -20.43 -6.42 -14.21
C TYR C 269 -21.03 -5.22 -13.49
N VAL C 270 -20.22 -4.20 -13.20
CA VAL C 270 -20.71 -3.04 -12.48
C VAL C 270 -21.64 -2.21 -13.35
N LYS C 271 -21.53 -2.31 -14.67
CA LYS C 271 -22.42 -1.55 -15.55
C LYS C 271 -23.85 -2.07 -15.48
N GLU C 272 -24.03 -3.38 -15.31
CA GLU C 272 -25.37 -3.96 -15.37
C GLU C 272 -26.01 -4.17 -14.01
N ARG C 273 -25.23 -4.56 -12.99
CA ARG C 273 -25.81 -4.78 -11.68
C ARG C 273 -26.19 -3.44 -11.06
N LYS C 274 -27.41 -3.37 -10.50
CA LYS C 274 -27.87 -2.19 -9.77
C LYS C 274 -28.27 -2.62 -8.37
N GLN C 275 -27.85 -1.86 -7.36
CA GLN C 275 -28.21 -2.22 -5.99
C GLN C 275 -29.09 -1.19 -5.31
N PHE C 276 -28.72 0.09 -5.31
CA PHE C 276 -29.47 1.12 -4.60
C PHE C 276 -30.42 1.88 -5.53
N GLY C 277 -30.89 1.23 -6.58
CA GLY C 277 -31.68 1.90 -7.59
C GLY C 277 -30.85 2.36 -8.78
N ARG C 278 -29.54 2.16 -8.74
CA ARG C 278 -28.64 2.63 -9.79
C ARG C 278 -27.51 1.61 -9.94
N SER C 279 -26.82 1.70 -11.06
CA SER C 279 -25.70 0.79 -11.33
C SER C 279 -24.62 0.94 -10.27
N ILE C 280 -23.96 -0.17 -9.97
CA ILE C 280 -22.84 -0.13 -9.02
C ILE C 280 -21.74 0.79 -9.54
N SER C 281 -21.62 0.90 -10.86
CA SER C 281 -20.66 1.82 -11.49
C SER C 281 -20.99 3.28 -11.21
N ALA C 282 -22.18 3.59 -10.71
CA ALA C 282 -22.55 4.97 -10.44
C ALA C 282 -22.00 5.49 -9.12
N PHE C 283 -21.45 4.62 -8.27
CA PHE C 283 -20.87 5.05 -7.01
C PHE C 283 -19.42 5.48 -7.24
N GLN C 284 -19.01 6.55 -6.57
CA GLN C 284 -17.69 7.13 -6.81
C GLN C 284 -16.57 6.13 -6.50
N ASN C 285 -16.74 5.35 -5.43
CA ASN C 285 -15.70 4.39 -5.06
C ASN C 285 -15.45 3.39 -6.18
N THR C 286 -16.53 2.85 -6.77
CA THR C 286 -16.38 1.95 -7.91
C THR C 286 -15.63 2.63 -9.05
N GLN C 287 -15.92 3.90 -9.30
CA GLN C 287 -15.29 4.61 -10.40
C GLN C 287 -13.80 4.84 -10.13
N PHE C 288 -13.45 5.23 -8.91
CA PHE C 288 -12.05 5.52 -8.59
C PHE C 288 -11.23 4.24 -8.55
N GLU C 289 -11.80 3.16 -8.02
CA GLU C 289 -11.10 1.88 -7.97
C GLU C 289 -10.75 1.41 -9.38
N LEU C 290 -11.74 1.42 -10.28
CA LEU C 290 -11.51 0.99 -11.65
C LEU C 290 -10.50 1.90 -12.35
N ALA C 291 -10.58 3.21 -12.10
CA ALA C 291 -9.67 4.15 -12.74
C ALA C 291 -8.23 3.94 -12.27
N GLU C 292 -8.03 3.90 -10.95
CA GLU C 292 -6.69 3.68 -10.43
C GLU C 292 -6.12 2.34 -10.91
N MET C 293 -6.94 1.29 -10.90
CA MET C 293 -6.49 -0.01 -11.38
C MET C 293 -6.08 0.04 -12.84
N LYS C 294 -6.89 0.69 -13.68
CA LYS C 294 -6.58 0.77 -15.11
C LYS C 294 -5.23 1.43 -15.35
N ALA C 295 -5.00 2.59 -14.72
CA ALA C 295 -3.72 3.27 -14.85
C ALA C 295 -2.56 2.38 -14.42
N ARG C 296 -2.68 1.75 -13.24
CA ARG C 296 -1.68 0.79 -12.80
C ARG C 296 -1.43 -0.29 -13.84
N ILE C 297 -2.50 -0.81 -14.45
CA ILE C 297 -2.34 -1.83 -15.49
C ILE C 297 -1.64 -1.25 -16.70
N GLU C 298 -2.01 -0.04 -17.12
CA GLU C 298 -1.34 0.61 -18.24
C GLU C 298 0.14 0.77 -17.96
N ALA C 299 0.49 1.23 -16.77
CA ALA C 299 1.90 1.38 -16.40
C ALA C 299 2.64 0.05 -16.53
N ALA C 300 2.00 -1.05 -16.10
CA ALA C 300 2.63 -2.35 -16.23
C ALA C 300 2.73 -2.79 -17.68
N LYS C 301 1.71 -2.48 -18.49
CA LYS C 301 1.73 -2.86 -19.90
C LYS C 301 2.95 -2.31 -20.62
N TYR C 302 3.32 -1.06 -20.34
CA TYR C 302 4.45 -0.45 -21.02
C TYR C 302 5.78 -1.02 -20.54
N LEU C 303 5.88 -1.35 -19.26
CA LEU C 303 7.05 -2.08 -18.78
C LEU C 303 7.23 -3.39 -19.54
N VAL C 304 6.18 -4.20 -19.60
CA VAL C 304 6.22 -5.45 -20.36
C VAL C 304 6.64 -5.19 -21.80
N TYR C 305 5.99 -4.20 -22.44
CA TYR C 305 6.29 -3.92 -23.84
C TYR C 305 7.72 -3.46 -24.02
N ALA C 306 8.24 -2.66 -23.09
CA ALA C 306 9.63 -2.21 -23.18
C ALA C 306 10.59 -3.38 -23.04
N ALA C 307 10.29 -4.30 -22.13
CA ALA C 307 11.12 -5.50 -21.97
C ALA C 307 11.19 -6.29 -23.27
N ALA C 308 10.02 -6.55 -23.88
CA ALA C 308 9.96 -7.38 -25.08
C ALA C 308 10.86 -6.84 -26.19
N LEU C 309 10.89 -5.52 -26.38
CA LEU C 309 11.62 -4.98 -27.51
C LEU C 309 13.11 -4.78 -27.20
N LYS C 310 13.47 -4.58 -25.94
CA LYS C 310 14.88 -4.68 -25.57
C LYS C 310 15.42 -6.07 -25.86
N LYS C 311 14.59 -7.10 -25.63
CA LYS C 311 14.96 -8.45 -26.03
C LYS C 311 15.07 -8.56 -27.55
N GLN C 312 14.12 -7.96 -28.27
CA GLN C 312 14.17 -7.93 -29.72
C GLN C 312 15.47 -7.31 -30.21
N GLU C 313 15.84 -6.16 -29.63
CA GLU C 313 17.13 -5.54 -29.95
C GLU C 313 18.28 -6.53 -29.82
N ALA C 314 18.35 -7.23 -28.67
CA ALA C 314 19.41 -8.22 -28.48
C ALA C 314 19.31 -9.33 -29.52
N MET C 315 18.09 -9.72 -29.89
CA MET C 315 17.92 -10.77 -30.88
C MET C 315 18.32 -10.30 -32.28
N ASN C 316 18.23 -9.01 -32.54
CA ASN C 316 18.59 -8.45 -33.84
C ASN C 316 20.07 -8.15 -33.97
N GLY C 317 20.89 -8.58 -33.01
CA GLY C 317 22.32 -8.42 -33.08
C GLY C 317 22.90 -7.34 -32.20
N ALA C 318 22.08 -6.39 -31.76
CA ALA C 318 22.55 -5.36 -30.85
C ALA C 318 23.03 -6.00 -29.54
N LYS C 319 24.15 -5.48 -29.01
CA LYS C 319 24.71 -6.00 -27.78
C LYS C 319 24.13 -5.20 -26.60
N VAL C 320 22.91 -5.59 -26.21
CA VAL C 320 22.24 -4.99 -25.08
C VAL C 320 21.81 -6.10 -24.14
N ARG C 321 21.61 -5.74 -22.88
CA ARG C 321 21.12 -6.64 -21.85
C ARG C 321 19.69 -6.29 -21.50
N TYR C 322 18.85 -7.31 -21.32
CA TYR C 322 17.44 -7.07 -21.02
C TYR C 322 16.98 -7.78 -19.75
N SER C 323 17.92 -8.31 -18.95
CA SER C 323 17.51 -8.99 -17.73
C SER C 323 16.88 -8.02 -16.73
N VAL C 324 17.41 -6.81 -16.63
CA VAL C 324 16.84 -5.83 -15.69
C VAL C 324 15.43 -5.44 -16.11
N GLU C 325 15.25 -5.12 -17.39
CA GLU C 325 13.92 -4.78 -17.89
C GLU C 325 12.93 -5.90 -17.63
N ALA C 326 13.31 -7.13 -17.95
CA ALA C 326 12.45 -8.27 -17.66
C ALA C 326 12.14 -8.38 -16.18
N ALA C 327 13.16 -8.19 -15.34
CA ALA C 327 12.94 -8.29 -13.89
C ALA C 327 11.97 -7.22 -13.40
N GLN C 328 12.12 -5.99 -13.87
CA GLN C 328 11.19 -4.94 -13.51
C GLN C 328 9.78 -5.26 -13.96
N ALA C 329 9.64 -5.80 -15.17
CA ALA C 329 8.32 -6.07 -15.72
C ALA C 329 7.60 -7.14 -14.91
N LYS C 330 8.29 -8.24 -14.60
CA LYS C 330 7.65 -9.32 -13.86
C LYS C 330 7.30 -8.88 -12.44
N LEU C 331 8.20 -8.14 -11.79
CA LEU C 331 7.92 -7.64 -10.44
C LEU C 331 6.67 -6.78 -10.42
N ILE C 332 6.59 -5.80 -11.32
CA ILE C 332 5.46 -4.87 -11.29
C ILE C 332 4.18 -5.55 -11.78
N ALA C 333 4.27 -6.33 -12.87
CA ALA C 333 3.08 -6.96 -13.43
C ALA C 333 2.46 -7.94 -12.45
N ALA C 334 3.29 -8.78 -11.81
CA ALA C 334 2.77 -9.77 -10.88
C ALA C 334 2.07 -9.12 -9.69
N ARG C 335 2.72 -8.11 -9.09
CA ARG C 335 2.11 -7.41 -7.96
C ARG C 335 0.85 -6.68 -8.39
N THR C 336 0.85 -6.10 -9.59
CA THR C 336 -0.35 -5.46 -10.09
C THR C 336 -1.47 -6.47 -10.32
N ALA C 337 -1.13 -7.66 -10.82
CA ALA C 337 -2.14 -8.66 -11.11
C ALA C 337 -2.86 -9.12 -9.85
N SER C 338 -2.11 -9.46 -8.80
CA SER C 338 -2.73 -9.84 -7.53
C SER C 338 -3.55 -8.70 -6.96
N ASP C 339 -3.01 -7.48 -7.01
CA ASP C 339 -3.71 -6.33 -6.44
C ASP C 339 -5.02 -6.06 -7.18
N VAL C 340 -4.99 -6.11 -8.51
CA VAL C 340 -6.19 -5.81 -9.30
C VAL C 340 -7.25 -6.89 -9.08
N THR C 341 -6.83 -8.16 -9.08
CA THR C 341 -7.80 -9.24 -8.95
C THR C 341 -8.51 -9.22 -7.60
N ARG C 342 -7.77 -8.94 -6.52
CA ARG C 342 -8.37 -8.88 -5.20
C ARG C 342 -9.44 -7.79 -5.13
N ARG C 343 -9.11 -6.59 -5.63
CA ARG C 343 -10.04 -5.48 -5.58
C ARG C 343 -11.22 -5.68 -6.54
N CYS C 344 -10.96 -6.26 -7.72
CA CYS C 344 -12.04 -6.52 -8.65
C CYS C 344 -13.06 -7.50 -8.09
N LEU C 345 -12.59 -8.53 -7.40
CA LEU C 345 -13.50 -9.46 -6.73
C LEU C 345 -14.36 -8.73 -5.70
N GLN C 346 -13.77 -7.77 -5.00
CA GLN C 346 -14.53 -6.97 -4.04
C GLN C 346 -15.71 -6.28 -4.71
N LEU C 347 -15.50 -5.75 -5.92
CA LEU C 347 -16.57 -5.05 -6.62
C LEU C 347 -17.68 -5.99 -7.10
N PHE C 348 -17.41 -7.29 -7.15
CA PHE C 348 -18.46 -8.26 -7.45
C PHE C 348 -19.32 -8.59 -6.24
N GLY C 349 -18.85 -8.26 -5.04
CA GLY C 349 -19.56 -8.68 -3.83
C GLY C 349 -19.51 -10.18 -3.66
N GLY C 350 -20.60 -10.72 -3.09
CA GLY C 350 -20.65 -12.15 -2.84
C GLY C 350 -20.64 -12.99 -4.10
N TYR C 351 -21.14 -12.44 -5.21
CA TYR C 351 -21.18 -13.20 -6.46
C TYR C 351 -19.79 -13.48 -7.00
N GLY C 352 -18.80 -12.65 -6.65
CA GLY C 352 -17.45 -12.87 -7.12
C GLY C 352 -16.70 -13.97 -6.40
N TYR C 353 -17.25 -14.47 -5.30
CA TYR C 353 -16.65 -15.54 -4.53
C TYR C 353 -17.08 -16.92 -5.00
N THR C 354 -17.90 -16.99 -6.04
CA THR C 354 -18.43 -18.23 -6.57
C THR C 354 -17.88 -18.48 -7.98
N ARG C 355 -18.03 -19.72 -8.44
CA ARG C 355 -17.55 -20.10 -9.76
C ARG C 355 -18.46 -19.62 -10.90
N ASP C 356 -19.56 -18.94 -10.58
CA ASP C 356 -20.38 -18.37 -11.64
C ASP C 356 -19.60 -17.37 -12.48
N TYR C 357 -18.73 -16.58 -11.85
CA TYR C 357 -17.90 -15.61 -12.54
C TYR C 357 -16.44 -16.03 -12.54
N PRO C 358 -15.65 -15.54 -13.49
CA PRO C 358 -14.22 -15.93 -13.54
C PRO C 358 -13.30 -15.17 -12.58
N ILE C 359 -13.78 -14.14 -11.88
CA ILE C 359 -12.88 -13.29 -11.11
C ILE C 359 -12.15 -14.07 -10.02
N GLU C 360 -12.80 -15.09 -9.44
CA GLU C 360 -12.15 -15.89 -8.40
C GLU C 360 -10.98 -16.69 -8.98
N ARG C 361 -11.16 -17.29 -10.15
CA ARG C 361 -10.06 -18.00 -10.81
C ARG C 361 -8.91 -17.06 -11.10
N MET C 362 -9.20 -15.87 -11.64
CA MET C 362 -8.16 -14.92 -11.99
C MET C 362 -7.33 -14.51 -10.77
N MET C 363 -7.96 -14.42 -9.59
CA MET C 363 -7.19 -14.11 -8.38
C MET C 363 -6.28 -15.26 -8.01
N ARG C 364 -6.79 -16.49 -8.06
CA ARG C 364 -5.93 -17.65 -7.82
C ARG C 364 -4.81 -17.72 -8.86
N ASP C 365 -5.14 -17.44 -10.14
CA ASP C 365 -4.12 -17.48 -11.18
C ASP C 365 -3.07 -16.40 -11.00
N ALA C 366 -3.47 -15.22 -10.54
CA ALA C 366 -2.52 -14.11 -10.44
C ALA C 366 -1.41 -14.41 -9.45
N LYS C 367 -1.73 -15.14 -8.37
CA LYS C 367 -0.75 -15.40 -7.31
C LYS C 367 0.52 -16.05 -7.85
N ILE C 368 0.39 -16.95 -8.83
CA ILE C 368 1.56 -17.69 -9.31
C ILE C 368 2.55 -16.77 -10.01
N THR C 369 2.08 -15.71 -10.65
CA THR C 369 2.98 -14.86 -11.42
C THR C 369 4.01 -14.14 -10.54
N GLU C 370 3.77 -14.07 -9.23
CA GLU C 370 4.75 -13.52 -8.30
C GLU C 370 5.78 -14.55 -7.84
N ILE C 371 5.60 -15.81 -8.21
CA ILE C 371 6.40 -16.90 -7.68
C ILE C 371 7.18 -17.61 -8.76
N TYR C 372 6.51 -18.05 -9.81
CA TYR C 372 7.25 -18.98 -10.65
C TYR C 372 8.08 -18.27 -11.72
N GLU C 373 9.09 -19.01 -12.21
CA GLU C 373 10.19 -18.48 -13.03
C GLU C 373 10.94 -17.39 -12.30
N GLY C 374 11.15 -17.58 -10.99
CA GLY C 374 11.84 -16.58 -10.20
C GLY C 374 10.88 -15.66 -9.46
N THR C 375 10.91 -15.72 -8.13
CA THR C 375 9.99 -14.95 -7.31
C THR C 375 10.29 -13.45 -7.45
N SER C 376 9.38 -12.64 -6.89
CA SER C 376 9.57 -11.20 -6.87
C SER C 376 10.86 -10.83 -6.15
N GLU C 377 11.19 -11.56 -5.08
CA GLU C 377 12.40 -11.29 -4.32
C GLU C 377 13.64 -11.48 -5.20
N VAL C 378 13.64 -12.54 -6.01
CA VAL C 378 14.75 -12.74 -6.95
C VAL C 378 14.79 -11.62 -7.97
N GLN C 379 13.63 -11.13 -8.41
CA GLN C 379 13.60 -10.02 -9.35
C GLN C 379 14.20 -8.76 -8.74
N MET C 380 13.95 -8.52 -7.46
CA MET C 380 14.54 -7.37 -6.79
C MET C 380 16.05 -7.54 -6.62
N MET C 381 16.51 -8.77 -6.42
CA MET C 381 17.95 -9.03 -6.40
C MET C 381 18.59 -8.66 -7.73
N VAL C 382 17.90 -8.91 -8.84
CA VAL C 382 18.41 -8.58 -10.15
C VAL C 382 18.48 -7.07 -10.34
N ILE C 383 17.38 -6.37 -10.02
CA ILE C 383 17.32 -4.92 -10.25
C ILE C 383 18.32 -4.21 -9.37
N SER C 384 18.35 -4.53 -8.07
CA SER C 384 19.27 -3.87 -7.16
C SER C 384 20.72 -4.17 -7.50
N GLY C 385 21.00 -5.39 -7.97
CA GLY C 385 22.35 -5.73 -8.38
C GLY C 385 22.88 -4.79 -9.45
N ALA C 386 22.10 -4.58 -10.50
CA ALA C 386 22.48 -3.62 -11.53
C ALA C 386 22.52 -2.20 -10.98
N LEU C 387 21.57 -1.86 -10.09
CA LEU C 387 21.47 -0.49 -9.59
C LEU C 387 22.62 -0.16 -8.66
N LEU C 388 22.92 -1.04 -7.72
CA LEU C 388 23.98 -0.78 -6.75
C LEU C 388 25.37 -1.08 -7.29
N LYS C 389 25.50 -1.58 -8.51
CA LYS C 389 26.81 -1.77 -9.12
C LYS C 389 27.25 -0.48 -9.83
N SER D 6 -6.09 -9.54 31.04
CA SER D 6 -6.20 -10.98 30.85
C SER D 6 -6.39 -11.69 32.19
N LYS D 7 -6.88 -12.92 32.13
CA LYS D 7 -7.77 -13.48 33.15
C LYS D 7 -7.67 -15.01 33.07
N GLN D 8 -8.58 -15.69 33.75
CA GLN D 8 -8.84 -17.09 33.45
C GLN D 8 -9.50 -17.25 32.08
N GLN D 9 -9.82 -16.12 31.44
CA GLN D 9 -10.05 -16.11 29.99
C GLN D 9 -8.82 -16.59 29.23
N GLN D 10 -7.65 -16.60 29.86
CA GLN D 10 -6.49 -17.23 29.26
C GLN D 10 -6.55 -18.74 29.35
N MET D 11 -7.33 -19.27 30.29
CA MET D 11 -7.56 -20.71 30.34
C MET D 11 -8.50 -21.14 29.22
N VAL D 12 -9.60 -20.42 29.00
CA VAL D 12 -10.50 -20.85 27.94
C VAL D 12 -9.87 -20.60 26.57
N GLN D 13 -9.03 -19.57 26.43
CA GLN D 13 -8.33 -19.33 25.18
C GLN D 13 -7.50 -20.55 24.77
N LYS D 14 -6.91 -21.22 25.74
CA LYS D 14 -6.12 -22.42 25.44
C LYS D 14 -7.00 -23.52 24.87
N MET D 15 -8.16 -23.77 25.52
CA MET D 15 -9.12 -24.80 25.11
C MET D 15 -9.30 -24.74 23.58
N TYR D 16 -9.68 -23.56 23.08
CA TYR D 16 -9.91 -23.35 21.66
C TYR D 16 -8.66 -23.60 20.83
N ARG D 17 -7.48 -23.30 21.40
CA ARG D 17 -6.23 -23.59 20.69
C ARG D 17 -5.92 -25.09 20.63
N GLU D 18 -6.03 -25.79 21.76
CA GLU D 18 -5.85 -27.24 21.72
C GLU D 18 -6.90 -27.91 20.86
N PHE D 19 -8.16 -27.57 21.09
CA PHE D 19 -9.25 -28.15 20.31
C PHE D 19 -9.05 -27.89 18.82
N ALA D 20 -8.69 -26.67 18.45
CA ALA D 20 -8.41 -26.37 17.05
C ALA D 20 -7.24 -27.20 16.53
N GLU D 21 -6.18 -27.33 17.33
CA GLU D 21 -4.99 -28.03 16.86
C GLU D 21 -5.18 -29.54 16.82
N ASN D 22 -5.94 -30.09 17.77
CA ASN D 22 -6.08 -31.54 17.88
C ASN D 22 -7.28 -32.06 17.09
N GLU D 23 -8.44 -31.43 17.22
CA GLU D 23 -9.69 -31.94 16.65
C GLU D 23 -10.04 -31.33 15.31
N VAL D 24 -9.67 -30.07 15.07
CA VAL D 24 -10.10 -29.35 13.86
C VAL D 24 -8.99 -29.30 12.82
N LYS D 25 -7.75 -29.03 13.23
CA LYS D 25 -6.66 -28.86 12.26
C LYS D 25 -6.43 -30.09 11.41
N PRO D 26 -6.41 -31.32 11.94
CA PRO D 26 -6.21 -32.49 11.06
C PRO D 26 -7.32 -32.70 10.03
N LEU D 27 -8.42 -31.97 10.11
CA LEU D 27 -9.53 -32.12 9.19
C LEU D 27 -9.63 -31.00 8.16
N ALA D 28 -8.88 -29.91 8.33
CA ALA D 28 -9.09 -28.71 7.52
C ALA D 28 -8.88 -28.98 6.04
N LYS D 29 -7.85 -29.76 5.69
CA LYS D 29 -7.60 -30.03 4.27
C LYS D 29 -8.73 -30.83 3.65
N LYS D 30 -9.25 -31.82 4.36
CA LYS D 30 -10.37 -32.60 3.84
C LYS D 30 -11.64 -31.76 3.76
N VAL D 31 -11.82 -30.86 4.73
CA VAL D 31 -12.98 -29.96 4.70
C VAL D 31 -12.95 -29.09 3.45
N ASP D 32 -11.78 -28.50 3.15
CA ASP D 32 -11.68 -27.59 2.01
C ASP D 32 -11.72 -28.35 0.69
N ALA D 33 -10.90 -29.40 0.56
CA ALA D 33 -10.77 -30.08 -0.72
C ALA D 33 -12.07 -30.76 -1.14
N GLU D 34 -12.83 -31.28 -0.18
CA GLU D 34 -14.02 -32.08 -0.47
C GLU D 34 -15.31 -31.30 -0.31
N GLU D 35 -15.23 -29.99 -0.04
CA GLU D 35 -16.41 -29.17 0.25
C GLU D 35 -17.29 -29.85 1.30
N TYR D 36 -16.65 -30.27 2.38
CA TYR D 36 -17.22 -31.20 3.34
C TYR D 36 -17.55 -30.47 4.64
N PHE D 37 -18.83 -30.40 4.96
CA PHE D 37 -19.29 -29.78 6.20
C PHE D 37 -18.82 -30.63 7.39
N PRO D 38 -18.01 -30.09 8.30
CA PRO D 38 -17.46 -30.91 9.38
C PRO D 38 -18.50 -31.27 10.43
N LYS D 39 -19.39 -32.20 10.08
CA LYS D 39 -20.45 -32.61 11.00
C LYS D 39 -19.89 -33.25 12.28
N GLU D 40 -18.68 -33.79 12.24
CA GLU D 40 -18.12 -34.42 13.43
C GLU D 40 -17.61 -33.39 14.44
N THR D 41 -17.06 -32.27 13.96
CA THR D 41 -16.49 -31.29 14.88
C THR D 41 -17.57 -30.44 15.55
N VAL D 42 -18.64 -30.11 14.82
CA VAL D 42 -19.72 -29.34 15.40
C VAL D 42 -20.35 -30.08 16.57
N GLU D 43 -20.52 -31.40 16.42
CA GLU D 43 -21.02 -32.20 17.54
C GLU D 43 -20.04 -32.20 18.69
N LYS D 44 -18.73 -32.31 18.40
CA LYS D 44 -17.73 -32.19 19.45
C LYS D 44 -17.79 -30.84 20.13
N MET D 45 -17.91 -29.77 19.35
CA MET D 45 -17.98 -28.44 19.94
C MET D 45 -19.26 -28.27 20.74
N GLY D 46 -20.36 -28.89 20.29
CA GLY D 46 -21.59 -28.81 21.05
C GLY D 46 -21.46 -29.41 22.43
N LYS D 47 -20.99 -30.66 22.51
CA LYS D 47 -20.73 -31.28 23.81
C LYS D 47 -19.77 -30.47 24.68
N LEU D 48 -18.97 -29.60 24.08
CA LEU D 48 -18.06 -28.73 24.84
C LEU D 48 -18.67 -27.40 25.20
N GLY D 49 -19.93 -27.17 24.84
CA GLY D 49 -20.58 -25.90 25.10
C GLY D 49 -20.03 -24.74 24.30
N MET D 50 -19.30 -25.01 23.22
CA MET D 50 -18.75 -23.93 22.40
C MET D 50 -19.75 -23.35 21.41
N MET D 51 -20.97 -23.86 21.34
CA MET D 51 -22.02 -23.20 20.58
C MET D 51 -22.96 -22.37 21.47
N GLY D 52 -22.60 -22.18 22.73
CA GLY D 52 -23.38 -21.34 23.63
C GLY D 52 -22.56 -20.43 24.52
N ILE D 53 -21.38 -20.02 24.05
CA ILE D 53 -20.30 -19.64 24.97
C ILE D 53 -20.72 -18.46 25.85
N TYR D 54 -21.06 -17.32 25.26
CA TYR D 54 -21.37 -16.16 26.06
C TYR D 54 -22.84 -16.09 26.48
N PHE D 55 -23.60 -17.13 26.25
CA PHE D 55 -24.95 -17.00 26.77
C PHE D 55 -25.02 -17.56 28.19
N PRO D 56 -25.84 -16.96 29.06
CA PRO D 56 -25.87 -17.39 30.45
C PRO D 56 -26.45 -18.79 30.61
N THR D 57 -26.08 -19.43 31.73
CA THR D 57 -26.67 -20.71 32.10
C THR D 57 -28.17 -20.60 32.30
N SER D 58 -28.65 -19.41 32.70
CA SER D 58 -30.07 -19.18 32.89
C SER D 58 -30.86 -19.48 31.62
N VAL D 59 -30.25 -19.24 30.46
CA VAL D 59 -30.87 -19.59 29.19
C VAL D 59 -30.03 -20.71 28.58
N GLY D 60 -29.36 -21.48 29.45
CA GLY D 60 -28.74 -22.72 29.04
C GLY D 60 -27.49 -22.59 28.22
N GLY D 61 -26.87 -21.42 28.21
CA GLY D 61 -25.57 -21.25 27.59
C GLY D 61 -24.48 -21.80 28.49
N ALA D 62 -23.24 -21.53 28.09
CA ALA D 62 -22.10 -21.95 28.88
C ALA D 62 -21.70 -20.93 29.93
N GLY D 63 -22.37 -19.78 29.97
CA GLY D 63 -22.12 -18.77 30.98
C GLY D 63 -20.77 -18.09 30.85
N GLY D 64 -20.32 -17.85 29.62
CA GLY D 64 -19.10 -17.10 29.38
C GLY D 64 -19.37 -15.66 29.00
N ASP D 65 -18.29 -14.98 28.62
CA ASP D 65 -18.33 -13.60 28.19
C ASP D 65 -18.17 -13.50 26.68
N VAL D 66 -18.47 -12.31 26.15
CA VAL D 66 -18.37 -12.09 24.70
C VAL D 66 -16.94 -12.26 24.23
N LEU D 67 -15.97 -11.79 25.01
CA LEU D 67 -14.56 -11.92 24.62
C LEU D 67 -14.15 -13.38 24.46
N SER D 68 -14.70 -14.26 25.30
CA SER D 68 -14.38 -15.69 25.18
C SER D 68 -14.84 -16.25 23.84
N TYR D 69 -16.07 -15.89 23.43
CA TYR D 69 -16.57 -16.33 22.13
C TYR D 69 -15.70 -15.80 21.00
N VAL D 70 -15.33 -14.52 21.06
CA VAL D 70 -14.48 -13.93 20.03
C VAL D 70 -13.18 -14.70 19.89
N MET D 71 -12.58 -15.11 21.01
CA MET D 71 -11.33 -15.86 20.94
C MET D 71 -11.57 -17.28 20.43
N ALA D 72 -12.68 -17.89 20.84
CA ALA D 72 -13.05 -19.20 20.30
C ALA D 72 -13.07 -19.21 18.78
N VAL D 73 -13.63 -18.16 18.18
CA VAL D 73 -13.66 -18.05 16.73
C VAL D 73 -12.25 -17.83 16.19
N GLU D 74 -11.48 -16.96 16.86
CA GLU D 74 -10.11 -16.70 16.47
C GLU D 74 -9.28 -17.98 16.45
N GLU D 75 -9.30 -18.74 17.55
CA GLU D 75 -8.49 -19.96 17.63
C GLU D 75 -8.94 -21.00 16.62
N LEU D 76 -10.24 -21.08 16.35
CA LEU D 76 -10.73 -22.01 15.33
C LEU D 76 -10.32 -21.56 13.94
N SER D 77 -10.35 -20.25 13.69
CA SER D 77 -10.02 -19.73 12.36
C SER D 77 -8.52 -19.70 12.10
N LYS D 78 -7.68 -20.00 13.11
CA LYS D 78 -6.26 -20.16 12.85
C LYS D 78 -5.97 -21.41 12.03
N VAL D 79 -6.83 -22.41 12.12
CA VAL D 79 -6.63 -23.69 11.48
C VAL D 79 -7.62 -23.92 10.35
N CYS D 80 -8.89 -23.54 10.54
CA CYS D 80 -9.94 -23.83 9.57
C CYS D 80 -10.95 -22.69 9.60
N GLY D 81 -10.90 -21.85 8.57
CA GLY D 81 -11.85 -20.75 8.48
C GLY D 81 -13.29 -21.22 8.43
N THR D 82 -13.54 -22.37 7.80
CA THR D 82 -14.89 -22.91 7.72
C THR D 82 -15.47 -23.17 9.11
N THR D 83 -14.73 -23.87 9.96
CA THR D 83 -15.19 -24.13 11.32
C THR D 83 -15.44 -22.82 12.08
N GLY D 84 -14.60 -21.81 11.84
CA GLY D 84 -14.78 -20.54 12.53
C GLY D 84 -16.09 -19.86 12.18
N VAL D 85 -16.43 -19.83 10.89
CA VAL D 85 -17.64 -19.13 10.47
C VAL D 85 -18.89 -19.95 10.79
N ILE D 86 -18.76 -21.27 10.90
CA ILE D 86 -19.88 -22.13 11.33
C ILE D 86 -20.31 -21.77 12.75
N VAL D 87 -19.35 -21.54 13.64
CA VAL D 87 -19.73 -21.07 14.97
C VAL D 87 -20.23 -19.63 14.91
N SER D 88 -19.50 -18.75 14.21
CA SER D 88 -19.80 -17.31 14.26
C SER D 88 -21.23 -16.97 13.83
N ALA D 89 -21.68 -17.47 12.67
CA ALA D 89 -23.05 -17.26 12.22
C ALA D 89 -24.01 -17.92 13.18
N HIS D 90 -23.72 -19.16 13.60
CA HIS D 90 -24.62 -19.85 14.52
C HIS D 90 -24.77 -19.09 15.82
N THR D 91 -23.66 -18.58 16.36
CA THR D 91 -23.72 -17.85 17.61
C THR D 91 -24.26 -16.44 17.43
N SER D 92 -23.62 -15.64 16.57
CA SER D 92 -23.89 -14.22 16.52
C SER D 92 -25.08 -13.86 15.62
N LEU D 93 -25.46 -14.74 14.69
CA LEU D 93 -26.51 -14.42 13.74
C LEU D 93 -27.81 -15.16 13.97
N CYS D 94 -27.80 -16.28 14.71
CA CYS D 94 -29.03 -16.97 15.05
C CYS D 94 -29.36 -16.93 16.54
N ALA D 95 -28.42 -17.33 17.40
CA ALA D 95 -28.73 -17.41 18.83
C ALA D 95 -28.69 -16.04 19.50
N ALA D 96 -27.81 -15.15 19.04
CA ALA D 96 -27.77 -13.80 19.61
C ALA D 96 -29.06 -13.01 19.39
N PRO D 97 -29.64 -12.94 18.18
CA PRO D 97 -30.90 -12.19 18.05
C PRO D 97 -32.04 -12.78 18.85
N ILE D 98 -32.12 -14.12 18.95
CA ILE D 98 -33.14 -14.75 19.77
C ILE D 98 -32.98 -14.33 21.22
N TYR D 99 -31.77 -14.43 21.75
CA TYR D 99 -31.51 -14.02 23.12
C TYR D 99 -31.76 -12.53 23.31
N GLU D 100 -31.42 -11.72 22.31
CA GLU D 100 -31.49 -10.26 22.47
C GLU D 100 -32.93 -9.74 22.37
N ASN D 101 -33.75 -10.35 21.53
CA ASN D 101 -35.07 -9.82 21.23
C ASN D 101 -36.20 -10.80 21.51
N GLY D 102 -35.91 -11.98 22.04
CA GLY D 102 -36.91 -13.01 22.18
C GLY D 102 -37.71 -12.93 23.47
N THR D 103 -38.98 -13.33 23.37
CA THR D 103 -39.83 -13.52 24.52
C THR D 103 -39.32 -14.69 25.34
N PRO D 104 -39.76 -14.85 26.59
CA PRO D 104 -39.27 -15.99 27.39
C PRO D 104 -39.60 -17.33 26.77
N GLU D 105 -40.74 -17.46 26.09
CA GLU D 105 -41.05 -18.70 25.40
C GLU D 105 -40.06 -18.97 24.27
N GLN D 106 -39.85 -17.98 23.41
CA GLN D 106 -38.91 -18.13 22.29
C GLN D 106 -37.50 -18.46 22.79
N LYS D 107 -37.08 -17.83 23.89
CA LYS D 107 -35.78 -18.15 24.47
C LYS D 107 -35.75 -19.58 24.98
N GLU D 108 -36.72 -19.94 25.82
CA GLU D 108 -36.78 -21.28 26.39
C GLU D 108 -36.88 -22.36 25.31
N LYS D 109 -37.47 -22.04 24.16
CA LYS D 109 -37.67 -23.05 23.14
C LYS D 109 -36.39 -23.32 22.34
N TYR D 110 -35.76 -22.27 21.82
CA TYR D 110 -34.68 -22.40 20.83
C TYR D 110 -33.29 -22.39 21.44
N LEU D 111 -33.03 -21.50 22.39
CA LEU D 111 -31.68 -21.38 22.95
C LEU D 111 -31.16 -22.68 23.56
N PRO D 112 -31.91 -23.44 24.37
CA PRO D 112 -31.37 -24.72 24.88
C PRO D 112 -30.86 -25.64 23.79
N LYS D 113 -31.50 -25.65 22.63
CA LYS D 113 -31.03 -26.51 21.54
C LYS D 113 -29.90 -25.86 20.77
N LEU D 114 -29.95 -24.53 20.60
CA LEU D 114 -28.86 -23.85 19.90
C LEU D 114 -27.56 -23.90 20.67
N CYS D 115 -27.61 -23.65 21.98
CA CYS D 115 -26.38 -23.64 22.77
C CYS D 115 -25.83 -25.03 23.02
N SER D 116 -26.64 -26.07 22.84
CA SER D 116 -26.17 -27.44 23.05
C SER D 116 -25.49 -28.02 21.82
N GLY D 117 -25.97 -27.66 20.63
CA GLY D 117 -25.44 -28.18 19.39
C GLY D 117 -26.39 -29.07 18.62
N GLU D 118 -27.48 -29.53 19.25
CA GLU D 118 -28.43 -30.38 18.52
C GLU D 118 -29.12 -29.62 17.41
N TRP D 119 -29.32 -28.32 17.60
CA TRP D 119 -29.83 -27.45 16.54
C TRP D 119 -28.74 -26.49 16.10
N LEU D 120 -28.62 -26.31 14.79
CA LEU D 120 -27.69 -25.36 14.21
C LEU D 120 -28.49 -24.21 13.62
N GLY D 121 -27.96 -22.99 13.73
CA GLY D 121 -28.66 -21.80 13.34
C GLY D 121 -28.12 -21.18 12.06
N ALA D 122 -28.91 -20.25 11.53
CA ALA D 122 -28.54 -19.53 10.32
C ALA D 122 -29.38 -18.26 10.25
N PHE D 123 -28.97 -17.35 9.35
CA PHE D 123 -29.59 -16.04 9.24
C PHE D 123 -29.90 -15.78 7.77
N GLY D 124 -31.17 -15.52 7.46
CA GLY D 124 -31.48 -15.07 6.12
C GLY D 124 -31.82 -13.59 6.03
N LEU D 125 -30.91 -12.79 5.49
CA LEU D 125 -31.21 -11.43 5.05
C LEU D 125 -31.05 -11.26 3.55
N THR D 126 -29.90 -11.66 3.01
CA THR D 126 -29.52 -11.34 1.64
C THR D 126 -30.43 -11.99 0.62
N GLU D 127 -30.93 -11.18 -0.31
CA GLU D 127 -31.70 -11.63 -1.45
C GLU D 127 -30.92 -11.32 -2.73
N PRO D 128 -31.26 -11.99 -3.84
CA PRO D 128 -30.57 -11.65 -5.10
C PRO D 128 -30.73 -10.20 -5.51
N GLY D 129 -31.98 -9.70 -5.54
CA GLY D 129 -32.21 -8.37 -6.09
C GLY D 129 -31.53 -7.26 -5.32
N ALA D 130 -31.32 -7.43 -4.01
CA ALA D 130 -30.56 -6.44 -3.25
C ALA D 130 -29.94 -7.10 -2.02
N GLY D 131 -28.62 -7.28 -2.01
CA GLY D 131 -27.97 -7.64 -0.76
C GLY D 131 -27.36 -6.50 0.05
N THR D 132 -26.58 -5.62 -0.59
CA THR D 132 -26.10 -4.42 0.11
C THR D 132 -27.25 -3.48 0.43
N ASP D 133 -28.15 -3.29 -0.53
CA ASP D 133 -29.35 -2.46 -0.36
C ASP D 133 -30.38 -3.27 0.40
N ALA D 134 -30.15 -3.40 1.70
CA ALA D 134 -31.02 -4.21 2.54
C ALA D 134 -32.39 -3.58 2.80
N GLN D 135 -32.66 -2.39 2.24
CA GLN D 135 -33.97 -1.76 2.36
C GLN D 135 -34.81 -1.93 1.10
N GLY D 136 -34.29 -2.61 0.08
CA GLY D 136 -35.06 -2.84 -1.12
C GLY D 136 -35.33 -4.30 -1.43
N GLN D 137 -35.56 -5.12 -0.40
CA GLN D 137 -35.81 -6.54 -0.62
C GLN D 137 -37.31 -6.79 -0.78
N GLN D 138 -37.66 -8.02 -1.20
CA GLN D 138 -39.06 -8.30 -1.48
C GLN D 138 -39.54 -9.66 -0.98
N THR D 139 -38.87 -10.29 0.00
CA THR D 139 -39.46 -11.43 0.67
C THR D 139 -40.58 -10.94 1.58
N THR D 140 -41.78 -11.46 1.39
CA THR D 140 -42.96 -10.93 2.06
C THR D 140 -43.52 -11.92 3.08
N ALA D 141 -44.15 -11.37 4.12
CA ALA D 141 -44.83 -12.13 5.15
C ALA D 141 -46.20 -11.51 5.37
N VAL D 142 -47.24 -12.34 5.38
CA VAL D 142 -48.62 -11.86 5.42
C VAL D 142 -49.38 -12.57 6.53
N GLU D 143 -50.23 -11.82 7.22
CA GLU D 143 -51.13 -12.39 8.21
C GLU D 143 -52.16 -13.27 7.55
N ASP D 144 -52.37 -14.47 8.09
CA ASP D 144 -53.42 -15.36 7.62
C ASP D 144 -53.93 -16.13 8.83
N GLY D 145 -55.02 -15.65 9.41
CA GLY D 145 -55.56 -16.29 10.60
C GLY D 145 -54.57 -16.23 11.74
N ASP D 146 -54.24 -17.40 12.28
CA ASP D 146 -53.28 -17.52 13.36
C ASP D 146 -51.86 -17.77 12.88
N TYR D 147 -51.61 -17.74 11.57
CA TYR D 147 -50.31 -18.08 11.01
C TYR D 147 -49.78 -16.95 10.13
N TRP D 148 -48.48 -17.01 9.87
CA TRP D 148 -47.80 -16.14 8.93
C TRP D 148 -47.50 -16.90 7.64
N VAL D 149 -47.53 -16.19 6.53
CA VAL D 149 -47.29 -16.80 5.22
C VAL D 149 -46.13 -16.05 4.57
N LEU D 150 -45.00 -16.73 4.41
CA LEU D 150 -43.79 -16.14 3.88
C LEU D 150 -43.57 -16.60 2.44
N ASN D 151 -43.30 -15.64 1.54
CA ASN D 151 -42.90 -15.94 0.18
C ASN D 151 -41.70 -15.09 -0.21
N GLY D 152 -40.78 -15.70 -0.94
CA GLY D 152 -39.58 -15.02 -1.40
C GLY D 152 -38.42 -15.99 -1.45
N SER D 153 -37.21 -15.44 -1.43
CA SER D 153 -36.00 -16.24 -1.48
C SER D 153 -34.85 -15.52 -0.80
N LYS D 154 -33.95 -16.28 -0.20
CA LYS D 154 -32.71 -15.78 0.35
C LYS D 154 -31.54 -16.51 -0.30
N ILE D 155 -30.39 -15.84 -0.34
CA ILE D 155 -29.23 -16.33 -1.07
C ILE D 155 -27.98 -16.22 -0.21
N PHE D 156 -27.08 -17.20 -0.37
CA PHE D 156 -25.74 -17.26 0.24
C PHE D 156 -25.76 -17.67 1.71
N ILE D 157 -26.92 -18.07 2.24
CA ILE D 157 -27.09 -18.28 3.68
C ILE D 157 -26.09 -19.30 4.20
N THR D 158 -25.27 -18.88 5.17
CA THR D 158 -24.31 -19.76 5.83
C THR D 158 -25.03 -20.78 6.70
N ASN D 159 -24.54 -22.03 6.66
CA ASN D 159 -25.07 -23.18 7.39
C ASN D 159 -26.43 -23.65 6.87
N ALA D 160 -26.89 -23.11 5.74
CA ALA D 160 -28.26 -23.34 5.30
C ALA D 160 -28.55 -24.82 5.07
N GLY D 161 -27.60 -25.55 4.52
CA GLY D 161 -27.82 -26.96 4.23
C GLY D 161 -27.76 -27.88 5.41
N TYR D 162 -27.41 -27.36 6.59
CA TYR D 162 -27.31 -28.17 7.80
C TYR D 162 -27.96 -27.51 9.01
N ALA D 163 -28.69 -26.41 8.82
CA ALA D 163 -29.26 -25.67 9.93
C ALA D 163 -30.69 -26.13 10.21
N ASP D 164 -31.09 -26.01 11.47
CA ASP D 164 -32.41 -26.41 11.94
C ASP D 164 -33.35 -25.23 12.15
N VAL D 165 -32.82 -24.06 12.48
CA VAL D 165 -33.64 -22.88 12.76
C VAL D 165 -32.98 -21.68 12.07
N PHE D 166 -33.81 -20.85 11.44
CA PHE D 166 -33.34 -19.73 10.64
C PHE D 166 -33.98 -18.43 11.12
N ILE D 167 -33.20 -17.36 11.10
CA ILE D 167 -33.72 -16.01 11.32
C ILE D 167 -33.94 -15.39 9.95
N VAL D 168 -35.21 -15.15 9.59
CA VAL D 168 -35.58 -14.65 8.28
C VAL D 168 -36.12 -13.24 8.42
N ILE D 169 -35.64 -12.34 7.57
CA ILE D 169 -36.12 -10.96 7.51
C ILE D 169 -37.04 -10.84 6.31
N ALA D 170 -38.30 -10.53 6.54
CA ALA D 170 -39.28 -10.45 5.47
C ALA D 170 -40.03 -9.13 5.55
N VAL D 171 -40.50 -8.68 4.39
CA VAL D 171 -41.24 -7.41 4.31
C VAL D 171 -42.68 -7.66 4.73
N THR D 172 -43.09 -7.01 5.82
CA THR D 172 -44.46 -7.13 6.31
C THR D 172 -45.30 -5.89 6.02
N ASP D 173 -44.82 -4.72 6.40
CA ASP D 173 -45.63 -3.50 6.37
C ASP D 173 -45.22 -2.62 5.21
N LYS D 174 -46.21 -2.20 4.42
CA LYS D 174 -46.03 -1.29 3.31
C LYS D 174 -46.58 0.06 3.78
N VAL D 175 -45.68 0.95 4.21
CA VAL D 175 -46.07 2.13 4.95
C VAL D 175 -45.61 3.36 4.19
N LEU D 176 -46.29 4.48 4.43
CA LEU D 176 -45.89 5.74 3.84
C LEU D 176 -44.95 6.47 4.79
N ASP D 177 -44.00 7.19 4.22
CA ASP D 177 -42.96 7.84 5.01
C ASP D 177 -43.25 9.33 5.19
N LYS D 178 -42.31 10.04 5.81
CA LYS D 178 -42.49 11.47 6.01
C LYS D 178 -42.52 12.24 4.69
N LYS D 179 -41.61 11.92 3.76
CA LYS D 179 -41.56 12.62 2.49
C LYS D 179 -42.66 12.20 1.51
N GLY D 180 -43.49 11.24 1.88
CA GLY D 180 -44.54 10.78 0.99
C GLY D 180 -44.18 9.59 0.14
N ARG D 181 -42.90 9.14 0.17
CA ARG D 181 -42.50 7.95 -0.57
C ARG D 181 -42.97 6.67 0.14
N PRO D 182 -43.23 5.59 -0.61
CA PRO D 182 -43.64 4.33 0.02
C PRO D 182 -42.42 3.56 0.50
N THR D 183 -42.36 3.32 1.81
CA THR D 183 -41.25 2.58 2.41
C THR D 183 -41.74 1.22 2.87
N LYS D 184 -40.86 0.22 2.74
CA LYS D 184 -41.17 -1.16 3.13
C LYS D 184 -40.57 -1.43 4.52
N LEU D 185 -41.42 -1.83 5.45
CA LEU D 185 -40.99 -2.23 6.79
C LEU D 185 -40.85 -3.74 6.86
N CYS D 186 -39.82 -4.20 7.56
CA CYS D 186 -39.52 -5.62 7.68
C CYS D 186 -39.81 -6.11 9.09
N SER D 187 -39.96 -7.43 9.20
CA SER D 187 -40.07 -8.10 10.48
C SER D 187 -39.18 -9.34 10.47
N ALA D 188 -38.66 -9.69 11.64
CA ALA D 188 -37.84 -10.89 11.80
C ALA D 188 -38.73 -12.06 12.21
N PHE D 189 -38.44 -13.23 11.67
CA PHE D 189 -39.22 -14.43 11.94
C PHE D 189 -38.29 -15.59 12.21
N ILE D 190 -38.68 -16.44 13.16
CA ILE D 190 -37.95 -17.66 13.45
C ILE D 190 -38.57 -18.75 12.60
N VAL D 191 -37.84 -19.21 11.58
CA VAL D 191 -38.28 -20.25 10.67
C VAL D 191 -37.55 -21.53 11.01
N GLU D 192 -38.29 -22.60 11.23
CA GLU D 192 -37.71 -23.91 11.46
C GLU D 192 -37.59 -24.66 10.14
N ARG D 193 -36.53 -25.45 10.03
CA ARG D 193 -36.29 -26.23 8.82
C ARG D 193 -37.49 -27.07 8.43
N THR D 194 -38.36 -27.39 9.39
CA THR D 194 -39.51 -28.25 9.15
C THR D 194 -40.74 -27.52 8.67
N ASP D 195 -40.72 -26.19 8.60
CA ASP D 195 -41.91 -25.46 8.21
C ASP D 195 -42.38 -25.90 6.82
N PRO D 196 -43.68 -26.06 6.61
CA PRO D 196 -44.18 -26.33 5.26
C PRO D 196 -43.89 -25.17 4.33
N GLY D 197 -43.64 -25.48 3.06
CA GLY D 197 -43.35 -24.45 2.10
C GLY D 197 -42.01 -23.79 2.26
N PHE D 198 -41.08 -24.44 2.95
CA PHE D 198 -39.72 -23.92 3.12
C PHE D 198 -38.74 -24.97 2.68
N SER D 199 -37.78 -24.56 1.84
CA SER D 199 -36.77 -25.45 1.31
C SER D 199 -35.44 -24.73 1.26
N VAL D 200 -34.38 -25.41 1.71
CA VAL D 200 -33.04 -24.95 1.42
C VAL D 200 -32.67 -25.49 0.04
N GLY D 201 -31.95 -24.70 -0.74
CA GLY D 201 -31.79 -25.07 -2.12
C GLY D 201 -30.36 -25.27 -2.56
N LYS D 202 -30.07 -24.86 -3.80
CA LYS D 202 -28.74 -25.02 -4.36
C LYS D 202 -27.68 -24.42 -3.44
N ALA D 203 -26.65 -25.21 -3.15
CA ALA D 203 -25.49 -24.75 -2.41
C ALA D 203 -24.62 -23.93 -3.35
N GLU D 204 -23.54 -23.33 -2.85
CA GLU D 204 -22.67 -22.56 -3.72
C GLU D 204 -21.28 -23.20 -3.75
N ASP D 205 -20.74 -23.36 -4.97
CA ASP D 205 -19.35 -23.72 -5.16
C ASP D 205 -18.52 -22.46 -5.02
N LYS D 206 -17.77 -22.33 -3.93
CA LYS D 206 -17.15 -21.07 -3.57
C LYS D 206 -15.63 -21.13 -3.73
N MET D 207 -15.01 -19.96 -3.60
CA MET D 207 -13.56 -19.85 -3.65
C MET D 207 -12.92 -20.47 -2.41
N GLY D 208 -13.39 -20.09 -1.23
CA GLY D 208 -12.87 -20.60 0.02
C GLY D 208 -14.00 -20.95 0.96
N ILE D 209 -13.69 -21.07 2.27
CA ILE D 209 -14.58 -21.62 3.29
C ILE D 209 -15.47 -22.69 2.68
N ARG D 210 -14.87 -23.59 1.89
CA ARG D 210 -15.65 -24.46 1.01
C ARG D 210 -16.41 -25.51 1.81
N GLY D 211 -15.91 -25.90 2.99
CA GLY D 211 -16.68 -26.79 3.83
C GLY D 211 -17.93 -26.17 4.41
N SER D 212 -18.00 -24.84 4.44
CA SER D 212 -19.21 -24.17 4.89
C SER D 212 -20.36 -24.47 3.94
N SER D 213 -21.55 -24.66 4.50
CA SER D 213 -22.75 -24.97 3.72
C SER D 213 -23.50 -23.67 3.46
N THR D 214 -23.29 -23.09 2.29
CA THR D 214 -23.93 -21.84 1.89
C THR D 214 -24.88 -22.15 0.76
N CYS D 215 -26.18 -22.01 1.02
CA CYS D 215 -27.20 -22.36 0.04
C CYS D 215 -28.28 -21.28 0.02
N GLU D 216 -29.18 -21.40 -0.94
CA GLU D 216 -30.33 -20.51 -1.04
C GLU D 216 -31.49 -21.03 -0.19
N LEU D 217 -32.33 -20.10 0.25
CA LEU D 217 -33.55 -20.42 0.98
C LEU D 217 -34.75 -20.05 0.13
N ILE D 218 -35.75 -20.92 0.10
CA ILE D 218 -36.92 -20.71 -0.74
C ILE D 218 -38.17 -20.81 0.12
N PHE D 219 -39.03 -19.79 0.04
CA PHE D 219 -40.28 -19.70 0.79
C PHE D 219 -41.43 -19.73 -0.21
N GLU D 220 -42.09 -20.88 -0.33
CA GLU D 220 -43.21 -21.05 -1.24
C GLU D 220 -44.45 -21.36 -0.40
N ASP D 221 -45.21 -20.30 -0.07
CA ASP D 221 -46.33 -20.40 0.85
C ASP D 221 -45.89 -21.04 2.17
N CYS D 222 -44.78 -20.53 2.70
CA CYS D 222 -44.25 -20.98 3.98
C CYS D 222 -45.17 -20.49 5.10
N ARG D 223 -45.96 -21.41 5.66
CA ARG D 223 -46.96 -21.07 6.68
C ARG D 223 -46.39 -21.39 8.06
N ILE D 224 -46.19 -20.36 8.87
CA ILE D 224 -45.58 -20.49 10.19
C ILE D 224 -46.48 -19.87 11.24
N PRO D 225 -46.42 -20.32 12.50
CA PRO D 225 -47.25 -19.72 13.56
C PRO D 225 -47.09 -18.22 13.72
N LYS D 226 -48.05 -17.60 14.40
CA LYS D 226 -48.00 -16.16 14.63
C LYS D 226 -46.90 -15.79 15.62
N ASP D 227 -46.63 -16.66 16.59
CA ASP D 227 -45.64 -16.41 17.64
C ASP D 227 -44.22 -16.71 17.20
N ARG D 228 -43.99 -16.85 15.89
CA ARG D 228 -42.63 -17.00 15.37
C ARG D 228 -41.94 -15.67 15.15
N MET D 229 -42.71 -14.58 15.11
CA MET D 229 -42.12 -13.25 14.95
C MET D 229 -41.19 -12.94 16.10
N LEU D 230 -40.04 -12.36 15.77
CA LEU D 230 -39.00 -12.03 16.74
C LEU D 230 -38.85 -10.51 16.78
N GLY D 231 -39.17 -9.93 17.93
CA GLY D 231 -39.12 -8.49 18.08
C GLY D 231 -40.44 -7.82 17.74
N VAL D 232 -40.34 -6.52 17.44
CA VAL D 232 -41.50 -5.69 17.13
C VAL D 232 -41.79 -5.77 15.64
N ARG D 233 -43.05 -5.56 15.25
CA ARG D 233 -43.40 -5.45 13.85
C ARG D 233 -42.83 -4.18 13.25
N GLY D 234 -42.42 -4.25 11.98
CA GLY D 234 -41.87 -3.12 11.28
C GLY D 234 -40.48 -2.72 11.69
N LYS D 235 -39.94 -3.28 12.77
CA LYS D 235 -38.58 -3.02 13.21
C LYS D 235 -37.65 -4.20 12.99
N GLY D 236 -38.02 -5.11 12.09
CA GLY D 236 -37.14 -6.23 11.79
C GLY D 236 -35.82 -5.81 11.18
N PHE D 237 -35.82 -4.73 10.39
CA PHE D 237 -34.57 -4.24 9.83
C PHE D 237 -33.63 -3.75 10.92
N GLN D 238 -34.14 -2.97 11.88
CA GLN D 238 -33.29 -2.56 12.99
C GLN D 238 -32.79 -3.75 13.78
N LEU D 239 -33.57 -4.83 13.86
CA LEU D 239 -33.07 -6.06 14.45
C LEU D 239 -31.94 -6.66 13.64
N ALA D 240 -32.09 -6.68 12.30
CA ALA D 240 -31.05 -7.26 11.45
C ALA D 240 -29.75 -6.49 11.57
N MET D 241 -29.82 -5.16 11.65
CA MET D 241 -28.60 -4.37 11.75
C MET D 241 -27.97 -4.44 13.13
N ALA D 242 -28.78 -4.64 14.17
CA ALA D 242 -28.21 -4.88 15.48
C ALA D 242 -27.64 -6.30 15.60
N THR D 243 -28.18 -7.25 14.84
CA THR D 243 -27.59 -8.57 14.77
C THR D 243 -26.24 -8.53 14.05
N LEU D 244 -26.19 -7.86 12.90
CA LEU D 244 -24.96 -7.80 12.12
C LEU D 244 -23.83 -7.13 12.89
N ASP D 245 -24.14 -6.17 13.75
CA ASP D 245 -23.10 -5.52 14.55
C ASP D 245 -22.36 -6.53 15.41
N GLY D 246 -23.08 -7.48 16.01
CA GLY D 246 -22.41 -8.54 16.74
C GLY D 246 -21.69 -9.52 15.84
N GLY D 247 -22.31 -9.88 14.71
CA GLY D 247 -21.68 -10.83 13.81
C GLY D 247 -20.40 -10.30 13.18
N ARG D 248 -20.35 -8.99 12.89
CA ARG D 248 -19.15 -8.40 12.32
C ARG D 248 -17.97 -8.51 13.27
N ILE D 249 -18.23 -8.61 14.57
CA ILE D 249 -17.15 -8.88 15.53
C ILE D 249 -16.67 -10.31 15.38
N GLY D 250 -17.60 -11.24 15.10
CA GLY D 250 -17.21 -12.62 14.87
C GLY D 250 -16.36 -12.78 13.63
N ILE D 251 -16.71 -12.08 12.55
CA ILE D 251 -15.95 -12.20 11.31
C ILE D 251 -14.62 -11.48 11.43
N ALA D 252 -14.59 -10.35 12.14
CA ALA D 252 -13.33 -9.69 12.42
C ALA D 252 -12.39 -10.61 13.17
N SER D 253 -12.94 -11.43 14.08
CA SER D 253 -12.10 -12.41 14.77
C SER D 253 -11.77 -13.59 13.87
N GLN D 254 -12.67 -13.97 12.96
CA GLN D 254 -12.34 -15.00 11.98
C GLN D 254 -11.20 -14.55 11.08
N ALA D 255 -11.27 -13.31 10.60
CA ALA D 255 -10.19 -12.77 9.78
C ALA D 255 -8.89 -12.68 10.57
N LEU D 256 -8.96 -12.15 11.79
CA LEU D 256 -7.81 -12.12 12.67
C LEU D 256 -7.19 -13.49 12.83
N GLY D 257 -8.01 -14.52 13.04
CA GLY D 257 -7.49 -15.86 13.22
C GLY D 257 -6.81 -16.40 11.97
N ILE D 258 -7.41 -16.15 10.80
CA ILE D 258 -6.80 -16.60 9.55
C ILE D 258 -5.44 -15.94 9.35
N ALA D 259 -5.35 -14.64 9.61
CA ALA D 259 -4.06 -13.96 9.52
C ALA D 259 -3.08 -14.47 10.56
N GLU D 260 -3.57 -14.82 11.74
CA GLU D 260 -2.70 -15.30 12.81
C GLU D 260 -2.16 -16.69 12.49
N GLY D 261 -3.05 -17.60 12.05
CA GLY D 261 -2.60 -18.95 11.71
C GLY D 261 -1.62 -18.96 10.55
N ALA D 262 -1.84 -18.09 9.57
CA ALA D 262 -0.92 -18.01 8.44
C ALA D 262 0.48 -17.58 8.89
N LEU D 263 0.55 -16.68 9.87
CA LEU D 263 1.86 -16.21 10.33
C LEU D 263 2.58 -17.30 11.12
N GLN D 264 1.87 -18.01 11.99
CA GLN D 264 2.43 -19.16 12.70
C GLN D 264 3.05 -20.16 11.72
N GLU D 265 2.28 -20.56 10.71
CA GLU D 265 2.78 -21.51 9.72
C GLU D 265 4.02 -20.98 9.02
N THR D 266 3.97 -19.72 8.58
CA THR D 266 5.10 -19.13 7.88
C THR D 266 6.36 -19.13 8.74
N VAL D 267 6.26 -18.67 9.98
CA VAL D 267 7.42 -18.64 10.87
C VAL D 267 7.99 -20.05 11.05
N ALA D 268 7.12 -21.06 11.09
CA ALA D 268 7.59 -22.44 11.20
C ALA D 268 8.34 -22.86 9.93
N TYR D 269 7.80 -22.50 8.76
CA TYR D 269 8.38 -22.95 7.50
C TYR D 269 9.74 -22.30 7.24
N VAL D 270 9.84 -20.99 7.47
CA VAL D 270 11.04 -20.25 7.12
C VAL D 270 12.21 -20.64 8.01
N LYS D 271 11.96 -21.17 9.20
CA LYS D 271 13.04 -21.62 10.07
C LYS D 271 13.64 -22.94 9.62
N GLU D 272 12.82 -23.81 9.01
CA GLU D 272 13.31 -25.12 8.61
C GLU D 272 13.77 -25.18 7.15
N ARG D 273 13.14 -24.40 6.26
CA ARG D 273 13.52 -24.42 4.86
C ARG D 273 14.81 -23.61 4.68
N LYS D 274 15.73 -24.15 3.88
CA LYS D 274 16.98 -23.47 3.59
C LYS D 274 17.09 -23.14 2.11
N GLN D 275 17.95 -22.16 1.82
CA GLN D 275 18.48 -21.90 0.50
C GLN D 275 19.71 -21.03 0.69
N PHE D 276 20.50 -20.90 -0.37
CA PHE D 276 21.72 -20.10 -0.38
C PHE D 276 22.58 -20.38 0.86
N GLY D 277 22.54 -21.62 1.35
CA GLY D 277 23.30 -22.03 2.49
C GLY D 277 22.60 -21.87 3.82
N ARG D 278 21.60 -20.99 3.92
CA ARG D 278 21.03 -20.57 5.19
C ARG D 278 19.54 -20.86 5.26
N SER D 279 19.01 -20.76 6.48
CA SER D 279 17.57 -20.77 6.68
C SER D 279 16.94 -19.52 6.08
N ILE D 280 15.73 -19.67 5.54
CA ILE D 280 15.04 -18.52 4.95
C ILE D 280 14.77 -17.42 5.96
N SER D 281 14.76 -17.75 7.26
CA SER D 281 14.59 -16.75 8.30
C SER D 281 15.86 -15.97 8.60
N ALA D 282 16.96 -16.29 7.93
CA ALA D 282 18.21 -15.55 8.06
C ALA D 282 18.30 -14.35 7.14
N PHE D 283 17.37 -14.22 6.19
CA PHE D 283 17.37 -13.10 5.26
C PHE D 283 16.56 -11.94 5.82
N GLN D 284 17.07 -10.72 5.64
CA GLN D 284 16.45 -9.56 6.25
C GLN D 284 15.02 -9.35 5.75
N ASN D 285 14.79 -9.51 4.45
CA ASN D 285 13.46 -9.30 3.89
C ASN D 285 12.43 -10.19 4.57
N THR D 286 12.76 -11.48 4.75
CA THR D 286 11.86 -12.38 5.47
C THR D 286 11.60 -11.88 6.89
N GLN D 287 12.64 -11.38 7.55
CA GLN D 287 12.49 -10.88 8.92
C GLN D 287 11.57 -9.66 8.96
N PHE D 288 11.80 -8.70 8.07
CA PHE D 288 11.00 -7.48 8.10
C PHE D 288 9.58 -7.73 7.63
N GLU D 289 9.38 -8.69 6.72
CA GLU D 289 8.02 -9.06 6.33
C GLU D 289 7.25 -9.61 7.52
N LEU D 290 7.84 -10.59 8.22
CA LEU D 290 7.18 -11.17 9.39
C LEU D 290 6.94 -10.11 10.47
N ALA D 291 7.96 -9.28 10.73
CA ALA D 291 7.85 -8.30 11.81
C ALA D 291 6.74 -7.29 11.54
N GLU D 292 6.61 -6.83 10.29
CA GLU D 292 5.58 -5.86 9.97
C GLU D 292 4.20 -6.48 10.01
N MET D 293 4.07 -7.72 9.52
CA MET D 293 2.77 -8.39 9.55
C MET D 293 2.30 -8.64 10.97
N LYS D 294 3.21 -9.06 11.86
CA LYS D 294 2.83 -9.29 13.25
C LYS D 294 2.42 -7.99 13.92
N ALA D 295 3.09 -6.88 13.60
CA ALA D 295 2.70 -5.60 14.18
C ALA D 295 1.33 -5.15 13.69
N ARG D 296 1.03 -5.40 12.41
CA ARG D 296 -0.31 -5.10 11.90
C ARG D 296 -1.35 -6.02 12.52
N ILE D 297 -1.05 -7.33 12.60
CA ILE D 297 -1.99 -8.29 13.19
C ILE D 297 -2.30 -7.91 14.63
N GLU D 298 -1.26 -7.63 15.42
CA GLU D 298 -1.45 -7.23 16.81
C GLU D 298 -2.34 -6.01 16.92
N ALA D 299 -2.23 -5.08 15.97
CA ALA D 299 -3.09 -3.90 15.99
C ALA D 299 -4.54 -4.26 15.66
N ALA D 300 -4.73 -5.22 14.73
CA ALA D 300 -6.08 -5.67 14.41
C ALA D 300 -6.71 -6.42 15.59
N LYS D 301 -5.90 -7.19 16.32
CA LYS D 301 -6.39 -7.89 17.50
C LYS D 301 -7.03 -6.92 18.49
N TYR D 302 -6.36 -5.79 18.77
CA TYR D 302 -6.87 -4.85 19.75
C TYR D 302 -8.18 -4.23 19.32
N LEU D 303 -8.38 -4.02 18.02
CA LEU D 303 -9.67 -3.52 17.55
C LEU D 303 -10.76 -4.57 17.74
N VAL D 304 -10.51 -5.79 17.25
CA VAL D 304 -11.44 -6.89 17.42
C VAL D 304 -11.82 -7.06 18.89
N TYR D 305 -10.81 -7.23 19.75
CA TYR D 305 -11.06 -7.39 21.17
C TYR D 305 -11.83 -6.23 21.76
N ALA D 306 -11.53 -5.00 21.33
CA ALA D 306 -12.22 -3.84 21.89
C ALA D 306 -13.70 -3.82 21.51
N ALA D 307 -14.00 -4.16 20.24
CA ALA D 307 -15.40 -4.26 19.83
C ALA D 307 -16.15 -5.28 20.67
N ALA D 308 -15.48 -6.39 21.01
CA ALA D 308 -16.10 -7.41 21.86
C ALA D 308 -16.47 -6.83 23.22
N LEU D 309 -15.56 -6.07 23.83
CA LEU D 309 -15.81 -5.52 25.15
C LEU D 309 -16.94 -4.49 25.13
N LYS D 310 -16.97 -3.65 24.10
CA LYS D 310 -18.09 -2.73 23.94
C LYS D 310 -19.40 -3.49 23.81
N LYS D 311 -19.42 -4.56 23.00
CA LYS D 311 -20.61 -5.39 22.90
C LYS D 311 -21.00 -5.98 24.25
N GLN D 312 -20.02 -6.46 25.01
CA GLN D 312 -20.34 -7.01 26.33
C GLN D 312 -20.76 -5.90 27.30
N GLU D 313 -20.23 -4.69 27.13
CA GLU D 313 -20.69 -3.57 27.92
C GLU D 313 -22.17 -3.30 27.68
N ALA D 314 -22.59 -3.31 26.42
CA ALA D 314 -24.00 -3.13 26.09
C ALA D 314 -24.86 -4.23 26.70
N MET D 315 -24.40 -5.49 26.62
CA MET D 315 -25.19 -6.60 27.15
C MET D 315 -25.35 -6.50 28.67
N ASN D 316 -24.39 -5.89 29.36
CA ASN D 316 -24.42 -5.79 30.81
C ASN D 316 -25.25 -4.61 31.30
N GLY D 317 -25.95 -3.92 30.40
CA GLY D 317 -26.85 -2.85 30.75
C GLY D 317 -26.31 -1.45 30.52
N ALA D 318 -25.00 -1.29 30.43
CA ALA D 318 -24.41 -0.01 30.07
C ALA D 318 -24.84 0.37 28.66
N LYS D 319 -25.64 1.43 28.52
CA LYS D 319 -26.17 1.81 27.23
C LYS D 319 -25.06 2.45 26.40
N VAL D 320 -24.40 1.64 25.57
CA VAL D 320 -23.35 2.10 24.69
C VAL D 320 -23.57 1.48 23.32
N ARG D 321 -23.10 2.17 22.28
CA ARG D 321 -23.16 1.67 20.92
C ARG D 321 -21.81 1.11 20.51
N TYR D 322 -21.84 -0.01 19.77
CA TYR D 322 -20.63 -0.71 19.38
C TYR D 322 -20.58 -0.98 17.89
N SER D 323 -21.42 -0.31 17.10
CA SER D 323 -21.46 -0.57 15.66
C SER D 323 -20.21 -0.04 14.97
N VAL D 324 -19.73 1.13 15.39
CA VAL D 324 -18.49 1.66 14.83
C VAL D 324 -17.31 0.77 15.18
N GLU D 325 -17.25 0.31 16.43
CA GLU D 325 -16.15 -0.52 16.87
C GLU D 325 -16.10 -1.83 16.10
N ALA D 326 -17.27 -2.41 15.82
CA ALA D 326 -17.34 -3.61 14.99
C ALA D 326 -16.90 -3.30 13.56
N ALA D 327 -17.46 -2.25 12.97
CA ALA D 327 -17.09 -1.86 11.61
C ALA D 327 -15.59 -1.62 11.50
N GLN D 328 -15.00 -0.93 12.47
CA GLN D 328 -13.55 -0.74 12.47
C GLN D 328 -12.82 -2.07 12.54
N ALA D 329 -13.22 -2.93 13.47
CA ALA D 329 -12.65 -4.28 13.55
C ALA D 329 -12.79 -5.01 12.22
N LYS D 330 -14.01 -5.06 11.68
CA LYS D 330 -14.28 -5.81 10.46
C LYS D 330 -13.47 -5.27 9.29
N LEU D 331 -13.35 -3.95 9.17
CA LEU D 331 -12.62 -3.36 8.05
C LEU D 331 -11.13 -3.68 8.13
N ILE D 332 -10.52 -3.42 9.29
CA ILE D 332 -9.07 -3.56 9.41
C ILE D 332 -8.67 -5.03 9.42
N ALA D 333 -9.42 -5.87 10.14
CA ALA D 333 -9.05 -7.28 10.26
C ALA D 333 -9.15 -8.01 8.91
N ALA D 334 -10.22 -7.72 8.15
CA ALA D 334 -10.38 -8.38 6.86
C ALA D 334 -9.29 -7.97 5.88
N ARG D 335 -8.95 -6.68 5.87
CA ARG D 335 -7.86 -6.23 5.00
C ARG D 335 -6.51 -6.71 5.48
N THR D 336 -6.36 -6.95 6.80
CA THR D 336 -5.12 -7.54 7.30
C THR D 336 -5.00 -9.00 6.89
N ALA D 337 -6.11 -9.75 6.97
CA ALA D 337 -6.07 -11.18 6.62
C ALA D 337 -5.65 -11.39 5.18
N SER D 338 -6.27 -10.65 4.25
CA SER D 338 -5.94 -10.83 2.84
C SER D 338 -4.51 -10.42 2.55
N ASP D 339 -4.02 -9.38 3.22
CA ASP D 339 -2.66 -8.92 3.02
C ASP D 339 -1.65 -9.91 3.59
N VAL D 340 -1.91 -10.39 4.81
CA VAL D 340 -0.97 -11.30 5.46
C VAL D 340 -0.87 -12.62 4.70
N THR D 341 -2.01 -13.18 4.28
CA THR D 341 -1.99 -14.50 3.66
C THR D 341 -1.31 -14.45 2.29
N ARG D 342 -1.49 -13.37 1.54
CA ARG D 342 -0.80 -13.25 0.26
C ARG D 342 0.70 -13.11 0.45
N ARG D 343 1.13 -12.31 1.42
CA ARG D 343 2.56 -12.14 1.66
C ARG D 343 3.18 -13.37 2.30
N CYS D 344 2.41 -14.09 3.12
CA CYS D 344 2.91 -15.33 3.71
C CYS D 344 3.10 -16.40 2.64
N LEU D 345 2.12 -16.54 1.74
CA LEU D 345 2.27 -17.49 0.63
C LEU D 345 3.51 -17.18 -0.19
N GLN D 346 3.84 -15.90 -0.35
CA GLN D 346 5.06 -15.52 -1.07
C GLN D 346 6.29 -16.13 -0.42
N LEU D 347 6.39 -16.04 0.90
CA LEU D 347 7.53 -16.59 1.63
C LEU D 347 7.62 -18.11 1.55
N PHE D 348 6.60 -18.78 1.05
CA PHE D 348 6.64 -20.23 0.87
C PHE D 348 7.23 -20.65 -0.48
N GLY D 349 7.39 -19.73 -1.41
CA GLY D 349 7.81 -20.10 -2.74
C GLY D 349 6.77 -20.95 -3.44
N GLY D 350 7.24 -21.82 -4.34
CA GLY D 350 6.33 -22.70 -5.05
C GLY D 350 5.55 -23.62 -4.13
N TYR D 351 6.15 -24.01 -2.99
CA TYR D 351 5.48 -24.93 -2.08
C TYR D 351 4.22 -24.35 -1.46
N GLY D 352 4.08 -23.02 -1.43
CA GLY D 352 2.84 -22.42 -0.95
C GLY D 352 1.71 -22.44 -1.94
N TYR D 353 2.02 -22.61 -3.23
CA TYR D 353 1.00 -22.66 -4.27
C TYR D 353 0.32 -24.02 -4.37
N THR D 354 0.84 -25.04 -3.70
CA THR D 354 0.27 -26.38 -3.74
C THR D 354 -0.58 -26.63 -2.49
N ARG D 355 -1.38 -27.69 -2.57
CA ARG D 355 -2.23 -28.10 -1.45
C ARG D 355 -1.46 -28.77 -0.33
N ASP D 356 -0.16 -29.03 -0.51
CA ASP D 356 0.65 -29.61 0.56
C ASP D 356 0.53 -28.80 1.85
N TYR D 357 0.53 -27.48 1.72
CA TYR D 357 0.46 -26.58 2.86
C TYR D 357 -0.87 -25.83 2.87
N PRO D 358 -1.25 -25.22 4.00
CA PRO D 358 -2.57 -24.60 4.10
C PRO D 358 -2.63 -23.13 3.73
N ILE D 359 -1.52 -22.50 3.35
CA ILE D 359 -1.51 -21.06 3.15
C ILE D 359 -2.41 -20.65 1.99
N GLU D 360 -2.45 -21.46 0.94
CA GLU D 360 -3.32 -21.16 -0.20
C GLU D 360 -4.78 -21.21 0.21
N ARG D 361 -5.15 -22.18 1.06
CA ARG D 361 -6.51 -22.23 1.60
C ARG D 361 -6.79 -21.00 2.45
N MET D 362 -5.81 -20.57 3.26
CA MET D 362 -6.00 -19.40 4.10
C MET D 362 -6.19 -18.14 3.27
N MET D 363 -5.41 -18.00 2.20
CA MET D 363 -5.56 -16.83 1.33
C MET D 363 -6.94 -16.83 0.68
N ARG D 364 -7.41 -17.98 0.20
CA ARG D 364 -8.75 -18.06 -0.36
C ARG D 364 -9.81 -17.78 0.71
N ASP D 365 -9.60 -18.28 1.93
CA ASP D 365 -10.56 -18.02 2.99
C ASP D 365 -10.54 -16.54 3.42
N ALA D 366 -9.34 -15.94 3.48
CA ALA D 366 -9.27 -14.55 3.93
C ALA D 366 -10.05 -13.61 3.04
N LYS D 367 -10.23 -13.95 1.76
CA LYS D 367 -10.91 -13.03 0.85
C LYS D 367 -12.38 -12.85 1.20
N ILE D 368 -13.00 -13.85 1.84
CA ILE D 368 -14.43 -13.72 2.12
C ILE D 368 -14.67 -12.72 3.25
N THR D 369 -13.74 -12.60 4.20
CA THR D 369 -13.98 -11.75 5.35
C THR D 369 -14.15 -10.29 4.94
N GLU D 370 -13.56 -9.87 3.83
CA GLU D 370 -13.82 -8.54 3.32
C GLU D 370 -15.23 -8.36 2.77
N ILE D 371 -16.01 -9.43 2.63
CA ILE D 371 -17.24 -9.30 1.85
C ILE D 371 -18.51 -9.63 2.63
N TYR D 372 -18.62 -10.87 3.13
CA TYR D 372 -19.90 -11.29 3.71
C TYR D 372 -20.16 -10.61 5.05
N GLU D 373 -21.45 -10.51 5.39
CA GLU D 373 -21.94 -9.84 6.59
C GLU D 373 -21.63 -8.34 6.56
N GLY D 374 -21.55 -7.77 5.38
CA GLY D 374 -21.24 -6.36 5.23
C GLY D 374 -19.87 -6.14 4.62
N THR D 375 -19.84 -5.76 3.35
CA THR D 375 -18.58 -5.48 2.67
C THR D 375 -17.82 -4.37 3.40
N SER D 376 -16.51 -4.31 3.13
CA SER D 376 -15.68 -3.27 3.73
C SER D 376 -16.19 -1.88 3.36
N GLU D 377 -16.79 -1.74 2.18
CA GLU D 377 -17.38 -0.48 1.78
C GLU D 377 -18.59 -0.14 2.65
N VAL D 378 -19.35 -1.16 3.06
CA VAL D 378 -20.41 -0.95 4.05
C VAL D 378 -19.80 -0.49 5.38
N GLN D 379 -18.72 -1.15 5.81
CA GLN D 379 -18.08 -0.77 7.06
C GLN D 379 -17.67 0.70 7.05
N MET D 380 -17.03 1.14 5.95
CA MET D 380 -16.63 2.53 5.84
C MET D 380 -17.83 3.47 5.85
N MET D 381 -18.96 3.05 5.26
CA MET D 381 -20.17 3.85 5.35
C MET D 381 -20.61 4.03 6.80
N VAL D 382 -20.55 2.95 7.59
CA VAL D 382 -20.87 3.06 9.01
C VAL D 382 -19.92 4.02 9.72
N ILE D 383 -18.62 3.91 9.43
CA ILE D 383 -17.63 4.65 10.18
C ILE D 383 -17.66 6.14 9.81
N SER D 384 -17.80 6.44 8.52
CA SER D 384 -17.82 7.84 8.10
C SER D 384 -19.12 8.53 8.51
N GLY D 385 -20.24 7.79 8.51
CA GLY D 385 -21.49 8.37 8.98
C GLY D 385 -21.40 8.84 10.42
N ALA D 386 -20.81 8.03 11.29
CA ALA D 386 -20.61 8.44 12.68
C ALA D 386 -19.62 9.59 12.78
N LEU D 387 -18.57 9.57 11.97
CA LEU D 387 -17.52 10.58 12.08
C LEU D 387 -17.99 11.93 11.54
N LEU D 388 -18.69 11.94 10.42
CA LEU D 388 -19.16 13.18 9.80
C LEU D 388 -20.45 13.69 10.41
N LYS D 389 -21.01 13.01 11.40
CA LYS D 389 -22.25 13.46 12.03
C LYS D 389 -21.95 14.54 13.06
#